data_5ZIG
#
_entry.id   5ZIG
#
_cell.length_a   67.530
_cell.length_b   205.164
_cell.length_c   67.723
_cell.angle_alpha   90.00
_cell.angle_beta   104.26
_cell.angle_gamma   90.00
#
_symmetry.space_group_name_H-M   'P 1 21 1'
#
loop_
_entity.id
_entity.type
_entity.pdbx_description
1 polymer 'Cellobiose 2-epimerase'
2 non-polymer 1,2-ETHANEDIOL
3 water water
#
_entity_poly.entity_id   1
_entity_poly.type   'polypeptide(L)'
_entity_poly.pdbx_seq_one_letter_code
;MPLPTTLRPTLRQIRSELAAQLFDHILPFWLGQQDPIHGGFYGSITTGPDPTAPKGLVMTARHLWTFSQAFLSRPNPAYL
EAAGNAYRFLTHALYDATHRGFFWSVHPDGTPLSRVKKLYGNAFAVYALAAYHTASGDREALTLAWETFDLLEDRGRDRR
HGGYYEAFTEDWSTPLPEPLGEGETPAPKTMNTHLHILEAYSTLFRTTKEPRVREAMEHLILIFRTHIAPSSHLGLYFAE
DWAPMGGGISFGHDIEATWLLTESVELLYGDPLPEWFLSWIRPVMEETARALDTHGGSLPNEQREDGSVDRARVWWVQAE
AFVGFLNAYSLFEEPRYLDHACTVWRFIMDHLVDREGGEWFWAVTPEGSPLAGYEKGGMWKASYHNSRACLEGMRRIDTI
LEEE
;
_entity_poly.pdbx_strand_id   A,B,C,D
#
loop_
_chem_comp.id
_chem_comp.type
_chem_comp.name
_chem_comp.formula
EDO non-polymer 1,2-ETHANEDIOL 'C2 H6 O2'
#
# COMPACT_ATOMS: atom_id res chain seq x y z
N MET A 1 -16.21 -31.98 -16.75
CA MET A 1 -17.36 -32.71 -16.20
C MET A 1 -17.72 -32.19 -14.82
N PRO A 2 -19.00 -32.23 -14.48
CA PRO A 2 -19.44 -31.66 -13.20
C PRO A 2 -18.94 -32.50 -12.02
N LEU A 3 -18.90 -31.86 -10.87
CA LEU A 3 -18.38 -32.50 -9.66
C LEU A 3 -19.33 -33.60 -9.19
N PRO A 4 -18.83 -34.79 -8.85
CA PRO A 4 -19.70 -35.85 -8.32
C PRO A 4 -20.42 -35.38 -7.06
N THR A 5 -21.75 -35.32 -7.13
CA THR A 5 -22.53 -34.73 -6.05
C THR A 5 -22.33 -35.44 -4.72
N THR A 6 -21.93 -36.71 -4.75
CA THR A 6 -21.69 -37.47 -3.53
C THR A 6 -20.53 -36.88 -2.73
N LEU A 7 -19.66 -36.11 -3.35
CA LEU A 7 -18.59 -35.45 -2.62
C LEU A 7 -19.09 -34.24 -1.84
N ARG A 8 -20.29 -33.74 -2.16
CA ARG A 8 -20.71 -32.45 -1.59
C ARG A 8 -20.98 -32.55 -0.09
N PRO A 9 -21.76 -33.51 0.42
CA PRO A 9 -21.90 -33.59 1.87
C PRO A 9 -20.58 -33.93 2.59
N THR A 10 -19.70 -34.72 1.99
CA THR A 10 -18.40 -35.00 2.58
C THR A 10 -17.57 -33.72 2.73
N LEU A 11 -17.56 -32.87 1.70
CA LEU A 11 -16.77 -31.64 1.77
C LEU A 11 -17.34 -30.69 2.81
N ARG A 12 -18.67 -30.57 2.88
CA ARG A 12 -19.28 -29.72 3.90
C ARG A 12 -18.93 -30.22 5.29
N GLN A 13 -18.89 -31.53 5.46
CA GLN A 13 -18.49 -32.09 6.74
C GLN A 13 -17.05 -31.69 7.08
N ILE A 14 -16.13 -31.88 6.13
CA ILE A 14 -14.71 -31.63 6.41
C ILE A 14 -14.47 -30.14 6.68
N ARG A 15 -15.14 -29.28 5.92
CA ARG A 15 -15.05 -27.85 6.16
C ARG A 15 -15.33 -27.52 7.62
N SER A 16 -16.40 -28.11 8.18
CA SER A 16 -16.77 -27.80 9.55
C SER A 16 -15.74 -28.34 10.54
N GLU A 17 -15.16 -29.51 10.27
CA GLU A 17 -14.11 -30.05 11.16
C GLU A 17 -12.84 -29.20 11.07
N LEU A 18 -12.52 -28.72 9.86
CA LEU A 18 -11.40 -27.80 9.71
C LEU A 18 -11.58 -26.59 10.62
N ALA A 19 -12.79 -26.05 10.67
CA ALA A 19 -13.04 -24.85 11.48
C ALA A 19 -12.99 -25.17 12.97
N ALA A 20 -13.56 -26.31 13.38
CA ALA A 20 -13.53 -26.70 14.78
C ALA A 20 -12.10 -26.98 15.24
N GLN A 21 -11.35 -27.72 14.42
CA GLN A 21 -9.96 -28.01 14.74
C GLN A 21 -9.16 -26.72 14.95
N LEU A 22 -9.18 -25.82 13.95
CA LEU A 22 -8.48 -24.53 14.07
C LEU A 22 -8.89 -23.78 15.33
N PHE A 23 -10.19 -23.47 15.46
CA PHE A 23 -10.58 -22.50 16.47
C PHE A 23 -10.90 -23.11 17.83
N ASP A 24 -11.23 -24.41 17.90
CA ASP A 24 -11.57 -25.00 19.18
C ASP A 24 -10.48 -25.91 19.74
N HIS A 25 -9.58 -26.41 18.89
CA HIS A 25 -8.55 -27.35 19.31
C HIS A 25 -7.15 -26.77 19.16
N ILE A 26 -6.74 -26.36 17.97
CA ILE A 26 -5.34 -25.98 17.74
C ILE A 26 -5.04 -24.66 18.44
N LEU A 27 -5.73 -23.58 18.04
CA LEU A 27 -5.44 -22.26 18.61
C LEU A 27 -5.57 -22.22 20.14
N PRO A 28 -6.60 -22.79 20.77
CA PRO A 28 -6.66 -22.71 22.24
C PRO A 28 -5.48 -23.37 22.93
N PHE A 29 -4.92 -24.42 22.35
CA PHE A 29 -3.78 -25.06 22.98
C PHE A 29 -2.57 -24.13 22.93
N TRP A 30 -2.31 -23.48 21.80
CA TRP A 30 -1.14 -22.63 21.71
C TRP A 30 -1.32 -21.34 22.49
N LEU A 31 -2.55 -20.81 22.52
CA LEU A 31 -2.83 -19.62 23.31
C LEU A 31 -2.43 -19.82 24.76
N GLY A 32 -2.55 -21.05 25.27
CA GLY A 32 -2.14 -21.35 26.62
C GLY A 32 -0.67 -21.66 26.80
N GLN A 33 0.19 -21.36 25.81
CA GLN A 33 1.60 -21.69 25.89
C GLN A 33 2.50 -20.46 25.72
N GLN A 34 1.98 -19.27 25.99
CA GLN A 34 2.75 -18.05 25.99
C GLN A 34 3.46 -17.88 27.34
N ASP A 35 4.72 -17.47 27.30
CA ASP A 35 5.57 -17.19 28.45
C ASP A 35 5.24 -15.83 29.06
N PRO A 36 4.67 -15.80 30.27
CA PRO A 36 4.31 -14.52 30.89
C PRO A 36 5.45 -13.79 31.59
N ILE A 37 6.62 -14.41 31.70
CA ILE A 37 7.79 -13.74 32.29
C ILE A 37 8.65 -13.13 31.21
N HIS A 38 9.03 -13.94 30.22
CA HIS A 38 9.97 -13.53 29.19
C HIS A 38 9.29 -13.11 27.89
N GLY A 39 8.04 -13.48 27.66
CA GLY A 39 7.42 -13.23 26.38
C GLY A 39 7.68 -14.34 25.38
N GLY A 40 7.05 -14.21 24.21
CA GLY A 40 7.10 -15.33 23.28
C GLY A 40 6.34 -16.53 23.84
N PHE A 41 6.63 -17.69 23.27
CA PHE A 41 6.00 -18.96 23.61
C PHE A 41 7.05 -19.95 24.11
N TYR A 42 6.62 -20.89 24.95
CA TYR A 42 7.56 -21.85 25.54
C TYR A 42 8.28 -22.63 24.45
N GLY A 43 9.53 -22.98 24.74
CA GLY A 43 10.43 -23.53 23.74
C GLY A 43 10.30 -25.01 23.51
N SER A 44 9.77 -25.75 24.48
CA SER A 44 9.57 -27.19 24.34
C SER A 44 8.37 -27.65 25.16
N ILE A 45 7.49 -28.46 24.56
CA ILE A 45 6.28 -28.97 25.21
C ILE A 45 6.15 -30.46 24.94
N THR A 46 5.99 -31.24 26.02
CA THR A 46 5.62 -32.65 25.89
C THR A 46 4.29 -32.82 26.62
N THR A 47 4.31 -33.35 27.85
CA THR A 47 3.12 -33.38 28.71
C THR A 47 2.78 -31.99 29.22
N GLY A 48 3.78 -31.13 29.34
CA GLY A 48 3.59 -29.74 29.72
C GLY A 48 4.78 -28.96 29.20
N PRO A 49 4.76 -27.64 29.33
CA PRO A 49 5.88 -26.84 28.83
C PRO A 49 7.09 -26.91 29.75
N ASP A 50 8.26 -26.86 29.14
CA ASP A 50 9.49 -26.70 29.89
C ASP A 50 9.92 -25.26 29.68
N PRO A 51 9.78 -24.38 30.66
CA PRO A 51 10.21 -22.98 30.50
C PRO A 51 11.71 -22.76 30.60
N THR A 52 12.52 -23.81 30.73
CA THR A 52 13.96 -23.66 30.60
C THR A 52 14.43 -23.89 29.17
N ALA A 53 13.54 -24.38 28.30
CA ALA A 53 13.96 -24.74 26.96
C ALA A 53 14.25 -23.49 26.15
N PRO A 54 15.23 -23.55 25.25
CA PRO A 54 15.45 -22.44 24.33
C PRO A 54 14.30 -22.32 23.32
N LYS A 55 14.12 -21.09 22.83
CA LYS A 55 13.08 -20.72 21.89
C LYS A 55 13.67 -20.49 20.50
N GLY A 56 13.12 -21.21 19.52
CA GLY A 56 13.65 -21.18 18.18
C GLY A 56 13.11 -20.03 17.35
N LEU A 57 13.91 -19.62 16.38
CA LEU A 57 13.48 -18.62 15.42
C LEU A 57 12.27 -19.12 14.61
N VAL A 58 12.40 -20.32 14.02
CA VAL A 58 11.31 -20.92 13.23
C VAL A 58 10.02 -21.00 14.04
N MET A 59 10.09 -21.59 15.24
CA MET A 59 8.88 -21.79 16.03
C MET A 59 8.22 -20.47 16.39
N THR A 60 9.03 -19.47 16.79
CA THR A 60 8.47 -18.17 17.15
C THR A 60 7.83 -17.48 15.94
N ALA A 61 8.48 -17.57 14.77
CA ALA A 61 7.91 -16.97 13.56
C ALA A 61 6.66 -17.72 13.11
N ARG A 62 6.65 -19.04 13.24
CA ARG A 62 5.44 -19.82 12.91
C ARG A 62 4.26 -19.39 13.78
N HIS A 63 4.48 -19.17 15.08
CA HIS A 63 3.40 -18.69 15.94
C HIS A 63 2.97 -17.28 15.55
N LEU A 64 3.92 -16.41 15.19
CA LEU A 64 3.55 -15.11 14.67
C LEU A 64 2.68 -15.23 13.44
N TRP A 65 3.08 -16.06 12.47
CA TRP A 65 2.29 -16.25 11.26
C TRP A 65 0.92 -16.81 11.60
N THR A 66 0.88 -17.82 12.46
CA THR A 66 -0.38 -18.48 12.76
C THR A 66 -1.39 -17.49 13.34
N PHE A 67 -0.99 -16.70 14.35
CA PHE A 67 -1.95 -15.84 15.02
C PHE A 67 -2.30 -14.59 14.22
N SER A 68 -1.43 -14.15 13.32
CA SER A 68 -1.80 -13.13 12.35
C SER A 68 -2.95 -13.60 11.46
N GLN A 69 -2.79 -14.81 10.88
CA GLN A 69 -3.78 -15.35 9.96
C GLN A 69 -5.09 -15.65 10.66
N ALA A 70 -5.01 -16.09 11.94
CA ALA A 70 -6.21 -16.39 12.70
C ALA A 70 -6.99 -15.12 13.04
N PHE A 71 -6.27 -14.03 13.35
CA PHE A 71 -6.98 -12.76 13.59
C PHE A 71 -7.61 -12.23 12.31
N LEU A 72 -6.96 -12.47 11.16
CA LEU A 72 -7.54 -12.08 9.87
C LEU A 72 -8.78 -12.92 9.55
N SER A 73 -8.75 -14.23 9.83
CA SER A 73 -9.92 -15.07 9.56
C SER A 73 -11.04 -14.84 10.56
N ARG A 74 -10.72 -14.47 11.79
CA ARG A 74 -11.69 -14.24 12.85
C ARG A 74 -11.07 -13.29 13.88
N PRO A 75 -11.55 -12.05 13.98
CA PRO A 75 -10.81 -11.00 14.70
C PRO A 75 -10.99 -11.04 16.21
N ASN A 76 -10.67 -12.19 16.80
CA ASN A 76 -10.65 -12.29 18.25
C ASN A 76 -9.47 -11.49 18.82
N PRO A 77 -9.68 -10.67 19.85
CA PRO A 77 -8.54 -9.97 20.47
C PRO A 77 -7.42 -10.90 20.92
N ALA A 78 -7.74 -12.08 21.46
CA ALA A 78 -6.69 -12.97 21.94
C ALA A 78 -5.66 -13.26 20.85
N TYR A 79 -6.10 -13.41 19.59
CA TYR A 79 -5.19 -13.76 18.50
C TYR A 79 -4.24 -12.61 18.16
N LEU A 80 -4.77 -11.40 18.05
CA LEU A 80 -3.90 -10.27 17.81
C LEU A 80 -2.91 -10.12 18.96
N GLU A 81 -3.40 -10.28 20.19
CA GLU A 81 -2.53 -10.21 21.37
C GLU A 81 -1.41 -11.24 21.31
N ALA A 82 -1.75 -12.50 21.04
CA ALA A 82 -0.73 -13.52 20.90
C ALA A 82 0.22 -13.18 19.76
N ALA A 83 -0.32 -12.70 18.64
CA ALA A 83 0.54 -12.27 17.54
C ALA A 83 1.49 -11.17 18.02
N GLY A 84 0.96 -10.14 18.68
CA GLY A 84 1.82 -9.10 19.23
C GLY A 84 2.86 -9.66 20.17
N ASN A 85 2.48 -10.66 20.98
CA ASN A 85 3.45 -11.30 21.87
C ASN A 85 4.56 -11.95 21.07
N ALA A 86 4.17 -12.73 20.06
CA ALA A 86 5.19 -13.38 19.24
C ALA A 86 6.01 -12.36 18.48
N TYR A 87 5.41 -11.23 18.12
CA TYR A 87 6.13 -10.23 17.35
C TYR A 87 7.19 -9.53 18.21
N ARG A 88 6.80 -9.07 19.40
N ARG A 88 6.79 -9.06 19.40
CA ARG A 88 7.76 -8.38 20.28
CA ARG A 88 7.73 -8.40 20.29
C ARG A 88 8.93 -9.28 20.63
C ARG A 88 8.93 -9.28 20.62
N PHE A 89 8.68 -10.58 20.85
CA PHE A 89 9.78 -11.49 21.13
C PHE A 89 10.63 -11.73 19.90
N LEU A 90 10.01 -11.80 18.72
CA LEU A 90 10.77 -11.91 17.49
C LEU A 90 11.69 -10.71 17.29
N THR A 91 11.21 -9.52 17.60
CA THR A 91 11.95 -8.33 17.20
C THR A 91 12.82 -7.75 18.31
N HIS A 92 12.68 -8.21 19.55
CA HIS A 92 13.50 -7.76 20.67
C HIS A 92 14.46 -8.81 21.17
N ALA A 93 14.20 -10.10 20.92
CA ALA A 93 15.10 -11.16 21.32
C ALA A 93 15.79 -11.82 20.12
N LEU A 94 15.03 -12.33 19.16
CA LEU A 94 15.64 -13.06 18.04
C LEU A 94 16.31 -12.12 17.03
N TYR A 95 15.92 -10.85 17.00
CA TYR A 95 16.50 -9.91 16.06
C TYR A 95 17.94 -9.51 16.49
N ASP A 96 18.86 -9.54 15.53
CA ASP A 96 20.25 -9.15 15.74
C ASP A 96 20.33 -7.65 15.44
N ALA A 97 20.27 -6.82 16.50
CA ALA A 97 20.27 -5.38 16.30
C ALA A 97 21.60 -4.86 15.76
N THR A 98 22.67 -5.67 15.82
CA THR A 98 23.97 -5.26 15.32
C THR A 98 24.14 -5.61 13.85
N HIS A 99 24.04 -6.90 13.53
CA HIS A 99 24.32 -7.35 12.16
C HIS A 99 23.07 -7.61 11.35
N ARG A 100 21.89 -7.35 11.91
CA ARG A 100 20.59 -7.53 11.26
C ARG A 100 20.28 -9.01 10.99
N GLY A 101 19.13 -9.28 10.40
CA GLY A 101 18.62 -10.64 10.35
C GLY A 101 18.28 -11.13 11.77
N PHE A 102 17.97 -12.42 11.85
CA PHE A 102 17.47 -13.01 13.08
C PHE A 102 18.35 -14.18 13.50
N PHE A 103 18.67 -14.23 14.80
CA PHE A 103 19.37 -15.38 15.38
C PHE A 103 18.54 -16.66 15.26
N TRP A 104 19.24 -17.79 15.24
CA TRP A 104 18.60 -19.10 15.13
C TRP A 104 17.83 -19.48 16.41
N SER A 105 18.40 -19.17 17.57
CA SER A 105 17.71 -19.51 18.81
C SER A 105 18.21 -18.57 19.90
N VAL A 106 17.38 -18.38 20.90
CA VAL A 106 17.76 -17.64 22.09
C VAL A 106 17.35 -18.42 23.33
N HIS A 107 17.88 -17.98 24.47
CA HIS A 107 17.50 -18.53 25.75
C HIS A 107 16.10 -18.09 26.13
N PRO A 108 15.45 -18.82 27.07
CA PRO A 108 14.14 -18.37 27.59
C PRO A 108 14.00 -16.85 27.72
N ASP A 109 14.95 -16.18 28.37
CA ASP A 109 14.88 -14.72 28.57
C ASP A 109 15.23 -13.93 27.32
N GLY A 110 15.57 -14.58 26.21
CA GLY A 110 15.87 -13.88 24.99
C GLY A 110 17.34 -13.63 24.73
N THR A 111 18.22 -14.00 25.65
CA THR A 111 19.65 -13.94 25.39
C THR A 111 19.99 -14.80 24.17
N PRO A 112 20.76 -14.28 23.21
CA PRO A 112 21.09 -15.11 22.04
C PRO A 112 21.71 -16.43 22.47
N LEU A 113 21.22 -17.52 21.87
CA LEU A 113 21.85 -18.83 22.04
C LEU A 113 22.67 -19.13 20.78
N SER A 114 22.03 -19.68 19.75
CA SER A 114 22.71 -19.90 18.47
C SER A 114 22.60 -18.63 17.63
N ARG A 115 23.73 -18.00 17.36
CA ARG A 115 23.77 -16.72 16.67
C ARG A 115 23.91 -16.86 15.16
N VAL A 116 24.00 -18.08 14.64
N VAL A 116 24.01 -18.08 14.65
CA VAL A 116 24.11 -18.24 13.19
CA VAL A 116 24.09 -18.29 13.20
C VAL A 116 22.81 -17.81 12.51
C VAL A 116 22.80 -17.83 12.51
N LYS A 117 22.95 -17.29 11.30
CA LYS A 117 21.83 -16.80 10.48
C LYS A 117 21.49 -17.85 9.43
N LYS A 118 20.48 -18.66 9.70
CA LYS A 118 20.01 -19.63 8.73
C LYS A 118 18.96 -18.97 7.84
N LEU A 119 19.16 -19.06 6.53
CA LEU A 119 18.20 -18.48 5.60
C LEU A 119 16.82 -19.12 5.79
N TYR A 120 16.79 -20.41 6.10
CA TYR A 120 15.52 -21.07 6.41
C TYR A 120 14.75 -20.29 7.45
N GLY A 121 15.38 -19.97 8.57
CA GLY A 121 14.70 -19.23 9.61
C GLY A 121 14.43 -17.77 9.28
N ASN A 122 15.41 -17.12 8.65
CA ASN A 122 15.18 -15.75 8.23
C ASN A 122 14.07 -15.66 7.18
N ALA A 123 13.93 -16.69 6.33
CA ALA A 123 12.78 -16.78 5.43
C ALA A 123 11.47 -16.77 6.21
N PHE A 124 11.32 -17.72 7.14
CA PHE A 124 10.10 -17.76 7.95
C PHE A 124 9.82 -16.43 8.64
N ALA A 125 10.86 -15.71 9.06
CA ALA A 125 10.63 -14.40 9.66
C ALA A 125 9.98 -13.46 8.66
N VAL A 126 10.49 -13.44 7.43
CA VAL A 126 9.88 -12.58 6.41
C VAL A 126 8.41 -12.98 6.22
N TYR A 127 8.18 -14.28 5.99
CA TYR A 127 6.83 -14.85 5.87
C TYR A 127 5.91 -14.38 6.98
N ALA A 128 6.35 -14.52 8.23
CA ALA A 128 5.51 -14.17 9.37
C ALA A 128 5.38 -12.67 9.58
N LEU A 129 6.40 -11.88 9.25
CA LEU A 129 6.31 -10.44 9.43
C LEU A 129 5.35 -9.81 8.43
N ALA A 130 5.30 -10.36 7.21
CA ALA A 130 4.33 -9.90 6.23
C ALA A 130 2.92 -10.20 6.69
N ALA A 131 2.70 -11.41 7.23
CA ALA A 131 1.39 -11.75 7.77
C ALA A 131 1.01 -10.81 8.91
N TYR A 132 1.97 -10.52 9.79
CA TYR A 132 1.70 -9.64 10.92
C TYR A 132 1.35 -8.24 10.45
N HIS A 133 2.05 -7.74 9.44
CA HIS A 133 1.75 -6.42 8.92
C HIS A 133 0.31 -6.34 8.42
N THR A 134 -0.10 -7.33 7.61
CA THR A 134 -1.48 -7.41 7.13
C THR A 134 -2.47 -7.44 8.29
N ALA A 135 -2.21 -8.25 9.32
CA ALA A 135 -3.23 -8.42 10.36
C ALA A 135 -3.26 -7.26 11.34
N SER A 136 -2.12 -6.62 11.61
CA SER A 136 -2.06 -5.58 12.63
C SER A 136 -1.91 -4.18 12.06
N GLY A 137 -1.62 -4.04 10.76
CA GLY A 137 -1.27 -2.73 10.25
C GLY A 137 0.08 -2.20 10.65
N ASP A 138 0.89 -2.97 11.41
CA ASP A 138 2.14 -2.48 11.97
C ASP A 138 3.17 -2.22 10.87
N ARG A 139 3.55 -0.96 10.70
CA ARG A 139 4.45 -0.58 9.60
C ARG A 139 5.88 -1.05 9.86
N GLU A 140 6.33 -1.09 11.12
CA GLU A 140 7.70 -1.49 11.39
C GLU A 140 7.95 -2.96 11.02
N ALA A 141 6.94 -3.81 11.19
CA ALA A 141 7.07 -5.22 10.82
C ALA A 141 7.37 -5.39 9.33
N LEU A 142 6.72 -4.59 8.48
CA LEU A 142 7.01 -4.68 7.04
C LEU A 142 8.41 -4.14 6.73
N THR A 143 8.83 -3.08 7.40
CA THR A 143 10.19 -2.59 7.19
C THR A 143 11.22 -3.66 7.56
N LEU A 144 10.96 -4.39 8.65
CA LEU A 144 11.88 -5.47 9.04
C LEU A 144 11.87 -6.60 8.04
N ALA A 145 10.70 -6.96 7.50
CA ALA A 145 10.68 -7.99 6.48
C ALA A 145 11.51 -7.54 5.27
N TRP A 146 11.48 -6.25 4.96
CA TRP A 146 12.21 -5.72 3.81
C TRP A 146 13.71 -5.74 4.04
N GLU A 147 14.13 -5.38 5.25
CA GLU A 147 15.54 -5.47 5.62
C GLU A 147 16.04 -6.91 5.47
N THR A 148 15.24 -7.88 5.91
CA THR A 148 15.69 -9.27 5.89
C THR A 148 15.75 -9.80 4.46
N PHE A 149 14.67 -9.55 3.67
CA PHE A 149 14.71 -9.78 2.22
C PHE A 149 15.99 -9.24 1.60
N ASP A 150 16.33 -7.99 1.91
CA ASP A 150 17.54 -7.42 1.31
C ASP A 150 18.77 -8.23 1.68
N LEU A 151 18.81 -8.78 2.89
CA LEU A 151 19.97 -9.59 3.29
C LEU A 151 20.00 -10.90 2.52
N LEU A 152 18.84 -11.57 2.45
CA LEU A 152 18.71 -12.78 1.68
C LEU A 152 19.19 -12.60 0.23
N GLU A 153 18.87 -11.46 -0.37
CA GLU A 153 19.31 -11.22 -1.74
C GLU A 153 20.77 -10.76 -1.76
N ASP A 154 21.12 -9.82 -0.88
CA ASP A 154 22.46 -9.23 -0.99
C ASP A 154 23.55 -10.18 -0.47
N ARG A 155 23.32 -10.84 0.66
CA ARG A 155 24.28 -11.80 1.18
C ARG A 155 23.95 -13.25 0.86
N GLY A 156 22.67 -13.60 0.77
CA GLY A 156 22.31 -15.01 0.63
C GLY A 156 22.45 -15.56 -0.77
N ARG A 157 22.25 -14.73 -1.79
CA ARG A 157 22.22 -15.24 -3.16
C ARG A 157 23.62 -15.62 -3.63
N ASP A 158 23.72 -16.83 -4.16
CA ASP A 158 24.88 -17.26 -4.94
C ASP A 158 24.65 -16.71 -6.34
N ARG A 159 25.34 -15.62 -6.67
N ARG A 159 25.35 -15.62 -6.67
CA ARG A 159 25.16 -14.98 -7.97
CA ARG A 159 25.15 -14.99 -7.97
C ARG A 159 25.86 -15.74 -9.09
C ARG A 159 25.91 -15.68 -9.09
N ARG A 160 26.82 -16.60 -8.76
CA ARG A 160 27.50 -17.39 -9.79
C ARG A 160 26.63 -18.54 -10.27
N HIS A 161 26.10 -19.36 -9.34
CA HIS A 161 25.40 -20.58 -9.69
C HIS A 161 23.91 -20.53 -9.43
N GLY A 162 23.37 -19.41 -8.94
CA GLY A 162 21.95 -19.30 -8.66
C GLY A 162 21.62 -19.85 -7.29
N GLY A 163 20.40 -19.58 -6.82
CA GLY A 163 19.98 -20.11 -5.53
C GLY A 163 20.66 -19.37 -4.38
N TYR A 164 20.57 -19.96 -3.18
CA TYR A 164 20.95 -19.35 -1.92
C TYR A 164 21.82 -20.30 -1.10
N TYR A 165 22.87 -19.74 -0.49
CA TYR A 165 23.61 -20.49 0.52
C TYR A 165 22.70 -20.83 1.69
N GLU A 166 22.98 -21.97 2.33
CA GLU A 166 22.12 -22.44 3.41
C GLU A 166 22.13 -21.49 4.59
N ALA A 167 23.30 -21.01 5.00
CA ALA A 167 23.41 -20.31 6.27
C ALA A 167 24.69 -19.46 6.26
N PHE A 168 24.74 -18.51 7.20
CA PHE A 168 25.87 -17.62 7.33
C PHE A 168 26.23 -17.45 8.80
N THR A 169 27.49 -17.06 9.03
CA THR A 169 27.96 -16.63 10.33
C THR A 169 27.18 -15.40 10.79
N GLU A 170 27.34 -15.08 12.07
CA GLU A 170 26.54 -14.02 12.68
C GLU A 170 26.62 -12.72 11.88
N ASP A 171 27.84 -12.33 11.47
CA ASP A 171 28.06 -11.07 10.74
C ASP A 171 27.69 -11.15 9.26
N TRP A 172 27.13 -12.28 8.81
CA TRP A 172 26.69 -12.53 7.44
C TRP A 172 27.85 -12.54 6.43
N SER A 173 29.07 -12.82 6.91
CA SER A 173 30.25 -12.75 6.05
C SER A 173 30.60 -14.07 5.39
N THR A 174 30.37 -15.19 6.09
CA THR A 174 30.90 -16.50 5.72
C THR A 174 29.76 -17.49 5.54
N PRO A 175 29.53 -18.02 4.34
CA PRO A 175 28.48 -19.03 4.20
C PRO A 175 28.83 -20.30 4.95
N LEU A 176 27.82 -20.92 5.54
CA LEU A 176 27.92 -22.18 6.24
C LEU A 176 27.02 -23.21 5.55
N PRO A 177 27.49 -24.43 5.32
CA PRO A 177 26.66 -25.44 4.66
C PRO A 177 25.83 -26.24 5.66
N GLU A 178 24.92 -27.05 5.12
CA GLU A 178 24.00 -27.80 5.96
C GLU A 178 24.62 -29.12 6.38
N PRO A 179 24.70 -29.41 7.66
CA PRO A 179 25.33 -30.64 8.09
C PRO A 179 24.48 -31.86 7.86
N LEU A 180 25.06 -32.91 7.32
CA LEU A 180 24.36 -34.13 7.03
C LEU A 180 24.80 -35.20 8.00
N GLY A 181 25.03 -36.40 7.51
CA GLY A 181 25.39 -37.49 8.38
C GLY A 181 26.80 -37.45 8.82
N GLU A 182 27.06 -38.22 9.85
CA GLU A 182 28.35 -38.40 10.47
C GLU A 182 29.33 -38.70 9.38
N GLY A 183 30.35 -37.87 9.22
CA GLY A 183 31.37 -38.13 8.24
C GLY A 183 31.21 -37.70 6.79
N GLU A 184 30.02 -37.30 6.42
CA GLU A 184 29.81 -36.88 5.06
C GLU A 184 29.90 -35.40 4.84
N THR A 185 30.48 -35.05 3.71
CA THR A 185 30.65 -33.69 3.26
C THR A 185 29.33 -32.99 3.33
N PRO A 186 29.28 -31.92 4.09
CA PRO A 186 28.01 -31.20 4.28
C PRO A 186 27.57 -30.51 2.99
N ALA A 187 26.26 -30.31 2.87
CA ALA A 187 25.70 -29.78 1.63
C ALA A 187 25.62 -28.25 1.69
N PRO A 188 26.15 -27.54 0.71
CA PRO A 188 26.03 -26.06 0.74
C PRO A 188 24.63 -25.57 0.42
N LYS A 189 23.78 -26.38 -0.22
CA LYS A 189 22.42 -25.97 -0.54
C LYS A 189 21.43 -27.11 -0.27
N THR A 190 20.20 -26.75 0.13
CA THR A 190 19.13 -27.71 0.39
C THR A 190 17.84 -27.27 -0.29
N MET A 191 17.06 -28.25 -0.80
CA MET A 191 15.72 -27.96 -1.31
C MET A 191 14.87 -27.33 -0.24
N ASN A 192 15.04 -27.80 1.00
CA ASN A 192 14.18 -27.38 2.08
C ASN A 192 14.24 -25.87 2.28
N THR A 193 15.46 -25.33 2.36
CA THR A 193 15.62 -23.89 2.51
C THR A 193 15.14 -23.14 1.28
N HIS A 194 15.39 -23.69 0.09
CA HIS A 194 14.93 -23.00 -1.11
C HIS A 194 13.42 -22.93 -1.17
N LEU A 195 12.73 -24.00 -0.74
CA LEU A 195 11.28 -24.01 -0.80
C LEU A 195 10.69 -22.98 0.14
N HIS A 196 11.26 -22.81 1.32
CA HIS A 196 10.62 -21.88 2.24
C HIS A 196 10.99 -20.44 1.95
N ILE A 197 12.06 -20.21 1.20
CA ILE A 197 12.30 -18.86 0.71
C ILE A 197 11.26 -18.48 -0.34
N LEU A 198 11.01 -19.40 -1.27
CA LEU A 198 9.90 -19.21 -2.19
C LEU A 198 8.62 -18.91 -1.43
N GLU A 199 8.36 -19.69 -0.38
CA GLU A 199 7.12 -19.56 0.38
C GLU A 199 6.98 -18.16 0.96
N ALA A 200 8.05 -17.68 1.60
CA ALA A 200 8.09 -16.31 2.11
C ALA A 200 7.83 -15.29 1.02
N TYR A 201 8.47 -15.47 -0.13
CA TYR A 201 8.45 -14.42 -1.15
C TYR A 201 7.09 -14.30 -1.81
N SER A 202 6.45 -15.44 -2.12
CA SER A 202 5.07 -15.40 -2.59
C SER A 202 4.20 -14.50 -1.70
N THR A 203 4.34 -14.64 -0.39
CA THR A 203 3.54 -13.87 0.56
C THR A 203 4.02 -12.42 0.66
N LEU A 204 5.34 -12.19 0.61
CA LEU A 204 5.82 -10.80 0.58
C LEU A 204 5.36 -10.10 -0.70
N PHE A 205 5.35 -10.83 -1.82
CA PHE A 205 4.85 -10.26 -3.07
C PHE A 205 3.34 -10.04 -3.03
N ARG A 206 2.59 -10.98 -2.47
CA ARG A 206 1.15 -10.77 -2.30
C ARG A 206 0.89 -9.52 -1.47
N THR A 207 1.68 -9.31 -0.42
CA THR A 207 1.47 -8.19 0.50
C THR A 207 1.86 -6.85 -0.14
N THR A 208 2.86 -6.83 -1.03
CA THR A 208 3.44 -5.57 -1.50
C THR A 208 3.45 -5.39 -3.02
N LYS A 209 3.41 -6.46 -3.81
CA LYS A 209 3.47 -6.36 -5.27
C LYS A 209 4.75 -5.66 -5.73
N GLU A 210 5.79 -5.77 -4.93
CA GLU A 210 7.07 -5.18 -5.31
C GLU A 210 7.68 -6.07 -6.39
N PRO A 211 8.02 -5.52 -7.56
CA PRO A 211 8.55 -6.36 -8.65
C PRO A 211 9.86 -7.07 -8.31
N ARG A 212 10.65 -6.56 -7.37
CA ARG A 212 11.91 -7.23 -7.04
C ARG A 212 11.64 -8.57 -6.38
N VAL A 213 10.58 -8.66 -5.59
CA VAL A 213 10.18 -9.96 -5.07
C VAL A 213 9.77 -10.88 -6.21
N ARG A 214 8.97 -10.38 -7.17
CA ARG A 214 8.48 -11.25 -8.23
C ARG A 214 9.64 -11.80 -9.05
N GLU A 215 10.67 -10.96 -9.24
CA GLU A 215 11.85 -11.40 -9.98
C GLU A 215 12.61 -12.48 -9.23
N ALA A 216 12.77 -12.31 -7.91
CA ALA A 216 13.39 -13.38 -7.12
C ALA A 216 12.55 -14.66 -7.19
N MET A 217 11.22 -14.52 -7.22
CA MET A 217 10.33 -15.67 -7.39
C MET A 217 10.57 -16.39 -8.71
N GLU A 218 10.67 -15.64 -9.81
CA GLU A 218 11.04 -16.22 -11.10
C GLU A 218 12.33 -17.03 -10.97
N HIS A 219 13.39 -16.40 -10.45
CA HIS A 219 14.64 -17.11 -10.25
C HIS A 219 14.40 -18.44 -9.52
N LEU A 220 13.65 -18.39 -8.42
CA LEU A 220 13.40 -19.60 -7.61
C LEU A 220 12.68 -20.67 -8.42
N ILE A 221 11.72 -20.25 -9.26
CA ILE A 221 10.98 -21.23 -10.06
C ILE A 221 11.93 -21.95 -11.02
N LEU A 222 12.86 -21.22 -11.63
CA LEU A 222 13.82 -21.85 -12.53
C LEU A 222 14.75 -22.81 -11.80
N ILE A 223 15.11 -22.49 -10.55
CA ILE A 223 15.92 -23.41 -9.75
C ILE A 223 15.15 -24.71 -9.54
N PHE A 224 13.88 -24.59 -9.16
CA PHE A 224 13.05 -25.77 -8.94
C PHE A 224 12.82 -26.53 -10.23
N ARG A 225 12.52 -25.82 -11.33
CA ARG A 225 12.31 -26.50 -12.61
C ARG A 225 13.55 -27.25 -13.07
N THR A 226 14.74 -26.69 -12.82
CA THR A 226 15.94 -27.20 -13.45
C THR A 226 16.77 -28.07 -12.51
N HIS A 227 16.99 -27.63 -11.27
CA HIS A 227 17.90 -28.34 -10.38
C HIS A 227 17.18 -29.16 -9.32
N ILE A 228 16.14 -28.63 -8.68
CA ILE A 228 15.57 -29.28 -7.52
C ILE A 228 14.53 -30.32 -7.91
N ALA A 229 13.62 -29.97 -8.82
CA ALA A 229 12.50 -30.83 -9.20
C ALA A 229 12.46 -31.02 -10.71
N PRO A 230 13.52 -31.57 -11.32
CA PRO A 230 13.46 -31.77 -12.78
C PRO A 230 12.50 -32.86 -13.19
N SER A 231 12.46 -33.95 -12.44
CA SER A 231 11.64 -35.11 -12.75
C SER A 231 10.38 -35.08 -11.85
N SER A 232 10.09 -36.13 -11.08
CA SER A 232 8.85 -36.20 -10.31
C SER A 232 9.07 -36.22 -8.80
N HIS A 233 10.31 -36.12 -8.34
CA HIS A 233 10.60 -35.93 -6.93
C HIS A 233 11.58 -34.78 -6.77
N LEU A 234 11.47 -34.09 -5.63
CA LEU A 234 12.35 -32.99 -5.32
C LEU A 234 13.62 -33.55 -4.70
N GLY A 235 14.76 -33.30 -5.35
CA GLY A 235 16.02 -33.66 -4.76
C GLY A 235 16.21 -32.99 -3.40
N LEU A 236 16.98 -33.63 -2.54
CA LEU A 236 17.14 -33.09 -1.20
C LEU A 236 18.31 -32.11 -1.08
N TYR A 237 19.50 -32.53 -1.49
CA TYR A 237 20.74 -31.91 -1.09
C TYR A 237 21.63 -31.69 -2.31
N PHE A 238 22.28 -30.52 -2.36
CA PHE A 238 22.98 -30.12 -3.59
C PHE A 238 24.29 -29.39 -3.27
N ALA A 239 25.29 -29.64 -4.12
CA ALA A 239 26.55 -28.88 -4.07
C ALA A 239 26.31 -27.43 -4.49
N GLU A 240 27.37 -26.62 -4.40
CA GLU A 240 27.27 -25.23 -4.80
C GLU A 240 26.83 -25.10 -6.25
N ASP A 241 27.44 -25.89 -7.15
CA ASP A 241 27.07 -25.91 -8.56
C ASP A 241 25.84 -26.78 -8.85
N TRP A 242 25.06 -27.14 -7.82
CA TRP A 242 23.76 -27.82 -7.92
C TRP A 242 23.89 -29.30 -8.24
N ALA A 243 25.08 -29.86 -8.16
CA ALA A 243 25.20 -31.30 -8.26
C ALA A 243 24.44 -31.96 -7.12
N PRO A 244 23.71 -33.04 -7.39
CA PRO A 244 23.01 -33.76 -6.32
C PRO A 244 23.96 -34.35 -5.28
N MET A 245 23.62 -34.20 -4.01
CA MET A 245 24.37 -34.83 -2.94
C MET A 245 23.45 -35.78 -2.18
N GLY A 246 24.00 -36.94 -1.80
CA GLY A 246 23.21 -37.92 -1.07
C GLY A 246 22.02 -38.39 -1.89
N GLY A 247 20.91 -38.62 -1.22
CA GLY A 247 19.72 -39.03 -1.92
C GLY A 247 18.49 -38.97 -1.03
N GLY A 248 17.47 -39.71 -1.43
CA GLY A 248 16.27 -39.86 -0.63
C GLY A 248 15.13 -38.99 -1.11
N ILE A 249 13.95 -39.32 -0.61
CA ILE A 249 12.70 -38.66 -0.99
C ILE A 249 11.96 -38.28 0.27
N SER A 250 11.54 -37.01 0.36
CA SER A 250 10.63 -36.52 1.39
C SER A 250 9.23 -36.40 0.80
N PHE A 251 8.35 -37.34 1.14
CA PHE A 251 7.00 -37.34 0.57
C PHE A 251 6.25 -36.06 0.92
N GLY A 252 6.40 -35.59 2.17
CA GLY A 252 5.78 -34.33 2.55
C GLY A 252 6.31 -33.14 1.78
N HIS A 253 7.61 -33.10 1.52
CA HIS A 253 8.16 -31.96 0.78
C HIS A 253 7.72 -32.01 -0.69
N ASP A 254 7.63 -33.21 -1.26
CA ASP A 254 7.11 -33.34 -2.61
C ASP A 254 5.72 -32.73 -2.70
N ILE A 255 4.79 -33.21 -1.86
CA ILE A 255 3.41 -32.73 -1.94
C ILE A 255 3.36 -31.25 -1.58
N GLU A 256 4.10 -30.85 -0.52
CA GLU A 256 4.09 -29.43 -0.14
C GLU A 256 4.52 -28.54 -1.32
N ALA A 257 5.53 -28.97 -2.07
CA ALA A 257 6.05 -28.08 -3.11
C ALA A 257 5.02 -27.85 -4.21
N THR A 258 4.21 -28.87 -4.54
CA THR A 258 3.28 -28.72 -5.64
C THR A 258 2.34 -27.54 -5.41
N TRP A 259 1.84 -27.39 -4.18
CA TRP A 259 0.91 -26.27 -4.02
C TRP A 259 1.60 -24.96 -3.74
N LEU A 260 2.73 -24.96 -2.99
CA LEU A 260 3.53 -23.72 -2.87
C LEU A 260 4.03 -23.26 -4.23
N LEU A 261 4.45 -24.20 -5.08
CA LEU A 261 4.88 -23.83 -6.43
C LEU A 261 3.72 -23.23 -7.20
N THR A 262 2.53 -23.87 -7.11
CA THR A 262 1.33 -23.35 -7.73
C THR A 262 1.03 -21.92 -7.29
N GLU A 263 1.12 -21.64 -5.98
CA GLU A 263 0.84 -20.28 -5.52
C GLU A 263 1.73 -19.25 -6.20
N SER A 264 3.02 -19.55 -6.31
CA SER A 264 3.96 -18.57 -6.87
C SER A 264 3.71 -18.35 -8.36
N VAL A 265 3.48 -19.42 -9.12
CA VAL A 265 3.27 -19.30 -10.56
C VAL A 265 1.88 -18.71 -10.86
N GLU A 266 0.92 -18.89 -9.95
CA GLU A 266 -0.33 -18.16 -10.06
C GLU A 266 -0.13 -16.67 -9.78
N LEU A 267 0.64 -16.32 -8.75
CA LEU A 267 0.91 -14.91 -8.51
C LEU A 267 1.64 -14.27 -9.70
N LEU A 268 2.43 -15.06 -10.43
CA LEU A 268 3.19 -14.49 -11.54
C LEU A 268 2.34 -14.37 -12.80
N TYR A 269 1.59 -15.42 -13.16
CA TYR A 269 0.88 -15.45 -14.43
C TYR A 269 -0.63 -15.57 -14.31
N GLY A 270 -1.17 -15.62 -13.10
CA GLY A 270 -2.61 -15.70 -12.94
C GLY A 270 -3.19 -17.03 -13.35
N ASP A 271 -4.52 -17.05 -13.37
CA ASP A 271 -5.31 -18.25 -13.66
C ASP A 271 -5.96 -18.09 -15.03
N PRO A 272 -5.91 -19.11 -15.91
CA PRO A 272 -5.30 -20.43 -15.75
C PRO A 272 -3.78 -20.38 -15.79
N LEU A 273 -3.13 -21.34 -15.14
CA LEU A 273 -1.68 -21.36 -15.09
C LEU A 273 -1.11 -21.84 -16.42
N PRO A 274 0.20 -21.63 -16.66
CA PRO A 274 0.80 -22.11 -17.91
C PRO A 274 0.75 -23.62 -18.03
N GLU A 275 0.61 -24.08 -19.29
CA GLU A 275 0.57 -25.51 -19.55
C GLU A 275 1.89 -26.19 -19.20
N TRP A 276 3.02 -25.50 -19.41
CA TRP A 276 4.28 -26.10 -18.99
C TRP A 276 4.29 -26.38 -17.49
N PHE A 277 3.68 -25.51 -16.70
CA PHE A 277 3.63 -25.75 -15.26
C PHE A 277 2.74 -26.94 -14.92
N LEU A 278 1.53 -26.99 -15.49
CA LEU A 278 0.68 -28.16 -15.29
C LEU A 278 1.42 -29.44 -15.67
N SER A 279 1.98 -29.49 -16.88
CA SER A 279 2.69 -30.70 -17.32
C SER A 279 3.84 -31.04 -16.38
N TRP A 280 4.54 -30.03 -15.87
CA TRP A 280 5.63 -30.26 -14.94
C TRP A 280 5.13 -30.88 -13.64
N ILE A 281 4.11 -30.27 -13.04
CA ILE A 281 3.74 -30.60 -11.66
C ILE A 281 2.90 -31.87 -11.61
N ARG A 282 2.16 -32.18 -12.69
CA ARG A 282 1.21 -33.30 -12.66
C ARG A 282 1.87 -34.62 -12.28
N PRO A 283 3.00 -35.04 -12.86
CA PRO A 283 3.58 -36.31 -12.46
C PRO A 283 4.06 -36.34 -11.02
N VAL A 284 4.47 -35.21 -10.45
CA VAL A 284 4.79 -35.16 -9.03
C VAL A 284 3.56 -35.49 -8.21
N MET A 285 2.42 -34.91 -8.60
CA MET A 285 1.15 -35.17 -7.92
C MET A 285 0.70 -36.62 -8.09
N GLU A 286 0.82 -37.15 -9.32
CA GLU A 286 0.46 -38.54 -9.57
C GLU A 286 1.33 -39.50 -8.77
N GLU A 287 2.63 -39.21 -8.65
CA GLU A 287 3.50 -40.00 -7.79
C GLU A 287 3.02 -40.02 -6.34
N THR A 288 2.49 -38.87 -5.87
CA THR A 288 2.06 -38.77 -4.48
C THR A 288 0.76 -39.52 -4.24
N ALA A 289 -0.16 -39.47 -5.20
CA ALA A 289 -1.44 -40.16 -5.08
C ALA A 289 -1.27 -41.66 -5.18
N ARG A 290 -0.28 -42.13 -5.93
CA ARG A 290 0.02 -43.56 -5.96
C ARG A 290 0.74 -44.00 -4.70
N ALA A 291 1.61 -43.14 -4.13
CA ALA A 291 2.24 -43.47 -2.86
C ALA A 291 1.23 -43.56 -1.72
N LEU A 292 0.18 -42.73 -1.75
CA LEU A 292 -0.86 -42.83 -0.73
C LEU A 292 -1.62 -44.14 -0.86
N ASP A 293 -1.81 -44.60 -2.10
CA ASP A 293 -2.49 -45.86 -2.35
C ASP A 293 -1.63 -47.04 -1.93
N THR A 294 -0.38 -47.10 -2.39
CA THR A 294 0.55 -48.15 -1.95
C THR A 294 0.59 -48.24 -0.43
N HIS A 295 0.63 -47.10 0.25
CA HIS A 295 0.84 -47.06 1.69
C HIS A 295 -0.46 -46.96 2.48
N GLY A 296 -1.60 -47.22 1.84
CA GLY A 296 -2.83 -47.51 2.57
C GLY A 296 -3.59 -46.35 3.17
N GLY A 297 -3.50 -45.15 2.60
CA GLY A 297 -4.37 -44.05 2.99
C GLY A 297 -3.73 -42.94 3.81
N SER A 298 -2.42 -42.93 3.94
CA SER A 298 -1.69 -41.91 4.67
C SER A 298 -0.25 -41.96 4.19
N LEU A 299 0.51 -40.90 4.45
CA LEU A 299 1.80 -40.79 3.77
C LEU A 299 2.98 -41.12 4.66
N PRO A 300 3.88 -41.99 4.20
CA PRO A 300 5.11 -42.26 4.94
C PRO A 300 6.01 -41.02 4.98
N ASN A 301 7.00 -41.09 5.87
CA ASN A 301 7.76 -39.88 6.13
C ASN A 301 8.84 -39.66 5.07
N GLU A 302 9.65 -40.68 4.80
CA GLU A 302 10.65 -40.49 3.77
C GLU A 302 11.16 -41.84 3.27
N GLN A 303 11.71 -41.80 2.06
CA GLN A 303 12.52 -42.87 1.51
C GLN A 303 13.97 -42.52 1.79
N ARG A 304 14.65 -43.37 2.56
CA ARG A 304 16.06 -43.14 2.85
C ARG A 304 16.90 -43.33 1.59
N GLU A 305 18.15 -42.86 1.67
CA GLU A 305 19.05 -42.97 0.52
C GLU A 305 19.18 -44.42 0.06
N ASP A 306 19.06 -45.38 0.97
CA ASP A 306 19.24 -46.79 0.62
C ASP A 306 17.95 -47.49 0.20
N GLY A 307 16.85 -46.75 0.00
CA GLY A 307 15.61 -47.32 -0.47
C GLY A 307 14.61 -47.71 0.61
N SER A 308 15.07 -47.97 1.83
CA SER A 308 14.13 -48.22 2.92
C SER A 308 13.29 -46.98 3.18
N VAL A 309 12.16 -47.18 3.85
CA VAL A 309 11.16 -46.14 4.03
C VAL A 309 10.90 -45.95 5.52
N ASP A 310 10.95 -44.69 5.96
CA ASP A 310 10.47 -44.35 7.29
C ASP A 310 8.95 -44.25 7.19
N ARG A 311 8.25 -45.21 7.78
CA ARG A 311 6.81 -45.27 7.60
C ARG A 311 6.07 -44.55 8.70
N ALA A 312 6.79 -43.81 9.54
CA ALA A 312 6.14 -42.93 10.49
C ALA A 312 5.17 -42.00 9.77
N ARG A 313 4.01 -41.86 10.34
CA ARG A 313 3.01 -41.00 9.86
C ARG A 313 3.13 -39.74 10.69
N VAL A 314 3.82 -38.78 10.10
CA VAL A 314 4.14 -37.50 10.68
C VAL A 314 3.13 -36.39 10.38
N TRP A 315 2.76 -35.68 11.41
CA TRP A 315 1.78 -34.62 11.36
C TRP A 315 1.81 -33.64 10.14
N TRP A 316 2.95 -33.08 9.80
CA TRP A 316 3.05 -32.08 8.77
C TRP A 316 2.91 -32.66 7.41
N VAL A 317 3.37 -33.86 7.24
CA VAL A 317 3.32 -34.55 6.02
C VAL A 317 1.85 -34.80 5.61
N GLN A 318 1.02 -35.18 6.58
CA GLN A 318 -0.37 -35.47 6.35
C GLN A 318 -1.08 -34.18 6.05
N ALA A 319 -0.77 -33.18 6.85
CA ALA A 319 -1.33 -31.89 6.69
C ALA A 319 -1.05 -31.37 5.29
N GLU A 320 0.20 -31.44 4.87
CA GLU A 320 0.54 -30.92 3.56
C GLU A 320 -0.05 -31.76 2.44
N ALA A 321 -0.16 -33.06 2.66
CA ALA A 321 -0.81 -33.92 1.68
C ALA A 321 -2.27 -33.52 1.52
N PHE A 322 -2.92 -33.08 2.59
CA PHE A 322 -4.29 -32.58 2.50
C PHE A 322 -4.38 -31.34 1.58
N VAL A 323 -3.57 -30.30 1.86
CA VAL A 323 -3.62 -29.10 1.03
C VAL A 323 -3.22 -29.42 -0.39
N GLY A 324 -2.26 -30.33 -0.53
CA GLY A 324 -1.78 -30.67 -1.86
C GLY A 324 -2.82 -31.37 -2.70
N PHE A 325 -3.64 -32.23 -2.08
CA PHE A 325 -4.64 -32.96 -2.84
C PHE A 325 -5.78 -32.04 -3.25
N LEU A 326 -6.16 -31.09 -2.39
CA LEU A 326 -7.16 -30.10 -2.75
C LEU A 326 -6.68 -29.24 -3.91
N ASN A 327 -5.41 -28.82 -3.85
CA ASN A 327 -4.81 -28.03 -4.91
C ASN A 327 -4.79 -28.78 -6.23
N ALA A 328 -4.50 -30.08 -6.18
CA ALA A 328 -4.42 -30.87 -7.40
C ALA A 328 -5.78 -31.04 -8.06
N TYR A 329 -6.86 -31.05 -7.27
CA TYR A 329 -8.18 -31.05 -7.87
C TYR A 329 -8.42 -29.74 -8.63
N SER A 330 -8.18 -28.60 -7.96
CA SER A 330 -8.41 -27.31 -8.60
C SER A 330 -7.57 -27.13 -9.85
N LEU A 331 -6.43 -27.80 -9.92
CA LEU A 331 -5.57 -27.64 -11.09
C LEU A 331 -6.03 -28.52 -12.25
N PHE A 332 -6.34 -29.79 -11.97
CA PHE A 332 -6.58 -30.76 -13.02
C PHE A 332 -8.03 -31.26 -13.05
N GLU A 333 -8.86 -30.82 -12.11
CA GLU A 333 -10.29 -31.11 -12.10
C GLU A 333 -10.57 -32.60 -12.15
N GLU A 334 -9.74 -33.38 -11.45
CA GLU A 334 -9.94 -34.81 -11.37
C GLU A 334 -10.43 -35.15 -9.96
N PRO A 335 -11.72 -35.46 -9.77
CA PRO A 335 -12.26 -35.59 -8.41
C PRO A 335 -11.55 -36.61 -7.55
N ARG A 336 -10.82 -37.56 -8.12
CA ARG A 336 -10.09 -38.53 -7.30
C ARG A 336 -9.11 -37.86 -6.35
N TYR A 337 -8.61 -36.67 -6.70
CA TYR A 337 -7.73 -35.95 -5.78
C TYR A 337 -8.49 -35.54 -4.52
N LEU A 338 -9.78 -35.21 -4.65
CA LEU A 338 -10.60 -34.92 -3.48
C LEU A 338 -10.81 -36.16 -2.63
N ASP A 339 -10.98 -37.33 -3.25
CA ASP A 339 -11.05 -38.59 -2.50
C ASP A 339 -9.82 -38.73 -1.61
N HIS A 340 -8.67 -38.43 -2.18
CA HIS A 340 -7.41 -38.55 -1.46
C HIS A 340 -7.36 -37.58 -0.28
N ALA A 341 -7.62 -36.29 -0.53
CA ALA A 341 -7.71 -35.30 0.55
C ALA A 341 -8.64 -35.77 1.67
N CYS A 342 -9.87 -36.12 1.32
CA CYS A 342 -10.80 -36.65 2.32
C CYS A 342 -10.18 -37.81 3.08
N THR A 343 -9.53 -38.73 2.37
CA THR A 343 -8.88 -39.87 3.02
C THR A 343 -7.81 -39.41 4.00
N VAL A 344 -6.95 -38.47 3.58
CA VAL A 344 -5.90 -37.98 4.45
C VAL A 344 -6.51 -37.28 5.66
N TRP A 345 -7.56 -36.49 5.44
CA TRP A 345 -8.14 -35.73 6.55
C TRP A 345 -8.76 -36.66 7.59
N ARG A 346 -9.43 -37.72 7.13
CA ARG A 346 -9.96 -38.73 8.04
C ARG A 346 -8.85 -39.35 8.86
N PHE A 347 -7.71 -39.64 8.23
CA PHE A 347 -6.59 -40.19 8.99
C PHE A 347 -6.16 -39.23 10.09
N ILE A 348 -6.07 -37.93 9.76
CA ILE A 348 -5.69 -36.92 10.74
C ILE A 348 -6.68 -36.88 11.89
N MET A 349 -7.96 -36.78 11.57
CA MET A 349 -8.99 -36.74 12.61
C MET A 349 -8.98 -38.00 13.46
N ASP A 350 -8.75 -39.16 12.84
N ASP A 350 -8.74 -39.17 12.85
CA ASP A 350 -8.82 -40.43 13.57
CA ASP A 350 -8.85 -40.43 13.57
C ASP A 350 -7.64 -40.65 14.50
C ASP A 350 -7.63 -40.75 14.43
N HIS A 351 -6.45 -40.24 14.08
CA HIS A 351 -5.27 -40.68 14.81
C HIS A 351 -4.33 -39.55 15.24
N LEU A 352 -4.16 -38.50 14.43
CA LEU A 352 -3.18 -37.46 14.76
C LEU A 352 -3.73 -36.43 15.75
N VAL A 353 -5.05 -36.26 15.81
CA VAL A 353 -5.61 -35.37 16.82
C VAL A 353 -5.48 -36.03 18.19
N ASP A 354 -4.97 -35.30 19.14
CA ASP A 354 -4.84 -35.78 20.48
C ASP A 354 -5.88 -35.09 21.28
N ARG A 355 -7.02 -35.75 21.43
CA ARG A 355 -8.10 -35.20 22.23
C ARG A 355 -7.83 -35.27 23.74
N GLU A 356 -6.94 -36.14 24.16
CA GLU A 356 -6.57 -36.24 25.54
C GLU A 356 -5.60 -35.14 25.98
N GLY A 357 -4.40 -35.17 25.43
CA GLY A 357 -3.37 -34.26 25.79
C GLY A 357 -3.24 -32.96 25.01
N GLY A 358 -4.12 -32.76 24.05
CA GLY A 358 -4.13 -31.54 23.27
C GLY A 358 -3.37 -31.54 21.97
N GLU A 359 -3.73 -30.65 21.08
CA GLU A 359 -3.12 -30.49 19.77
C GLU A 359 -3.08 -31.77 18.94
N TRP A 360 -2.03 -31.92 18.16
CA TRP A 360 -1.79 -33.04 17.34
C TRP A 360 -0.49 -33.76 17.70
N PHE A 361 -0.48 -35.07 17.65
CA PHE A 361 0.75 -35.82 17.82
C PHE A 361 1.74 -35.44 16.73
N TRP A 362 3.04 -35.45 17.07
CA TRP A 362 4.08 -35.33 16.05
C TRP A 362 3.96 -36.43 15.00
N ALA A 363 3.66 -37.65 15.43
CA ALA A 363 3.64 -38.80 14.53
C ALA A 363 2.94 -39.99 15.19
N VAL A 364 2.37 -40.84 14.34
CA VAL A 364 1.74 -42.08 14.75
C VAL A 364 2.17 -43.20 13.81
N THR A 365 1.92 -44.44 14.22
CA THR A 365 2.23 -45.58 13.36
C THR A 365 1.26 -45.58 12.19
N PRO A 366 1.54 -46.33 11.11
CA PRO A 366 0.56 -46.43 10.01
C PRO A 366 -0.81 -46.83 10.51
N GLU A 367 -0.85 -47.57 11.62
CA GLU A 367 -2.10 -47.95 12.26
C GLU A 367 -2.72 -46.82 13.08
N GLY A 368 -1.95 -45.81 13.49
CA GLY A 368 -2.48 -44.72 14.29
C GLY A 368 -2.03 -44.66 15.75
N SER A 369 -1.12 -45.50 16.16
CA SER A 369 -0.67 -45.44 17.55
C SER A 369 0.33 -44.30 17.71
N PRO A 370 0.18 -43.42 18.71
CA PRO A 370 1.09 -42.27 18.80
C PRO A 370 2.48 -42.76 19.15
N LEU A 371 3.47 -42.16 18.49
CA LEU A 371 4.88 -42.45 18.73
C LEU A 371 5.38 -41.70 19.96
N ALA A 372 6.05 -42.42 20.84
CA ALA A 372 6.61 -41.84 22.06
C ALA A 372 7.98 -41.22 21.78
N GLY A 373 8.40 -40.32 22.67
CA GLY A 373 9.72 -39.74 22.62
C GLY A 373 9.83 -38.47 21.79
N TYR A 374 8.72 -37.93 21.35
CA TYR A 374 8.66 -36.69 20.58
C TYR A 374 7.92 -35.65 21.31
N GLU A 375 8.16 -34.41 20.97
CA GLU A 375 7.45 -33.35 21.59
C GLU A 375 6.17 -32.97 20.89
N LYS A 376 5.39 -32.26 21.65
CA LYS A 376 4.17 -31.69 21.22
C LYS A 376 4.45 -30.33 20.60
N GLY A 377 5.42 -29.62 21.14
CA GLY A 377 5.83 -28.33 20.64
C GLY A 377 7.30 -28.11 20.87
N GLY A 378 7.98 -27.44 19.96
CA GLY A 378 9.40 -27.16 20.15
C GLY A 378 10.00 -26.49 18.93
N MET A 379 11.30 -26.72 18.76
CA MET A 379 12.04 -26.12 17.64
C MET A 379 11.47 -26.55 16.31
N TRP A 380 10.86 -27.73 16.26
CA TRP A 380 10.44 -28.31 14.98
C TRP A 380 8.93 -28.40 14.83
N LYS A 381 8.16 -28.21 15.90
CA LYS A 381 6.72 -28.23 15.74
C LYS A 381 6.11 -27.03 16.45
N ALA A 382 5.43 -26.21 15.68
CA ALA A 382 4.70 -25.06 16.18
C ALA A 382 3.26 -25.15 15.70
N SER A 383 2.63 -24.03 15.51
CA SER A 383 1.25 -23.99 15.11
C SER A 383 0.95 -23.71 13.65
N TYR A 384 1.94 -23.77 12.79
CA TYR A 384 1.83 -23.44 11.39
C TYR A 384 1.31 -24.48 10.39
N HIS A 385 1.89 -25.63 10.31
CA HIS A 385 1.49 -26.63 9.35
C HIS A 385 -0.02 -26.96 9.43
N ASN A 386 -0.49 -27.27 10.63
CA ASN A 386 -1.87 -27.62 10.85
C ASN A 386 -2.85 -26.46 10.77
N SER A 387 -2.54 -25.30 11.34
CA SER A 387 -3.40 -24.17 11.20
C SER A 387 -3.51 -23.80 9.74
N ARG A 388 -2.39 -23.74 9.03
CA ARG A 388 -2.46 -23.42 7.61
C ARG A 388 -3.38 -24.40 6.89
N ALA A 389 -3.24 -25.70 7.20
CA ALA A 389 -4.01 -26.71 6.49
C ALA A 389 -5.49 -26.49 6.72
N CYS A 390 -5.85 -25.99 7.89
CA CYS A 390 -7.25 -25.66 8.17
C CYS A 390 -7.68 -24.42 7.41
N LEU A 391 -6.85 -23.37 7.42
CA LEU A 391 -7.19 -22.14 6.69
C LEU A 391 -7.20 -22.37 5.18
N GLU A 392 -6.19 -23.08 4.66
CA GLU A 392 -6.20 -23.43 3.25
C GLU A 392 -7.38 -24.35 2.91
N GLY A 393 -7.65 -25.34 3.76
CA GLY A 393 -8.81 -26.21 3.51
C GLY A 393 -10.11 -25.44 3.46
N MET A 394 -10.30 -24.50 4.38
CA MET A 394 -11.58 -23.79 4.47
C MET A 394 -11.80 -22.94 3.23
N ARG A 395 -10.77 -22.18 2.82
CA ARG A 395 -10.92 -21.32 1.66
C ARG A 395 -11.11 -22.13 0.40
N ARG A 396 -10.36 -23.22 0.26
CA ARG A 396 -10.42 -24.00 -0.97
C ARG A 396 -11.71 -24.78 -1.06
N ILE A 397 -12.13 -25.41 0.04
CA ILE A 397 -13.37 -26.20 0.01
C ILE A 397 -14.55 -25.29 -0.27
N ASP A 398 -14.60 -24.13 0.38
CA ASP A 398 -15.66 -23.14 0.12
C ASP A 398 -15.76 -22.79 -1.37
N THR A 399 -14.62 -22.46 -1.98
CA THR A 399 -14.57 -22.18 -3.42
C THR A 399 -15.14 -23.34 -4.22
N ILE A 400 -14.80 -24.57 -3.82
CA ILE A 400 -15.32 -25.73 -4.52
C ILE A 400 -16.84 -25.79 -4.39
N LEU A 401 -17.36 -25.64 -3.17
CA LEU A 401 -18.77 -25.80 -2.93
C LEU A 401 -19.56 -24.63 -3.52
N GLU A 402 -18.95 -23.45 -3.58
CA GLU A 402 -19.67 -22.31 -4.14
C GLU A 402 -19.67 -22.33 -5.66
N GLU A 403 -18.63 -22.88 -6.28
CA GLU A 403 -18.51 -22.88 -7.72
C GLU A 403 -18.65 -24.31 -8.21
N GLU A 404 -17.57 -25.08 -8.31
CA GLU A 404 -17.63 -26.46 -8.77
C GLU A 404 -18.54 -27.27 -7.85
N MET B 1 -28.96 26.09 -15.40
CA MET B 1 -27.71 26.28 -14.64
C MET B 1 -26.44 25.72 -15.32
N PRO B 2 -26.32 25.77 -16.65
CA PRO B 2 -25.14 25.18 -17.30
C PRO B 2 -23.99 26.16 -17.40
N LEU B 3 -22.81 25.62 -17.69
CA LEU B 3 -21.63 26.45 -17.79
C LEU B 3 -21.78 27.45 -18.93
N PRO B 4 -21.51 28.74 -18.71
CA PRO B 4 -21.53 29.70 -19.82
C PRO B 4 -20.55 29.26 -20.90
N THR B 5 -21.08 29.09 -22.12
CA THR B 5 -20.29 28.50 -23.18
C THR B 5 -19.15 29.41 -23.62
N THR B 6 -19.29 30.73 -23.41
CA THR B 6 -18.21 31.67 -23.72
C THR B 6 -16.98 31.44 -22.86
N LEU B 7 -17.15 30.77 -21.72
CA LEU B 7 -16.01 30.44 -20.88
C LEU B 7 -15.16 29.34 -21.49
N ARG B 8 -15.76 28.49 -22.32
CA ARG B 8 -15.04 27.30 -22.78
C ARG B 8 -13.80 27.65 -23.60
N PRO B 9 -13.86 28.55 -24.60
CA PRO B 9 -12.60 28.91 -25.29
C PRO B 9 -11.54 29.53 -24.38
N THR B 10 -11.95 30.38 -23.44
CA THR B 10 -10.99 30.92 -22.47
C THR B 10 -10.31 29.80 -21.68
N LEU B 11 -11.11 28.89 -21.12
CA LEU B 11 -10.54 27.82 -20.32
C LEU B 11 -9.63 26.92 -21.15
N ARG B 12 -10.03 26.62 -22.39
CA ARG B 12 -9.18 25.77 -23.23
C ARG B 12 -7.81 26.40 -23.43
N GLN B 13 -7.76 27.73 -23.58
CA GLN B 13 -6.49 28.39 -23.83
C GLN B 13 -5.65 28.49 -22.56
N ILE B 14 -6.26 28.85 -21.43
CA ILE B 14 -5.55 28.86 -20.15
C ILE B 14 -4.95 27.47 -19.86
N ARG B 15 -5.74 26.41 -20.09
CA ARG B 15 -5.21 25.07 -19.92
C ARG B 15 -3.95 24.86 -20.76
N SER B 16 -3.95 25.36 -22.00
CA SER B 16 -2.77 25.31 -22.84
C SER B 16 -1.62 26.10 -22.23
N GLU B 17 -1.89 27.32 -21.74
CA GLU B 17 -0.81 28.14 -21.20
C GLU B 17 -0.26 27.55 -19.92
N LEU B 18 -1.11 26.85 -19.16
CA LEU B 18 -0.65 26.17 -17.96
C LEU B 18 0.34 25.08 -18.29
N ALA B 19 0.05 24.28 -19.32
CA ALA B 19 0.99 23.24 -19.75
C ALA B 19 2.30 23.84 -20.24
N ALA B 20 2.23 24.89 -21.00
CA ALA B 20 3.43 25.50 -21.51
C ALA B 20 4.31 26.02 -20.38
N GLN B 21 3.73 26.78 -19.50
CA GLN B 21 4.39 27.33 -18.35
C GLN B 21 5.17 26.28 -17.57
N LEU B 22 4.51 25.21 -17.21
CA LEU B 22 5.12 24.14 -16.46
C LEU B 22 6.28 23.50 -17.14
N PHE B 23 6.01 22.83 -18.24
CA PHE B 23 6.99 22.07 -18.95
C PHE B 23 7.99 22.81 -19.84
N ASP B 24 7.61 23.99 -20.26
CA ASP B 24 8.46 24.76 -21.15
C ASP B 24 9.11 25.97 -20.51
N HIS B 25 8.63 26.40 -19.35
CA HIS B 25 9.18 27.60 -18.71
C HIS B 25 9.68 27.34 -17.30
N ILE B 26 8.87 26.71 -16.44
CA ILE B 26 9.20 26.62 -15.03
C ILE B 26 10.21 25.50 -14.77
N LEU B 27 9.92 24.32 -15.26
CA LEU B 27 10.77 23.19 -14.96
C LEU B 27 12.11 23.31 -15.68
N PRO B 28 12.16 23.69 -16.97
CA PRO B 28 13.48 23.97 -17.59
C PRO B 28 14.36 24.90 -16.78
N PHE B 29 13.83 26.02 -16.29
CA PHE B 29 14.63 26.90 -15.45
C PHE B 29 15.23 26.13 -14.28
N TRP B 30 14.36 25.47 -13.51
CA TRP B 30 14.83 24.84 -12.28
C TRP B 30 15.73 23.65 -12.54
N LEU B 31 15.50 22.93 -13.65
CA LEU B 31 16.36 21.79 -14.00
C LEU B 31 17.83 22.20 -14.07
N GLY B 32 18.10 23.41 -14.57
CA GLY B 32 19.45 23.95 -14.62
C GLY B 32 19.97 24.58 -13.34
N GLN B 33 19.29 24.38 -12.21
CA GLN B 33 19.74 24.95 -10.95
C GLN B 33 20.24 23.90 -9.96
N GLN B 34 20.68 22.74 -10.45
CA GLN B 34 21.22 21.69 -9.62
C GLN B 34 22.74 21.83 -9.44
N ASP B 35 23.20 21.65 -8.21
CA ASP B 35 24.61 21.78 -7.83
C ASP B 35 25.34 20.48 -8.15
N PRO B 36 26.13 20.46 -9.22
CA PRO B 36 26.83 19.22 -9.61
C PRO B 36 28.04 18.88 -8.75
N ILE B 37 28.37 19.68 -7.75
CA ILE B 37 29.48 19.37 -6.86
C ILE B 37 28.99 18.82 -5.54
N HIS B 38 28.10 19.54 -4.88
CA HIS B 38 27.56 19.19 -3.59
C HIS B 38 26.15 18.56 -3.65
N GLY B 39 25.44 18.69 -4.75
CA GLY B 39 24.08 18.18 -4.77
C GLY B 39 23.05 19.20 -4.31
N GLY B 40 21.80 18.75 -4.30
CA GLY B 40 20.66 19.63 -4.13
C GLY B 40 20.65 20.72 -5.20
N PHE B 41 19.93 21.78 -4.89
CA PHE B 41 19.82 22.92 -5.78
C PHE B 41 20.49 24.13 -5.12
N TYR B 42 21.02 25.01 -5.95
CA TYR B 42 21.66 26.24 -5.47
C TYR B 42 20.75 26.97 -4.51
N GLY B 43 21.33 27.42 -3.39
CA GLY B 43 20.56 28.03 -2.32
C GLY B 43 19.99 29.41 -2.62
N SER B 44 20.49 30.09 -3.64
CA SER B 44 20.01 31.43 -3.95
C SER B 44 20.36 31.74 -5.39
N ILE B 45 19.44 32.42 -6.08
CA ILE B 45 19.59 32.73 -7.51
C ILE B 45 18.97 34.08 -7.76
N THR B 46 19.73 34.98 -8.41
CA THR B 46 19.17 36.24 -8.88
C THR B 46 19.24 36.25 -10.41
N THR B 47 20.20 36.95 -11.01
CA THR B 47 20.42 36.80 -12.45
C THR B 47 21.23 35.55 -12.75
N GLY B 48 21.84 34.96 -11.72
CA GLY B 48 22.52 33.70 -11.81
C GLY B 48 22.53 33.08 -10.43
N PRO B 49 22.97 31.83 -10.33
CA PRO B 49 23.01 31.18 -9.01
C PRO B 49 24.24 31.58 -8.21
N ASP B 50 24.08 31.53 -6.88
CA ASP B 50 25.20 31.77 -5.98
C ASP B 50 25.54 30.45 -5.29
N PRO B 51 26.61 29.76 -5.70
CA PRO B 51 26.92 28.45 -5.11
C PRO B 51 27.43 28.52 -3.68
N THR B 52 27.74 29.70 -3.16
CA THR B 52 28.09 29.84 -1.75
C THR B 52 26.89 30.12 -0.85
N ALA B 53 25.68 30.16 -1.42
CA ALA B 53 24.53 30.48 -0.58
C ALA B 53 24.10 29.24 0.22
N PRO B 54 23.62 29.45 1.44
CA PRO B 54 23.02 28.32 2.18
C PRO B 54 21.82 27.77 1.46
N LYS B 55 21.57 26.47 1.66
CA LYS B 55 20.45 25.76 1.07
C LYS B 55 19.44 25.43 2.15
N GLY B 56 18.17 25.71 1.85
CA GLY B 56 17.11 25.66 2.83
C GLY B 56 16.35 24.34 2.82
N LEU B 57 15.84 23.97 3.99
CA LEU B 57 14.96 22.82 4.08
C LEU B 57 13.75 23.02 3.17
N VAL B 58 13.03 24.13 3.38
CA VAL B 58 11.79 24.39 2.65
C VAL B 58 12.03 24.40 1.14
N MET B 59 13.05 25.12 0.69
CA MET B 59 13.34 25.20 -0.75
C MET B 59 13.64 23.83 -1.32
N THR B 60 14.52 23.07 -0.63
CA THR B 60 14.91 21.75 -1.08
C THR B 60 13.71 20.79 -1.12
N ALA B 61 12.92 20.78 -0.05
CA ALA B 61 11.77 19.90 -0.01
C ALA B 61 10.76 20.29 -1.09
N ARG B 62 10.63 21.59 -1.36
CA ARG B 62 9.73 22.05 -2.40
C ARG B 62 10.17 21.53 -3.78
N HIS B 63 11.48 21.61 -4.07
CA HIS B 63 11.98 21.04 -5.31
C HIS B 63 11.75 19.55 -5.37
N LEU B 64 11.97 18.86 -4.26
CA LEU B 64 11.66 17.45 -4.25
C LEU B 64 10.18 17.22 -4.56
N TRP B 65 9.29 17.98 -3.90
CA TRP B 65 7.87 17.89 -4.22
C TRP B 65 7.62 18.13 -5.70
N THR B 66 8.25 19.17 -6.24
CA THR B 66 7.87 19.65 -7.58
C THR B 66 8.23 18.65 -8.67
N PHE B 67 9.49 18.18 -8.69
CA PHE B 67 9.88 17.22 -9.72
C PHE B 67 9.26 15.86 -9.51
N SER B 68 8.90 15.53 -8.27
CA SER B 68 8.14 14.33 -8.01
C SER B 68 6.80 14.39 -8.75
N GLN B 69 6.11 15.52 -8.64
CA GLN B 69 4.81 15.70 -9.28
C GLN B 69 4.93 15.79 -10.79
N ALA B 70 5.97 16.49 -11.29
CA ALA B 70 6.15 16.61 -12.72
C ALA B 70 6.42 15.23 -13.33
N PHE B 71 7.23 14.41 -12.66
CA PHE B 71 7.43 13.04 -13.11
C PHE B 71 6.12 12.25 -13.16
N LEU B 72 5.18 12.55 -12.25
CA LEU B 72 3.92 11.79 -12.25
C LEU B 72 2.93 12.35 -13.27
N SER B 73 3.10 13.60 -13.69
CA SER B 73 2.25 14.15 -14.73
C SER B 73 2.79 13.82 -16.13
N ARG B 74 4.11 13.74 -16.28
CA ARG B 74 4.75 13.51 -17.57
C ARG B 74 6.10 12.85 -17.27
N PRO B 75 6.23 11.52 -17.48
CA PRO B 75 7.39 10.79 -16.95
C PRO B 75 8.72 11.02 -17.65
N ASN B 76 9.17 12.24 -17.66
CA ASN B 76 10.52 12.52 -18.18
C ASN B 76 11.56 12.07 -17.16
N PRO B 77 12.52 11.23 -17.54
CA PRO B 77 13.52 10.78 -16.57
C PRO B 77 14.29 11.92 -15.90
N ALA B 78 14.53 13.04 -16.60
CA ALA B 78 15.22 14.17 -15.97
C ALA B 78 14.45 14.68 -14.75
N TYR B 79 13.13 14.60 -14.77
CA TYR B 79 12.33 14.96 -13.60
C TYR B 79 12.61 14.02 -12.45
N LEU B 80 12.70 12.72 -12.74
CA LEU B 80 12.98 11.75 -11.68
C LEU B 80 14.41 11.91 -11.16
N GLU B 81 15.36 12.20 -12.07
CA GLU B 81 16.74 12.53 -11.67
C GLU B 81 16.78 13.70 -10.69
N ALA B 82 16.15 14.82 -11.07
CA ALA B 82 16.18 16.01 -10.23
C ALA B 82 15.53 15.73 -8.89
N ALA B 83 14.42 14.98 -8.88
CA ALA B 83 13.78 14.58 -7.63
C ALA B 83 14.72 13.71 -6.81
N GLY B 84 15.37 12.75 -7.44
CA GLY B 84 16.36 11.95 -6.74
C GLY B 84 17.50 12.80 -6.19
N ASN B 85 17.93 13.80 -6.97
CA ASN B 85 18.95 14.72 -6.49
C ASN B 85 18.48 15.46 -5.24
N ALA B 86 17.27 16.02 -5.28
CA ALA B 86 16.74 16.74 -4.13
C ALA B 86 16.55 15.79 -2.95
N TYR B 87 16.13 14.56 -3.23
CA TYR B 87 15.88 13.58 -2.17
C TYR B 87 17.17 13.27 -1.41
N ARG B 88 18.22 12.83 -2.13
CA ARG B 88 19.46 12.48 -1.44
C ARG B 88 20.06 13.68 -0.68
N PHE B 89 20.00 14.89 -1.24
CA PHE B 89 20.49 16.04 -0.46
C PHE B 89 19.65 16.23 0.80
N LEU B 90 18.33 16.14 0.65
CA LEU B 90 17.45 16.31 1.81
C LEU B 90 17.72 15.27 2.89
N THR B 91 18.04 14.04 2.52
CA THR B 91 18.14 13.00 3.53
C THR B 91 19.58 12.70 3.94
N HIS B 92 20.55 13.30 3.26
CA HIS B 92 21.94 13.17 3.67
C HIS B 92 22.53 14.45 4.21
N ALA B 93 21.92 15.61 3.93
CA ALA B 93 22.41 16.91 4.38
C ALA B 93 21.49 17.52 5.43
N LEU B 94 20.22 17.78 5.07
CA LEU B 94 19.29 18.42 5.99
C LEU B 94 18.81 17.49 7.09
N TYR B 95 18.88 16.19 6.90
CA TYR B 95 18.42 15.25 7.90
C TYR B 95 19.35 15.14 9.08
N ASP B 96 18.77 15.14 10.25
CA ASP B 96 19.50 15.00 11.50
C ASP B 96 19.52 13.53 11.88
N ALA B 97 20.64 12.85 11.66
CA ALA B 97 20.73 11.46 11.98
C ALA B 97 20.79 11.13 13.45
N THR B 98 21.10 12.10 14.29
CA THR B 98 21.16 11.87 15.70
C THR B 98 19.83 12.14 16.34
N HIS B 99 19.29 13.33 16.15
CA HIS B 99 18.02 13.65 16.77
C HIS B 99 16.74 13.54 15.93
N ARG B 100 16.83 13.15 14.68
CA ARG B 100 15.70 13.05 13.75
C ARG B 100 15.05 14.38 13.31
N GLY B 101 14.24 14.33 12.31
CA GLY B 101 13.75 15.59 11.79
C GLY B 101 14.80 16.18 10.87
N PHE B 102 14.53 17.40 10.42
CA PHE B 102 15.36 18.06 9.41
C PHE B 102 15.81 19.42 9.93
N PHE B 103 17.10 19.70 9.80
CA PHE B 103 17.66 21.02 10.06
C PHE B 103 17.00 22.07 9.16
N TRP B 104 16.94 23.32 9.65
CA TRP B 104 16.38 24.43 8.88
C TRP B 104 17.26 24.83 7.69
N SER B 105 18.58 24.72 7.80
CA SER B 105 19.41 25.13 6.68
C SER B 105 20.73 24.41 6.76
N VAL B 106 21.40 24.34 5.61
CA VAL B 106 22.73 23.76 5.52
C VAL B 106 23.61 24.65 4.67
N HIS B 107 24.92 24.42 4.80
CA HIS B 107 25.89 25.02 3.91
C HIS B 107 25.82 24.33 2.55
N PRO B 108 26.30 24.99 1.49
CA PRO B 108 26.33 24.32 0.17
C PRO B 108 26.76 22.86 0.23
N ASP B 109 27.84 22.52 0.95
CA ASP B 109 28.31 21.13 1.05
C ASP B 109 27.49 20.27 2.02
N GLY B 110 26.38 20.78 2.56
CA GLY B 110 25.51 20.00 3.42
C GLY B 110 25.75 20.10 4.91
N THR B 111 26.86 20.70 5.34
CA THR B 111 27.16 20.94 6.76
C THR B 111 26.05 21.76 7.41
N PRO B 112 25.45 21.29 8.50
CA PRO B 112 24.37 22.04 9.15
C PRO B 112 24.73 23.51 9.42
N LEU B 113 23.86 24.42 9.01
CA LEU B 113 23.93 25.81 9.43
C LEU B 113 22.95 26.07 10.56
N SER B 114 21.67 26.31 10.23
CA SER B 114 20.65 26.52 11.25
C SER B 114 20.05 25.17 11.63
N ARG B 115 20.29 24.75 12.88
CA ARG B 115 19.85 23.44 13.36
C ARG B 115 18.50 23.46 14.06
N VAL B 116 17.77 24.58 14.00
CA VAL B 116 16.42 24.63 14.53
C VAL B 116 15.53 23.60 13.83
N LYS B 117 14.65 22.96 14.59
CA LYS B 117 13.60 22.09 14.05
C LYS B 117 12.33 22.90 13.89
N LYS B 118 12.15 23.49 12.72
CA LYS B 118 10.97 24.30 12.47
C LYS B 118 9.87 23.40 11.90
N LEU B 119 8.74 23.35 12.56
CA LEU B 119 7.63 22.52 12.15
C LEU B 119 7.24 22.76 10.71
N TYR B 120 7.22 24.02 10.31
CA TYR B 120 6.94 24.45 8.97
C TYR B 120 7.77 23.69 7.99
N GLY B 121 9.06 23.69 8.19
CA GLY B 121 9.97 22.99 7.34
C GLY B 121 9.87 21.50 7.37
N ASN B 122 9.72 20.93 8.54
CA ASN B 122 9.58 19.49 8.67
C ASN B 122 8.27 18.99 8.02
N ALA B 123 7.22 19.79 8.09
CA ALA B 123 6.00 19.51 7.42
C ALA B 123 6.28 19.43 5.94
N PHE B 124 7.02 20.42 5.38
CA PHE B 124 7.28 20.39 3.94
C PHE B 124 8.10 19.16 3.57
N ALA B 125 8.95 18.68 4.47
CA ALA B 125 9.63 17.42 4.20
C ALA B 125 8.62 16.27 4.12
N VAL B 126 7.73 16.18 5.12
CA VAL B 126 6.65 15.18 5.08
C VAL B 126 5.95 15.21 3.73
N TYR B 127 5.50 16.40 3.34
CA TYR B 127 4.73 16.63 2.12
C TYR B 127 5.48 16.13 0.88
N ALA B 128 6.80 16.37 0.83
CA ALA B 128 7.58 16.06 -0.36
C ALA B 128 7.98 14.59 -0.39
N LEU B 129 8.36 14.04 0.76
CA LEU B 129 8.68 12.62 0.84
C LEU B 129 7.52 11.77 0.39
N ALA B 130 6.31 12.10 0.85
CA ALA B 130 5.13 11.38 0.37
C ALA B 130 5.06 11.48 -1.14
N ALA B 131 5.24 12.69 -1.68
CA ALA B 131 5.24 12.87 -3.12
C ALA B 131 6.28 11.96 -3.77
N TYR B 132 7.53 12.04 -3.30
CA TYR B 132 8.61 11.31 -3.95
C TYR B 132 8.38 9.82 -3.84
N HIS B 133 7.86 9.38 -2.69
CA HIS B 133 7.49 7.98 -2.56
C HIS B 133 6.56 7.52 -3.69
N THR B 134 5.51 8.30 -3.94
CA THR B 134 4.61 7.99 -5.05
C THR B 134 5.35 7.93 -6.38
N ALA B 135 6.17 8.95 -6.66
CA ALA B 135 6.77 9.06 -8.00
C ALA B 135 7.83 8.00 -8.25
N SER B 136 8.51 7.55 -7.20
CA SER B 136 9.67 6.71 -7.34
C SER B 136 9.49 5.30 -6.78
N GLY B 137 8.49 5.10 -5.91
CA GLY B 137 8.34 3.85 -5.20
C GLY B 137 9.33 3.63 -4.06
N ASP B 138 10.24 4.58 -3.80
CA ASP B 138 11.25 4.42 -2.76
C ASP B 138 10.62 4.27 -1.40
N ARG B 139 10.86 3.10 -0.78
CA ARG B 139 10.27 2.80 0.52
C ARG B 139 10.77 3.72 1.61
N GLU B 140 12.06 4.09 1.55
CA GLU B 140 12.69 4.82 2.64
C GLU B 140 12.08 6.20 2.82
N ALA B 141 11.76 6.87 1.70
CA ALA B 141 11.10 8.17 1.74
C ALA B 141 9.86 8.15 2.61
N LEU B 142 9.05 7.10 2.47
CA LEU B 142 7.85 6.98 3.29
C LEU B 142 8.21 6.71 4.75
N THR B 143 9.11 5.75 4.98
CA THR B 143 9.59 5.51 6.33
C THR B 143 10.09 6.80 6.98
N LEU B 144 10.84 7.62 6.23
CA LEU B 144 11.25 8.94 6.73
C LEU B 144 10.04 9.86 6.96
N ALA B 145 9.07 9.84 6.04
CA ALA B 145 7.86 10.64 6.22
C ALA B 145 7.17 10.29 7.53
N TRP B 146 7.04 8.99 7.82
CA TRP B 146 6.39 8.57 9.06
C TRP B 146 7.22 8.97 10.26
N GLU B 147 8.52 8.69 10.22
CA GLU B 147 9.44 9.19 11.24
C GLU B 147 9.12 10.64 11.60
N THR B 148 8.96 11.49 10.60
CA THR B 148 8.84 12.91 10.88
C THR B 148 7.47 13.27 11.45
N PHE B 149 6.41 12.72 10.83
CA PHE B 149 5.07 12.77 11.41
C PHE B 149 5.13 12.46 12.89
N ASP B 150 5.82 11.36 13.24
CA ASP B 150 5.85 10.94 14.64
C ASP B 150 6.38 12.05 15.54
N LEU B 151 7.43 12.74 15.08
CA LEU B 151 8.00 13.85 15.84
C LEU B 151 7.03 15.03 15.94
N LEU B 152 6.41 15.40 14.81
CA LEU B 152 5.40 16.44 14.85
C LEU B 152 4.28 16.10 15.84
N GLU B 153 3.87 14.84 15.88
CA GLU B 153 2.75 14.47 16.75
C GLU B 153 3.19 14.30 18.20
N ASP B 154 4.33 13.66 18.42
CA ASP B 154 4.77 13.38 19.79
C ASP B 154 5.39 14.61 20.46
N ARG B 155 6.22 15.38 19.75
CA ARG B 155 6.85 16.56 20.32
C ARG B 155 6.16 17.86 19.89
N GLY B 156 5.73 17.96 18.65
CA GLY B 156 5.18 19.20 18.13
C GLY B 156 3.85 19.60 18.75
N ARG B 157 3.00 18.63 19.07
CA ARG B 157 1.65 18.92 19.53
C ARG B 157 1.66 19.54 20.92
N ASP B 158 0.86 20.58 21.10
CA ASP B 158 0.51 21.08 22.42
C ASP B 158 -0.72 20.30 22.87
N ARG B 159 -0.51 19.33 23.77
CA ARG B 159 -1.58 18.42 24.17
C ARG B 159 -2.61 19.08 25.09
N ARG B 160 -2.38 20.28 25.58
CA ARG B 160 -3.33 20.87 26.51
C ARG B 160 -4.10 22.06 25.94
N HIS B 161 -3.59 22.73 24.91
CA HIS B 161 -4.35 23.75 24.21
C HIS B 161 -4.70 23.37 22.77
N GLY B 162 -4.19 22.26 22.27
CA GLY B 162 -4.34 21.91 20.87
C GLY B 162 -3.29 22.59 19.99
N GLY B 163 -3.04 21.98 18.83
CA GLY B 163 -2.17 22.58 17.85
C GLY B 163 -0.70 22.30 18.11
N TYR B 164 0.13 23.05 17.39
CA TYR B 164 1.55 22.77 17.36
C TYR B 164 2.36 23.99 17.76
N TYR B 165 3.44 23.76 18.49
CA TYR B 165 4.43 24.80 18.70
C TYR B 165 5.16 25.10 17.41
N GLU B 166 5.65 26.33 17.30
CA GLU B 166 6.25 26.76 16.03
C GLU B 166 7.51 25.95 15.70
N ALA B 167 8.38 25.75 16.68
CA ALA B 167 9.69 25.20 16.37
C ALA B 167 10.27 24.61 17.65
N PHE B 168 11.42 23.93 17.52
CA PHE B 168 12.11 23.35 18.66
C PHE B 168 13.61 23.47 18.47
N THR B 169 14.31 23.43 19.60
CA THR B 169 15.75 23.23 19.61
C THR B 169 16.12 21.97 18.83
N GLU B 170 17.42 21.84 18.58
CA GLU B 170 17.93 20.76 17.75
C GLU B 170 17.56 19.40 18.30
N ASP B 171 17.51 19.25 19.63
CA ASP B 171 17.18 17.95 20.23
C ASP B 171 15.69 17.74 20.46
N TRP B 172 14.82 18.62 19.93
CA TRP B 172 13.37 18.51 20.07
C TRP B 172 12.88 18.63 21.51
N SER B 173 13.74 19.12 22.42
CA SER B 173 13.41 19.17 23.83
C SER B 173 12.67 20.44 24.24
N THR B 174 12.95 21.56 23.59
CA THR B 174 12.46 22.86 24.05
C THR B 174 11.74 23.57 22.90
N PRO B 175 10.51 24.02 23.11
CA PRO B 175 9.81 24.76 22.04
C PRO B 175 10.28 26.20 21.95
N LEU B 176 10.29 26.71 20.72
CA LEU B 176 10.67 28.09 20.45
C LEU B 176 9.57 28.83 19.69
N PRO B 177 9.47 30.14 19.84
CA PRO B 177 8.39 30.86 19.16
C PRO B 177 8.82 31.58 17.88
N GLU B 178 7.87 32.12 17.18
CA GLU B 178 8.31 32.82 15.98
C GLU B 178 8.58 34.28 16.30
N PRO B 179 9.75 34.82 15.94
CA PRO B 179 10.00 36.26 16.15
C PRO B 179 9.07 37.11 15.29
N LEU B 180 8.40 38.05 15.95
CA LEU B 180 7.65 39.06 15.22
C LEU B 180 8.55 40.29 15.02
N GLY B 181 8.04 41.49 15.29
CA GLY B 181 8.86 42.67 15.14
C GLY B 181 9.81 42.90 16.31
N GLU B 182 10.82 43.72 16.08
CA GLU B 182 11.72 44.11 17.16
C GLU B 182 10.95 44.64 18.37
N GLY B 183 11.22 44.06 19.54
CA GLY B 183 10.59 44.47 20.77
C GLY B 183 9.34 43.74 21.16
N GLU B 184 8.64 43.12 20.21
CA GLU B 184 7.34 42.56 20.57
C GLU B 184 7.47 41.08 20.90
N THR B 185 6.59 40.63 21.78
CA THR B 185 6.62 39.27 22.24
C THR B 185 6.46 38.32 21.05
N PRO B 186 7.35 37.34 20.90
CA PRO B 186 7.24 36.41 19.77
C PRO B 186 6.05 35.48 19.93
N ALA B 187 5.57 34.95 18.82
CA ALA B 187 4.33 34.18 18.91
C ALA B 187 4.65 32.69 19.07
N PRO B 188 4.09 32.01 20.07
CA PRO B 188 4.35 30.57 20.18
C PRO B 188 3.71 29.75 19.06
N LYS B 189 2.68 30.30 18.45
CA LYS B 189 1.91 29.68 17.41
C LYS B 189 1.53 30.57 16.23
N THR B 190 1.65 30.01 15.05
CA THR B 190 1.36 30.71 13.81
C THR B 190 0.43 29.97 12.83
N MET B 191 -0.37 30.74 12.12
CA MET B 191 -1.28 30.26 11.10
C MET B 191 -0.52 29.55 10.01
N ASN B 192 0.51 30.21 9.53
CA ASN B 192 1.36 29.70 8.49
C ASN B 192 1.85 28.28 8.74
N THR B 193 2.30 27.99 9.94
CA THR B 193 2.75 26.67 10.29
C THR B 193 1.61 25.64 10.35
N HIS B 194 0.50 26.01 10.95
CA HIS B 194 -0.64 25.12 11.03
C HIS B 194 -1.16 24.80 9.65
N LEU B 195 -1.22 25.78 8.76
CA LEU B 195 -1.60 25.57 7.39
C LEU B 195 -0.74 24.56 6.65
N HIS B 196 0.56 24.65 6.74
CA HIS B 196 1.40 23.73 6.02
C HIS B 196 1.52 22.35 6.66
N ILE B 197 1.20 22.24 7.93
CA ILE B 197 1.15 20.96 8.55
C ILE B 197 -0.09 20.25 7.96
N LEU B 198 -1.22 20.93 7.89
CA LEU B 198 -2.43 20.33 7.33
C LEU B 198 -2.22 19.92 5.87
N GLU B 199 -1.53 20.77 5.10
CA GLU B 199 -1.21 20.50 3.71
C GLU B 199 -0.46 19.17 3.58
N ALA B 200 0.63 19.02 4.34
CA ALA B 200 1.42 17.78 4.37
C ALA B 200 0.56 16.58 4.77
N TYR B 201 -0.28 16.75 5.80
CA TYR B 201 -1.03 15.61 6.32
C TYR B 201 -2.08 15.12 5.33
N SER B 202 -2.80 16.04 4.67
CA SER B 202 -3.74 15.64 3.61
C SER B 202 -3.04 14.81 2.55
N THR B 203 -1.81 15.19 2.18
CA THR B 203 -1.08 14.43 1.16
C THR B 203 -0.67 13.06 1.71
N LEU B 204 -0.21 13.03 2.97
CA LEU B 204 0.22 11.78 3.59
C LEU B 204 -0.95 10.80 3.77
N PHE B 205 -2.15 11.33 3.98
CA PHE B 205 -3.33 10.49 4.13
C PHE B 205 -3.84 10.00 2.78
N ARG B 206 -3.83 10.86 1.77
CA ARG B 206 -4.03 10.40 0.40
C ARG B 206 -3.06 9.28 0.04
N THR B 207 -1.81 9.39 0.50
CA THR B 207 -0.79 8.40 0.14
C THR B 207 -1.00 7.06 0.88
N THR B 208 -1.42 7.10 2.13
CA THR B 208 -1.36 5.93 2.99
C THR B 208 -2.69 5.50 3.60
N LYS B 209 -3.71 6.37 3.59
CA LYS B 209 -5.01 6.08 4.20
C LYS B 209 -4.89 5.79 5.69
N GLU B 210 -3.80 6.18 6.33
CA GLU B 210 -3.59 5.82 7.74
C GLU B 210 -4.52 6.63 8.63
N PRO B 211 -5.32 5.98 9.48
CA PRO B 211 -6.29 6.73 10.32
C PRO B 211 -5.67 7.72 11.30
N ARG B 212 -4.41 7.52 11.72
CA ARG B 212 -3.76 8.48 12.61
C ARG B 212 -3.64 9.85 11.95
N VAL B 213 -3.35 9.86 10.65
CA VAL B 213 -3.25 11.13 9.95
C VAL B 213 -4.63 11.75 9.79
N ARG B 214 -5.66 10.92 9.58
N ARG B 214 -5.66 10.91 9.60
CA ARG B 214 -7.01 11.48 9.54
CA ARG B 214 -7.02 11.43 9.54
C ARG B 214 -7.35 12.16 10.86
C ARG B 214 -7.39 12.11 10.85
N GLU B 215 -7.06 11.50 11.96
CA GLU B 215 -7.36 12.06 13.26
C GLU B 215 -6.64 13.43 13.43
N ALA B 216 -5.39 13.48 13.00
CA ALA B 216 -4.65 14.73 13.07
C ALA B 216 -5.33 15.81 12.25
N MET B 217 -5.73 15.47 11.04
CA MET B 217 -6.44 16.37 10.16
C MET B 217 -7.69 16.93 10.81
N GLU B 218 -8.47 16.08 11.47
CA GLU B 218 -9.62 16.56 12.20
C GLU B 218 -9.24 17.59 13.25
N HIS B 219 -8.17 17.32 13.97
CA HIS B 219 -7.70 18.22 14.96
C HIS B 219 -7.42 19.58 14.36
N LEU B 220 -6.71 19.60 13.25
CA LEU B 220 -6.36 20.83 12.53
C LEU B 220 -7.55 21.65 12.03
N ILE B 221 -8.55 20.97 11.48
CA ILE B 221 -9.78 21.56 10.99
C ILE B 221 -10.42 22.31 12.11
N LEU B 222 -10.54 21.67 13.25
CA LEU B 222 -11.12 22.30 14.41
C LEU B 222 -10.35 23.51 14.89
N ILE B 223 -9.04 23.44 14.85
CA ILE B 223 -8.23 24.61 15.19
C ILE B 223 -8.53 25.75 14.23
N PHE B 224 -8.60 25.44 12.94
CA PHE B 224 -8.88 26.48 11.96
C PHE B 224 -10.28 27.06 12.13
N ARG B 225 -11.29 26.19 12.27
CA ARG B 225 -12.67 26.67 12.46
C ARG B 225 -12.78 27.55 13.69
N THR B 226 -12.14 27.15 14.79
CA THR B 226 -12.35 27.83 16.06
C THR B 226 -11.36 28.98 16.31
N HIS B 227 -10.05 28.71 16.21
CA HIS B 227 -9.08 29.70 16.65
C HIS B 227 -8.55 30.57 15.51
N ILE B 228 -8.27 29.99 14.35
CA ILE B 228 -7.48 30.68 13.34
C ILE B 228 -8.36 31.46 12.37
N ALA B 229 -9.47 30.87 11.93
CA ALA B 229 -10.35 31.50 10.95
C ALA B 229 -11.80 31.44 11.42
N PRO B 230 -12.11 32.00 12.60
CA PRO B 230 -13.50 31.97 13.06
C PRO B 230 -14.43 32.84 12.24
N SER B 231 -13.91 33.77 11.44
CA SER B 231 -14.75 34.57 10.55
C SER B 231 -14.23 34.51 9.11
N SER B 232 -14.06 35.66 8.47
CA SER B 232 -13.79 35.69 7.04
C SER B 232 -12.32 35.92 6.71
N HIS B 233 -11.45 35.99 7.70
CA HIS B 233 -10.01 36.06 7.47
C HIS B 233 -9.28 35.09 8.39
N LEU B 234 -8.02 34.85 8.05
CA LEU B 234 -7.15 33.96 8.78
C LEU B 234 -6.29 34.80 9.74
N GLY B 235 -6.49 34.65 11.03
CA GLY B 235 -5.60 35.29 11.99
C GLY B 235 -4.18 34.79 11.79
N LEU B 236 -3.21 35.69 12.01
CA LEU B 236 -1.84 35.32 11.66
C LEU B 236 -1.05 34.68 12.81
N TYR B 237 -1.13 35.27 14.03
CA TYR B 237 -0.26 34.87 15.13
C TYR B 237 -1.06 34.64 16.41
N PHE B 238 -0.63 33.68 17.23
CA PHE B 238 -1.42 33.26 18.39
C PHE B 238 -0.54 32.91 19.59
N ALA B 239 -1.02 33.30 20.77
CA ALA B 239 -0.42 32.80 22.01
C ALA B 239 -0.64 31.29 22.13
N GLU B 240 0.04 30.70 23.11
CA GLU B 240 -0.09 29.25 23.35
C GLU B 240 -1.54 28.86 23.58
N ASP B 241 -2.30 29.68 24.33
CA ASP B 241 -3.72 29.45 24.53
C ASP B 241 -4.60 29.98 23.39
N TRP B 242 -4.01 30.24 22.22
CA TRP B 242 -4.67 30.62 20.96
C TRP B 242 -5.20 32.05 20.95
N ALA B 243 -5.04 32.82 22.00
CA ALA B 243 -5.47 34.20 21.96
C ALA B 243 -4.64 34.98 20.95
N PRO B 244 -5.24 35.94 20.26
CA PRO B 244 -4.58 36.54 19.11
C PRO B 244 -3.41 37.41 19.53
N MET B 245 -2.43 37.50 18.64
CA MET B 245 -1.28 38.37 18.85
C MET B 245 -1.08 39.20 17.60
N GLY B 246 -0.75 40.48 17.81
CA GLY B 246 -0.60 41.40 16.70
C GLY B 246 -1.83 41.47 15.82
N GLY B 247 -1.60 41.45 14.52
CA GLY B 247 -2.71 41.52 13.58
C GLY B 247 -2.21 41.58 12.16
N GLY B 248 -3.14 41.79 11.25
CA GLY B 248 -2.85 41.84 9.84
C GLY B 248 -3.60 40.76 9.08
N ILE B 249 -3.53 40.88 7.76
CA ILE B 249 -4.24 39.98 6.85
C ILE B 249 -3.29 39.60 5.73
N SER B 250 -3.15 38.30 5.49
CA SER B 250 -2.39 37.77 4.36
C SER B 250 -3.38 37.29 3.31
N PHE B 251 -3.59 38.13 2.29
CA PHE B 251 -4.51 37.79 1.22
C PHE B 251 -4.15 36.46 0.60
N GLY B 252 -2.86 36.25 0.33
CA GLY B 252 -2.40 34.99 -0.21
C GLY B 252 -2.75 33.79 0.67
N HIS B 253 -2.61 33.94 1.99
CA HIS B 253 -2.91 32.82 2.90
C HIS B 253 -4.41 32.60 3.05
N ASP B 254 -5.21 33.67 2.96
CA ASP B 254 -6.65 33.54 3.04
C ASP B 254 -7.18 32.65 1.92
N ILE B 255 -6.75 32.93 0.69
CA ILE B 255 -7.26 32.22 -0.48
C ILE B 255 -6.61 30.85 -0.63
N GLU B 256 -5.33 30.70 -0.23
CA GLU B 256 -4.68 29.39 -0.26
C GLU B 256 -5.32 28.43 0.74
N ALA B 257 -5.66 28.94 1.93
CA ALA B 257 -6.25 28.09 2.95
C ALA B 257 -7.60 27.53 2.50
N THR B 258 -8.40 28.34 1.79
CA THR B 258 -9.71 27.87 1.35
C THR B 258 -9.59 26.53 0.61
N TRP B 259 -8.71 26.46 -0.38
CA TRP B 259 -8.71 25.24 -1.19
C TRP B 259 -7.90 24.13 -0.56
N LEU B 260 -6.91 24.48 0.27
CA LEU B 260 -6.23 23.45 1.06
C LEU B 260 -7.16 22.89 2.14
N LEU B 261 -7.99 23.75 2.74
CA LEU B 261 -9.01 23.27 3.66
C LEU B 261 -10.05 22.43 2.93
N THR B 262 -10.43 22.84 1.70
CA THR B 262 -11.32 22.02 0.89
C THR B 262 -10.72 20.63 0.66
N GLU B 263 -9.42 20.56 0.35
CA GLU B 263 -8.81 19.25 0.11
C GLU B 263 -8.94 18.35 1.33
N SER B 264 -8.64 18.90 2.51
CA SER B 264 -8.68 18.13 3.74
C SER B 264 -10.09 17.60 4.00
N VAL B 265 -11.08 18.48 3.98
CA VAL B 265 -12.46 18.15 4.34
C VAL B 265 -13.05 17.18 3.32
N GLU B 266 -12.69 17.31 2.04
CA GLU B 266 -13.12 16.31 1.06
C GLU B 266 -12.48 14.95 1.35
N LEU B 267 -11.21 14.95 1.75
CA LEU B 267 -10.57 13.67 2.07
C LEU B 267 -11.25 13.00 3.24
N LEU B 268 -11.78 13.77 4.19
CA LEU B 268 -12.42 13.12 5.33
C LEU B 268 -13.88 12.76 5.05
N TYR B 269 -14.61 13.60 4.31
CA TYR B 269 -16.05 13.39 4.16
C TYR B 269 -16.51 13.25 2.71
N GLY B 270 -15.60 13.20 1.76
CA GLY B 270 -15.97 13.00 0.37
C GLY B 270 -16.74 14.18 -0.23
N ASP B 271 -17.24 13.93 -1.44
CA ASP B 271 -18.03 14.86 -2.24
C ASP B 271 -19.48 14.39 -2.27
N PRO B 272 -20.47 15.25 -1.96
CA PRO B 272 -20.43 16.67 -1.61
C PRO B 272 -19.89 16.93 -0.22
N LEU B 273 -19.18 18.04 -0.04
CA LEU B 273 -18.68 18.40 1.27
C LEU B 273 -19.82 18.87 2.18
N PRO B 274 -19.61 18.90 3.49
CA PRO B 274 -20.70 19.32 4.38
C PRO B 274 -21.06 20.78 4.19
N GLU B 275 -22.33 21.07 4.42
CA GLU B 275 -22.83 22.44 4.31
C GLU B 275 -22.18 23.36 5.33
N TRP B 276 -21.90 22.85 6.53
CA TRP B 276 -21.21 23.71 7.50
C TRP B 276 -19.86 24.17 6.96
N PHE B 277 -19.17 23.34 6.18
CA PHE B 277 -17.91 23.76 5.58
C PHE B 277 -18.12 24.78 4.46
N LEU B 278 -19.05 24.50 3.53
CA LEU B 278 -19.35 25.47 2.48
C LEU B 278 -19.82 26.78 3.09
N SER B 279 -20.56 26.70 4.20
CA SER B 279 -21.02 27.90 4.90
C SER B 279 -19.85 28.69 5.48
N TRP B 280 -18.83 28.01 5.97
CA TRP B 280 -17.73 28.70 6.61
C TRP B 280 -16.77 29.29 5.61
N ILE B 281 -16.59 28.61 4.47
CA ILE B 281 -15.60 29.01 3.49
C ILE B 281 -16.13 30.04 2.49
N ARG B 282 -17.43 30.06 2.24
CA ARG B 282 -17.98 31.06 1.32
C ARG B 282 -17.58 32.48 1.71
N PRO B 283 -17.82 32.96 2.95
CA PRO B 283 -17.40 34.33 3.30
C PRO B 283 -15.93 34.60 3.03
N VAL B 284 -15.09 33.59 3.25
CA VAL B 284 -13.69 33.77 2.96
C VAL B 284 -13.50 33.97 1.45
N MET B 285 -14.08 33.07 0.64
N MET B 285 -14.11 33.09 0.64
CA MET B 285 -13.98 33.23 -0.81
CA MET B 285 -13.96 33.22 -0.81
C MET B 285 -14.51 34.59 -1.24
C MET B 285 -14.58 34.53 -1.32
N GLU B 286 -15.64 35.01 -0.67
CA GLU B 286 -16.28 36.24 -1.12
C GLU B 286 -15.42 37.46 -0.82
N GLU B 287 -14.72 37.48 0.32
CA GLU B 287 -13.84 38.60 0.63
C GLU B 287 -12.66 38.70 -0.34
N THR B 288 -12.09 37.56 -0.73
CA THR B 288 -11.02 37.58 -1.72
C THR B 288 -11.50 38.12 -3.08
N ALA B 289 -12.72 37.75 -3.51
CA ALA B 289 -13.21 38.26 -4.78
C ALA B 289 -13.53 39.76 -4.72
N ARG B 290 -13.97 40.26 -3.55
CA ARG B 290 -14.12 41.71 -3.40
C ARG B 290 -12.76 42.39 -3.41
N ALA B 291 -11.77 41.80 -2.73
CA ALA B 291 -10.40 42.29 -2.77
C ALA B 291 -9.90 42.39 -4.20
N LEU B 292 -10.04 41.30 -4.98
CA LEU B 292 -9.55 41.31 -6.35
C LEU B 292 -10.21 42.41 -7.17
N ASP B 293 -11.50 42.67 -6.92
CA ASP B 293 -12.21 43.74 -7.60
C ASP B 293 -11.76 45.12 -7.10
N THR B 294 -11.78 45.33 -5.78
CA THR B 294 -11.40 46.62 -5.24
C THR B 294 -9.98 47.02 -5.63
N HIS B 295 -9.11 46.05 -5.90
CA HIS B 295 -7.71 46.34 -6.14
C HIS B 295 -7.33 46.18 -7.61
N GLY B 296 -8.31 46.04 -8.50
CA GLY B 296 -8.08 46.23 -9.93
C GLY B 296 -7.68 45.01 -10.72
N GLY B 297 -7.91 43.80 -10.21
CA GLY B 297 -7.67 42.60 -10.99
C GLY B 297 -6.43 41.80 -10.64
N SER B 298 -5.78 42.08 -9.50
CA SER B 298 -4.69 41.25 -8.98
C SER B 298 -4.63 41.43 -7.47
N LEU B 299 -4.00 40.47 -6.78
CA LEU B 299 -4.18 40.65 -5.33
C LEU B 299 -2.96 41.29 -4.69
N PRO B 300 -3.21 42.20 -3.75
CA PRO B 300 -2.13 42.74 -2.92
C PRO B 300 -1.62 41.70 -1.92
N ASN B 301 -0.44 42.00 -1.37
CA ASN B 301 0.25 41.03 -0.51
C ASN B 301 -0.41 40.95 0.86
N GLU B 302 -0.54 42.09 1.55
CA GLU B 302 -1.03 41.96 2.92
C GLU B 302 -1.47 43.32 3.43
N GLN B 303 -2.39 43.27 4.40
CA GLN B 303 -2.79 44.46 5.14
C GLN B 303 -2.10 44.38 6.49
N ARG B 304 -1.20 45.33 6.75
CA ARG B 304 -0.50 45.42 8.01
C ARG B 304 -1.51 45.65 9.15
N GLU B 305 -1.00 45.57 10.38
CA GLU B 305 -1.87 45.75 11.53
C GLU B 305 -2.38 47.18 11.67
N ASP B 306 -1.66 48.18 11.13
CA ASP B 306 -2.17 49.54 11.22
C ASP B 306 -3.18 49.88 10.11
N GLY B 307 -3.54 48.91 9.28
CA GLY B 307 -4.51 49.11 8.22
C GLY B 307 -3.88 49.32 6.85
N SER B 308 -2.65 49.83 6.79
CA SER B 308 -2.02 50.09 5.51
C SER B 308 -1.81 48.77 4.76
N VAL B 309 -1.58 48.89 3.45
CA VAL B 309 -1.66 47.75 2.52
C VAL B 309 -0.36 47.69 1.72
N ASP B 310 0.35 46.57 1.85
CA ASP B 310 1.51 46.27 0.99
C ASP B 310 0.96 45.86 -0.37
N ARG B 311 0.98 46.79 -1.33
CA ARG B 311 0.31 46.60 -2.60
C ARG B 311 1.17 45.89 -3.63
N ALA B 312 2.31 45.31 -3.23
CA ALA B 312 3.06 44.50 -4.18
C ALA B 312 2.24 43.28 -4.59
N ARG B 313 2.42 42.83 -5.80
CA ARG B 313 1.74 41.69 -6.31
C ARG B 313 2.77 40.55 -6.34
N VAL B 314 2.72 39.70 -5.33
CA VAL B 314 3.73 38.66 -5.15
C VAL B 314 3.32 37.45 -5.95
N TRP B 315 4.32 36.74 -6.49
CA TRP B 315 4.07 35.63 -7.41
C TRP B 315 3.18 34.56 -6.77
N TRP B 316 3.48 34.15 -5.54
CA TRP B 316 2.75 33.00 -4.98
C TRP B 316 1.34 33.40 -4.60
N VAL B 317 1.13 34.69 -4.29
CA VAL B 317 -0.18 35.18 -3.91
C VAL B 317 -1.14 35.12 -5.09
N GLN B 318 -0.69 35.58 -6.25
CA GLN B 318 -1.50 35.45 -7.45
C GLN B 318 -1.69 33.99 -7.81
N ALA B 319 -0.64 33.18 -7.66
CA ALA B 319 -0.76 31.77 -8.00
C ALA B 319 -1.83 31.09 -7.17
N GLU B 320 -1.79 31.28 -5.84
CA GLU B 320 -2.79 30.69 -4.98
C GLU B 320 -4.17 31.27 -5.25
N ALA B 321 -4.25 32.56 -5.55
CA ALA B 321 -5.54 33.12 -5.91
C ALA B 321 -6.10 32.40 -7.12
N PHE B 322 -5.23 32.07 -8.08
CA PHE B 322 -5.67 31.34 -9.26
C PHE B 322 -6.33 30.02 -8.89
N VAL B 323 -5.63 29.18 -8.11
CA VAL B 323 -6.17 27.88 -7.71
C VAL B 323 -7.41 28.06 -6.85
N GLY B 324 -7.41 29.05 -5.97
CA GLY B 324 -8.51 29.23 -5.05
C GLY B 324 -9.80 29.61 -5.76
N PHE B 325 -9.69 30.47 -6.77
CA PHE B 325 -10.88 30.83 -7.54
C PHE B 325 -11.41 29.63 -8.30
N LEU B 326 -10.53 28.82 -8.89
CA LEU B 326 -10.99 27.59 -9.55
C LEU B 326 -11.69 26.67 -8.55
N ASN B 327 -11.14 26.58 -7.34
CA ASN B 327 -11.77 25.81 -6.29
C ASN B 327 -13.12 26.39 -5.91
N ALA B 328 -13.19 27.70 -5.73
CA ALA B 328 -14.48 28.32 -5.40
C ALA B 328 -15.57 28.01 -6.45
N TYR B 329 -15.22 28.02 -7.74
CA TYR B 329 -16.23 27.69 -8.74
C TYR B 329 -16.72 26.27 -8.56
N SER B 330 -15.80 25.33 -8.40
CA SER B 330 -16.18 23.94 -8.30
C SER B 330 -16.99 23.68 -7.04
N LEU B 331 -16.82 24.51 -6.02
CA LEU B 331 -17.59 24.36 -4.80
C LEU B 331 -18.95 25.05 -4.88
N PHE B 332 -19.03 26.21 -5.53
CA PHE B 332 -20.26 26.99 -5.44
C PHE B 332 -20.97 27.17 -6.78
N GLU B 333 -20.51 26.50 -7.83
CA GLU B 333 -21.13 26.56 -9.15
C GLU B 333 -21.45 28.00 -9.55
N GLU B 334 -20.45 28.87 -9.41
CA GLU B 334 -20.60 30.30 -9.66
C GLU B 334 -19.60 30.75 -10.70
N PRO B 335 -20.01 30.93 -11.96
CA PRO B 335 -19.03 31.16 -13.03
C PRO B 335 -18.21 32.43 -12.86
N ARG B 336 -18.67 33.41 -12.08
CA ARG B 336 -17.84 34.58 -11.81
C ARG B 336 -16.52 34.24 -11.12
N TYR B 337 -16.44 33.11 -10.40
CA TYR B 337 -15.14 32.71 -9.88
C TYR B 337 -14.21 32.31 -11.01
N LEU B 338 -14.77 31.74 -12.08
CA LEU B 338 -14.00 31.41 -13.26
C LEU B 338 -13.51 32.68 -13.96
N ASP B 339 -14.33 33.73 -14.00
CA ASP B 339 -13.85 35.03 -14.47
C ASP B 339 -12.64 35.49 -13.66
N HIS B 340 -12.76 35.43 -12.33
CA HIS B 340 -11.68 35.85 -11.44
C HIS B 340 -10.41 35.05 -11.71
N ALA B 341 -10.56 33.74 -11.92
CA ALA B 341 -9.38 32.90 -12.13
C ALA B 341 -8.69 33.26 -13.45
N CYS B 342 -9.48 33.57 -14.48
N CYS B 342 -9.49 33.57 -14.48
CA CYS B 342 -8.92 34.00 -15.76
CA CYS B 342 -8.94 34.00 -15.76
C CYS B 342 -8.24 35.36 -15.64
C CYS B 342 -8.26 35.36 -15.67
N THR B 343 -8.85 36.30 -14.93
CA THR B 343 -8.23 37.60 -14.70
C THR B 343 -6.87 37.45 -14.03
N VAL B 344 -6.79 36.61 -12.99
CA VAL B 344 -5.53 36.44 -12.28
C VAL B 344 -4.50 35.77 -13.18
N TRP B 345 -4.90 34.71 -13.90
CA TRP B 345 -3.95 34.04 -14.77
C TRP B 345 -3.41 34.97 -15.86
N ARG B 346 -4.24 35.91 -16.35
CA ARG B 346 -3.73 36.84 -17.36
C ARG B 346 -2.77 37.85 -16.77
N PHE B 347 -2.96 38.18 -15.48
CA PHE B 347 -2.03 39.07 -14.81
C PHE B 347 -0.67 38.39 -14.63
N ILE B 348 -0.68 37.10 -14.27
CA ILE B 348 0.55 36.34 -14.20
C ILE B 348 1.24 36.29 -15.56
N MET B 349 0.47 35.99 -16.63
CA MET B 349 1.06 35.84 -17.97
C MET B 349 1.56 37.18 -18.52
N ASP B 350 0.88 38.27 -18.18
CA ASP B 350 1.27 39.58 -18.68
C ASP B 350 2.46 40.17 -17.91
N HIS B 351 2.64 39.80 -16.65
CA HIS B 351 3.61 40.55 -15.85
C HIS B 351 4.52 39.72 -14.96
N LEU B 352 4.09 38.59 -14.40
CA LEU B 352 4.92 37.88 -13.44
C LEU B 352 5.84 36.86 -14.10
N VAL B 353 5.50 36.41 -15.30
CA VAL B 353 6.40 35.58 -16.09
C VAL B 353 7.58 36.42 -16.56
N ASP B 354 8.81 35.96 -16.27
CA ASP B 354 10.03 36.61 -16.72
C ASP B 354 10.52 35.89 -17.97
N ARG B 355 10.32 36.50 -19.14
CA ARG B 355 10.71 35.85 -20.39
C ARG B 355 12.12 36.20 -20.84
N GLU B 356 12.73 37.22 -20.24
CA GLU B 356 14.15 37.45 -20.50
C GLU B 356 15.01 36.58 -19.58
N GLY B 357 14.81 36.72 -18.27
CA GLY B 357 15.64 36.04 -17.28
C GLY B 357 15.15 34.66 -16.88
N GLY B 358 13.88 34.34 -17.16
CA GLY B 358 13.37 33.01 -16.89
C GLY B 358 12.63 32.93 -15.57
N GLU B 359 11.78 31.91 -15.47
CA GLU B 359 10.93 31.66 -14.30
C GLU B 359 10.00 32.86 -14.15
N TRP B 360 9.58 33.16 -12.92
CA TRP B 360 8.68 34.28 -12.59
C TRP B 360 9.37 35.25 -11.65
N PHE B 361 8.94 36.52 -11.69
CA PHE B 361 9.46 37.48 -10.73
C PHE B 361 8.86 37.24 -9.35
N TRP B 362 9.64 37.54 -8.31
CA TRP B 362 9.11 37.52 -6.95
C TRP B 362 7.86 38.39 -6.82
N ALA B 363 7.86 39.55 -7.48
CA ALA B 363 6.75 40.47 -7.37
C ALA B 363 6.87 41.56 -8.42
N VAL B 364 5.72 42.12 -8.76
CA VAL B 364 5.62 43.27 -9.65
C VAL B 364 4.65 44.27 -9.03
N THR B 365 4.72 45.51 -9.50
CA THR B 365 3.82 46.56 -9.06
C THR B 365 2.41 46.24 -9.52
N PRO B 366 1.40 46.93 -8.98
CA PRO B 366 0.03 46.76 -9.51
C PRO B 366 -0.07 47.05 -11.00
N GLU B 367 0.78 47.93 -11.52
CA GLU B 367 0.86 48.14 -12.96
C GLU B 367 1.65 47.04 -13.67
N GLY B 368 2.41 46.23 -12.93
CA GLY B 368 3.12 45.11 -13.51
C GLY B 368 4.61 45.29 -13.70
N SER B 369 5.19 46.34 -13.15
CA SER B 369 6.63 46.31 -13.36
C SER B 369 7.29 45.52 -12.24
N PRO B 370 8.36 44.79 -12.55
CA PRO B 370 8.99 43.94 -11.53
C PRO B 370 9.78 44.75 -10.51
N LEU B 371 9.70 44.32 -9.26
CA LEU B 371 10.46 44.91 -8.16
C LEU B 371 11.91 44.43 -8.15
N ALA B 372 12.85 45.38 -7.99
CA ALA B 372 14.28 45.07 -7.86
C ALA B 372 14.61 44.57 -6.45
N GLY B 373 15.76 43.92 -6.34
CA GLY B 373 16.25 43.47 -5.05
C GLY B 373 15.55 42.25 -4.46
N TYR B 374 15.00 41.37 -5.30
CA TYR B 374 14.40 40.12 -4.84
C TYR B 374 15.04 38.96 -5.57
N GLU B 375 15.16 37.84 -4.88
CA GLU B 375 15.72 36.67 -5.51
C GLU B 375 14.74 36.08 -6.53
N LYS B 376 15.28 35.33 -7.44
CA LYS B 376 14.51 34.53 -8.32
C LYS B 376 14.27 33.19 -7.59
N GLY B 377 15.27 32.72 -6.86
CA GLY B 377 15.23 31.51 -6.08
C GLY B 377 16.02 31.64 -4.80
N GLY B 378 15.58 30.95 -3.78
CA GLY B 378 16.21 30.96 -2.50
C GLY B 378 15.46 30.26 -1.42
N MET B 379 15.69 30.67 -0.20
CA MET B 379 15.03 30.13 0.95
C MET B 379 13.51 30.20 0.89
N TRP B 380 12.99 31.27 0.35
CA TRP B 380 11.61 31.46 0.24
C TRP B 380 11.00 31.25 -1.16
N LYS B 381 11.76 31.35 -2.22
CA LYS B 381 11.21 31.14 -3.54
C LYS B 381 11.82 29.93 -4.19
N ALA B 382 10.95 28.98 -4.45
CA ALA B 382 11.35 27.77 -5.08
C ALA B 382 10.47 27.42 -6.29
N SER B 383 10.21 26.15 -6.54
CA SER B 383 9.43 25.75 -7.68
C SER B 383 8.00 25.29 -7.42
N TYR B 384 7.63 25.26 -6.16
CA TYR B 384 6.37 24.75 -5.67
C TYR B 384 5.06 25.50 -5.92
N HIS B 385 4.93 26.73 -5.52
CA HIS B 385 3.70 27.45 -5.70
C HIS B 385 3.25 27.52 -7.17
N ASN B 386 4.17 27.90 -8.03
CA ASN B 386 3.91 28.02 -9.43
C ASN B 386 3.72 26.73 -10.16
N SER B 387 4.54 25.74 -9.90
CA SER B 387 4.34 24.46 -10.53
C SER B 387 3.02 23.87 -10.02
N ARG B 388 2.71 24.06 -8.77
CA ARG B 388 1.44 23.51 -8.26
C ARG B 388 0.23 24.16 -8.93
N ALA B 389 0.29 25.47 -9.15
CA ALA B 389 -0.84 26.15 -9.77
C ALA B 389 -1.07 25.65 -11.19
N CYS B 390 0.01 25.34 -11.91
CA CYS B 390 -0.14 24.72 -13.23
C CYS B 390 -0.77 23.33 -13.12
N LEU B 391 -0.27 22.51 -12.21
CA LEU B 391 -0.79 21.15 -12.07
C LEU B 391 -2.27 21.17 -11.65
N GLU B 392 -2.58 21.92 -10.61
CA GLU B 392 -3.97 22.05 -10.17
C GLU B 392 -4.82 22.72 -11.24
N GLY B 393 -4.30 23.77 -11.90
CA GLY B 393 -5.04 24.39 -12.99
C GLY B 393 -5.41 23.39 -14.07
N MET B 394 -4.46 22.55 -14.47
CA MET B 394 -4.71 21.61 -15.55
C MET B 394 -5.71 20.54 -15.13
N ARG B 395 -5.55 19.99 -13.92
CA ARG B 395 -6.49 18.97 -13.48
C ARG B 395 -7.89 19.56 -13.32
N ARG B 396 -7.98 20.75 -12.72
CA ARG B 396 -9.29 21.29 -12.42
C ARG B 396 -10.03 21.75 -13.67
N ILE B 397 -9.29 22.27 -14.65
CA ILE B 397 -9.94 22.78 -15.85
C ILE B 397 -10.32 21.64 -16.77
N ASP B 398 -9.48 20.60 -16.82
CA ASP B 398 -9.84 19.37 -17.52
C ASP B 398 -11.21 18.85 -17.04
N THR B 399 -11.35 18.69 -15.72
CA THR B 399 -12.61 18.27 -15.11
C THR B 399 -13.78 19.16 -15.54
N ILE B 400 -13.56 20.47 -15.53
CA ILE B 400 -14.63 21.40 -15.89
C ILE B 400 -14.99 21.28 -17.36
N LEU B 401 -13.99 21.17 -18.24
CA LEU B 401 -14.28 21.10 -19.67
C LEU B 401 -14.97 19.79 -20.04
N GLU B 402 -14.69 18.71 -19.31
CA GLU B 402 -15.28 17.44 -19.67
C GLU B 402 -16.65 17.24 -19.03
N GLU B 403 -16.79 17.59 -17.75
CA GLU B 403 -18.05 17.38 -17.06
C GLU B 403 -19.13 18.29 -17.62
N GLU B 404 -18.86 19.58 -17.68
CA GLU B 404 -19.77 20.56 -18.24
C GLU B 404 -19.89 20.38 -19.76
N PRO C 4 26.47 -41.00 -38.50
CA PRO C 4 27.55 -40.04 -38.70
C PRO C 4 28.23 -40.12 -40.08
N THR C 5 28.49 -41.32 -40.59
CA THR C 5 29.34 -41.49 -41.76
C THR C 5 28.62 -41.00 -43.02
N THR C 6 29.24 -41.29 -44.18
CA THR C 6 28.67 -41.04 -45.51
C THR C 6 28.60 -39.55 -45.85
N LEU C 7 28.40 -38.71 -44.85
CA LEU C 7 28.28 -37.27 -45.04
C LEU C 7 29.57 -36.52 -44.72
N ARG C 8 30.60 -37.19 -44.20
CA ARG C 8 31.84 -36.50 -43.87
C ARG C 8 32.48 -35.76 -45.04
N PRO C 9 32.47 -36.27 -46.28
CA PRO C 9 33.06 -35.45 -47.36
C PRO C 9 32.23 -34.23 -47.69
N THR C 10 30.90 -34.39 -47.82
CA THR C 10 30.02 -33.24 -48.01
C THR C 10 30.11 -32.28 -46.84
N LEU C 11 30.19 -32.82 -45.62
CA LEU C 11 30.39 -31.97 -44.46
C LEU C 11 31.74 -31.27 -44.51
N ARG C 12 32.76 -31.93 -45.08
CA ARG C 12 34.06 -31.29 -45.22
C ARG C 12 34.02 -30.19 -46.28
N GLN C 13 33.36 -30.45 -47.42
CA GLN C 13 33.25 -29.42 -48.44
C GLN C 13 32.53 -28.19 -47.91
N ILE C 14 31.38 -28.39 -47.27
CA ILE C 14 30.59 -27.27 -46.75
C ILE C 14 31.45 -26.38 -45.83
N ARG C 15 32.29 -26.99 -45.00
CA ARG C 15 33.16 -26.20 -44.13
C ARG C 15 34.05 -25.26 -44.95
N SER C 16 34.69 -25.80 -46.00
CA SER C 16 35.50 -24.96 -46.87
C SER C 16 34.66 -23.87 -47.53
N GLU C 17 33.44 -24.21 -47.97
CA GLU C 17 32.57 -23.20 -48.57
C GLU C 17 32.19 -22.12 -47.58
N LEU C 18 32.04 -22.47 -46.30
CA LEU C 18 31.72 -21.47 -45.28
C LEU C 18 32.84 -20.45 -45.13
N ALA C 19 34.08 -20.94 -45.00
CA ALA C 19 35.23 -20.05 -44.94
C ALA C 19 35.30 -19.19 -46.19
N ALA C 20 35.25 -19.82 -47.37
CA ALA C 20 35.36 -19.07 -48.60
C ALA C 20 34.26 -18.02 -48.72
N GLN C 21 33.02 -18.43 -48.47
CA GLN C 21 31.88 -17.50 -48.51
C GLN C 21 32.14 -16.29 -47.65
N LEU C 22 32.60 -16.51 -46.42
CA LEU C 22 32.77 -15.39 -45.49
C LEU C 22 34.00 -14.56 -45.88
N PHE C 23 35.14 -15.21 -46.10
CA PHE C 23 36.40 -14.48 -46.26
C PHE C 23 36.69 -14.05 -47.69
N ASP C 24 36.16 -14.75 -48.69
CA ASP C 24 36.46 -14.41 -50.07
C ASP C 24 35.33 -13.66 -50.76
N HIS C 25 34.12 -13.73 -50.21
CA HIS C 25 32.95 -13.19 -50.91
C HIS C 25 32.25 -12.12 -50.09
N ILE C 26 31.73 -12.47 -48.92
CA ILE C 26 30.93 -11.59 -48.06
C ILE C 26 31.77 -10.41 -47.60
N LEU C 27 32.75 -10.67 -46.72
CA LEU C 27 33.52 -9.57 -46.15
C LEU C 27 34.23 -8.70 -47.17
N PRO C 28 34.81 -9.22 -48.27
CA PRO C 28 35.35 -8.31 -49.30
C PRO C 28 34.29 -7.39 -49.88
N PHE C 29 33.04 -7.84 -49.94
CA PHE C 29 31.98 -6.94 -50.36
C PHE C 29 31.83 -5.78 -49.38
N TRP C 30 31.68 -6.10 -48.09
CA TRP C 30 31.31 -5.03 -47.18
C TRP C 30 32.50 -4.13 -46.86
N LEU C 31 33.71 -4.67 -46.91
CA LEU C 31 34.92 -3.85 -46.80
C LEU C 31 34.90 -2.70 -47.80
N GLY C 32 34.45 -2.97 -49.04
CA GLY C 32 34.34 -1.96 -50.07
C GLY C 32 33.16 -1.01 -49.94
N GLN C 33 32.36 -1.13 -48.88
CA GLN C 33 31.14 -0.35 -48.71
C GLN C 33 31.25 0.68 -47.60
N GLN C 34 32.46 0.96 -47.12
CA GLN C 34 32.64 1.98 -46.10
C GLN C 34 32.68 3.37 -46.74
N ASP C 35 32.10 4.34 -46.03
CA ASP C 35 31.98 5.70 -46.53
C ASP C 35 33.25 6.49 -46.20
N PRO C 36 34.12 6.80 -47.18
CA PRO C 36 35.34 7.57 -46.86
C PRO C 36 35.09 9.04 -46.62
N ILE C 37 33.99 9.59 -47.14
CA ILE C 37 33.66 10.98 -46.88
C ILE C 37 33.24 11.17 -45.42
N HIS C 38 32.23 10.41 -44.99
CA HIS C 38 31.62 10.64 -43.68
C HIS C 38 31.93 9.59 -42.63
N GLY C 39 32.47 8.43 -43.02
CA GLY C 39 32.69 7.36 -42.08
C GLY C 39 31.53 6.36 -42.03
N GLY C 40 31.82 5.20 -41.46
CA GLY C 40 30.80 4.18 -41.32
C GLY C 40 30.63 3.39 -42.60
N PHE C 41 29.39 3.25 -43.06
CA PHE C 41 29.03 2.39 -44.17
C PHE C 41 27.85 3.00 -44.89
N TYR C 42 27.86 2.96 -46.22
CA TYR C 42 26.75 3.48 -47.01
C TYR C 42 25.45 2.84 -46.56
N GLY C 43 24.40 3.67 -46.47
CA GLY C 43 23.13 3.27 -45.91
C GLY C 43 22.27 2.39 -46.79
N SER C 44 22.57 2.29 -48.09
CA SER C 44 21.72 1.55 -49.00
C SER C 44 22.51 1.23 -50.24
N ILE C 45 22.41 0.00 -50.71
CA ILE C 45 23.04 -0.45 -51.96
C ILE C 45 22.01 -1.24 -52.75
N THR C 46 22.02 -1.07 -54.07
CA THR C 46 21.35 -2.03 -54.94
C THR C 46 22.34 -2.54 -55.96
N THR C 47 22.37 -1.92 -57.15
CA THR C 47 23.50 -2.17 -58.05
C THR C 47 24.79 -1.55 -57.52
N GLY C 48 24.68 -0.41 -56.84
CA GLY C 48 25.79 0.28 -56.23
C GLY C 48 25.28 1.19 -55.12
N PRO C 49 26.19 1.61 -54.22
CA PRO C 49 25.73 2.33 -53.02
C PRO C 49 25.13 3.68 -53.34
N ASP C 50 24.20 4.11 -52.48
CA ASP C 50 23.63 5.45 -52.54
C ASP C 50 24.24 6.26 -51.41
N PRO C 51 25.14 7.21 -51.69
CA PRO C 51 25.75 8.01 -50.60
C PRO C 51 24.81 9.04 -49.97
N THR C 52 23.64 9.29 -50.57
CA THR C 52 22.58 10.08 -49.96
C THR C 52 21.76 9.28 -48.96
N ALA C 53 21.97 7.97 -48.89
CA ALA C 53 21.04 7.11 -48.16
C ALA C 53 21.20 7.31 -46.66
N PRO C 54 20.09 7.39 -45.91
CA PRO C 54 20.18 7.34 -44.46
C PRO C 54 20.86 6.06 -43.97
N LYS C 55 21.60 6.19 -42.88
CA LYS C 55 22.38 5.12 -42.27
C LYS C 55 21.69 4.68 -40.98
N GLY C 56 21.41 3.39 -40.88
CA GLY C 56 20.60 2.90 -39.78
C GLY C 56 21.43 2.40 -38.60
N LEU C 57 20.83 2.51 -37.41
CA LEU C 57 21.43 1.93 -36.22
C LEU C 57 21.68 0.45 -36.41
N VAL C 58 20.62 -0.30 -36.75
CA VAL C 58 20.74 -1.75 -36.86
C VAL C 58 21.84 -2.13 -37.87
N MET C 59 21.86 -1.46 -39.02
CA MET C 59 22.84 -1.77 -40.06
C MET C 59 24.27 -1.42 -39.63
N THR C 60 24.44 -0.26 -39.01
CA THR C 60 25.77 0.09 -38.54
C THR C 60 26.25 -0.91 -37.50
N ALA C 61 25.42 -1.23 -36.51
CA ALA C 61 25.84 -2.08 -35.40
C ALA C 61 26.14 -3.50 -35.88
N ARG C 62 25.35 -4.01 -36.84
CA ARG C 62 25.61 -5.30 -37.45
C ARG C 62 27.00 -5.36 -38.09
N HIS C 63 27.40 -4.28 -38.78
CA HIS C 63 28.73 -4.29 -39.39
C HIS C 63 29.80 -4.26 -38.31
N LEU C 64 29.61 -3.43 -37.26
CA LEU C 64 30.52 -3.44 -36.13
C LEU C 64 30.70 -4.85 -35.58
N TRP C 65 29.59 -5.57 -35.37
CA TRP C 65 29.66 -6.94 -34.87
C TRP C 65 30.40 -7.84 -35.85
N THR C 66 30.04 -7.76 -37.13
CA THR C 66 30.58 -8.70 -38.11
C THR C 66 32.09 -8.55 -38.23
N PHE C 67 32.59 -7.31 -38.34
CA PHE C 67 34.03 -7.16 -38.52
C PHE C 67 34.79 -7.37 -37.21
N SER C 68 34.17 -7.11 -36.06
CA SER C 68 34.78 -7.52 -34.81
C SER C 68 34.95 -9.04 -34.77
N GLN C 69 33.87 -9.77 -35.09
CA GLN C 69 33.95 -11.23 -35.06
C GLN C 69 34.92 -11.75 -36.09
N ALA C 70 35.00 -11.08 -37.24
CA ALA C 70 35.95 -11.48 -38.27
C ALA C 70 37.40 -11.25 -37.82
N PHE C 71 37.65 -10.19 -37.05
CA PHE C 71 38.97 -9.99 -36.49
C PHE C 71 39.34 -11.14 -35.54
N LEU C 72 38.40 -11.53 -34.67
CA LEU C 72 38.67 -12.63 -33.75
C LEU C 72 38.87 -13.93 -34.51
N SER C 73 38.09 -14.16 -35.56
CA SER C 73 38.26 -15.32 -36.41
C SER C 73 39.66 -15.34 -37.04
N ARG C 74 39.94 -14.34 -37.87
CA ARG C 74 41.21 -14.17 -38.56
C ARG C 74 41.61 -12.71 -38.41
N PRO C 75 42.56 -12.40 -37.51
CA PRO C 75 42.92 -10.99 -37.25
C PRO C 75 43.79 -10.35 -38.33
N ASN C 76 43.16 -10.04 -39.48
CA ASN C 76 43.82 -9.18 -40.45
C ASN C 76 43.40 -7.74 -40.20
N PRO C 77 44.35 -6.78 -40.11
CA PRO C 77 44.01 -5.40 -39.73
C PRO C 77 42.91 -4.74 -40.56
N ALA C 78 42.64 -5.24 -41.78
CA ALA C 78 41.55 -4.70 -42.57
C ALA C 78 40.22 -4.86 -41.85
N TYR C 79 40.00 -6.03 -41.22
CA TYR C 79 38.78 -6.24 -40.44
C TYR C 79 38.76 -5.33 -39.22
N LEU C 80 39.92 -5.14 -38.58
CA LEU C 80 39.96 -4.30 -37.39
C LEU C 80 39.72 -2.84 -37.73
N GLU C 81 40.17 -2.38 -38.90
CA GLU C 81 39.92 -1.01 -39.30
C GLU C 81 38.45 -0.81 -39.61
N ALA C 82 37.87 -1.73 -40.39
CA ALA C 82 36.43 -1.73 -40.64
C ALA C 82 35.65 -1.63 -39.34
N ALA C 83 35.93 -2.52 -38.39
CA ALA C 83 35.31 -2.46 -37.07
C ALA C 83 35.42 -1.07 -36.45
N GLY C 84 36.63 -0.49 -36.43
CA GLY C 84 36.80 0.84 -35.87
C GLY C 84 36.04 1.92 -36.62
N ASN C 85 35.93 1.78 -37.92
CA ASN C 85 35.12 2.71 -38.68
C ASN C 85 33.65 2.64 -38.26
N ALA C 86 33.10 1.42 -38.22
CA ALA C 86 31.74 1.23 -37.69
C ALA C 86 31.62 1.82 -36.30
N TYR C 87 32.65 1.62 -35.47
CA TYR C 87 32.58 2.01 -34.07
C TYR C 87 32.51 3.50 -33.90
N ARG C 88 33.42 4.24 -34.53
CA ARG C 88 33.38 5.67 -34.36
CA ARG C 88 33.41 5.70 -34.43
C ARG C 88 32.08 6.25 -34.93
N PHE C 89 31.57 5.71 -36.03
CA PHE C 89 30.30 6.19 -36.54
C PHE C 89 29.15 5.86 -35.59
N LEU C 90 29.11 4.65 -35.05
CA LEU C 90 28.05 4.30 -34.11
C LEU C 90 28.06 5.24 -32.90
N THR C 91 29.24 5.55 -32.38
CA THR C 91 29.32 6.27 -31.11
C THR C 91 29.43 7.77 -31.25
N HIS C 92 29.74 8.30 -32.45
CA HIS C 92 29.82 9.74 -32.65
C HIS C 92 28.72 10.27 -33.55
N ALA C 93 27.89 9.40 -34.12
CA ALA C 93 26.74 9.83 -34.92
C ALA C 93 25.44 9.26 -34.38
N LEU C 94 25.30 7.94 -34.29
CA LEU C 94 24.08 7.31 -33.85
C LEU C 94 23.85 7.42 -32.34
N TYR C 95 24.90 7.70 -31.57
CA TYR C 95 24.77 7.83 -30.13
C TYR C 95 24.13 9.15 -29.74
N ASP C 96 23.15 9.10 -28.83
CA ASP C 96 22.48 10.30 -28.33
C ASP C 96 23.19 10.74 -27.05
N ALA C 97 24.10 11.72 -27.17
CA ALA C 97 24.86 12.15 -26.01
C ALA C 97 23.98 12.78 -24.94
N THR C 98 22.84 13.35 -25.32
CA THR C 98 21.99 14.03 -24.34
C THR C 98 21.09 13.06 -23.58
N HIS C 99 20.40 12.15 -24.28
CA HIS C 99 19.45 11.27 -23.62
C HIS C 99 19.96 9.84 -23.44
N ARG C 100 21.16 9.53 -23.94
CA ARG C 100 21.77 8.21 -23.86
C ARG C 100 21.04 7.27 -24.82
N GLY C 101 21.59 6.07 -25.04
CA GLY C 101 21.05 5.22 -26.06
C GLY C 101 21.38 5.75 -27.44
N PHE C 102 20.84 5.07 -28.46
CA PHE C 102 21.19 5.33 -29.85
C PHE C 102 19.95 5.65 -30.67
N PHE C 103 20.04 6.72 -31.47
CA PHE C 103 19.00 7.04 -32.44
C PHE C 103 18.81 5.89 -33.43
N TRP C 104 17.65 5.91 -34.11
CA TRP C 104 17.32 4.83 -35.03
C TRP C 104 18.09 4.93 -36.33
N SER C 105 18.20 6.14 -36.86
CA SER C 105 18.95 6.37 -38.10
C SER C 105 19.59 7.74 -38.01
N VAL C 106 20.62 7.96 -38.84
CA VAL C 106 21.27 9.25 -39.01
C VAL C 106 21.27 9.58 -40.50
N HIS C 107 21.51 10.85 -40.80
CA HIS C 107 21.78 11.28 -42.16
C HIS C 107 23.16 10.77 -42.57
N PRO C 108 23.51 10.81 -43.86
CA PRO C 108 24.84 10.31 -44.25
C PRO C 108 25.97 10.98 -43.51
N ASP C 109 25.76 12.21 -43.03
CA ASP C 109 26.79 12.96 -42.30
C ASP C 109 26.69 12.79 -40.79
N GLY C 110 25.79 11.92 -40.31
CA GLY C 110 25.68 11.64 -38.90
C GLY C 110 24.74 12.55 -38.14
N THR C 111 24.26 13.62 -38.78
CA THR C 111 23.16 14.42 -38.24
C THR C 111 21.98 13.49 -37.93
N PRO C 112 21.35 13.61 -36.77
CA PRO C 112 20.26 12.66 -36.43
C PRO C 112 19.09 12.80 -37.41
N LEU C 113 18.45 11.67 -37.70
CA LEU C 113 17.27 11.67 -38.55
C LEU C 113 16.08 11.15 -37.76
N SER C 114 16.01 9.83 -37.55
CA SER C 114 14.99 9.25 -36.70
C SER C 114 15.54 9.18 -35.29
N ARG C 115 14.92 9.91 -34.37
CA ARG C 115 15.44 9.99 -33.01
C ARG C 115 14.77 9.01 -32.05
N VAL C 116 13.89 8.14 -32.55
CA VAL C 116 13.21 7.19 -31.66
C VAL C 116 14.22 6.20 -31.11
N LYS C 117 14.02 5.76 -29.87
CA LYS C 117 14.88 4.75 -29.22
C LYS C 117 14.20 3.39 -29.34
N LYS C 118 14.50 2.66 -30.39
CA LYS C 118 13.94 1.33 -30.54
C LYS C 118 14.79 0.32 -29.77
N LEU C 119 14.11 -0.51 -28.97
CA LEU C 119 14.84 -1.45 -28.15
C LEU C 119 15.52 -2.50 -29.00
N TYR C 120 14.90 -2.85 -30.13
CA TYR C 120 15.53 -3.73 -31.09
C TYR C 120 16.90 -3.21 -31.51
N GLY C 121 16.96 -1.92 -31.89
CA GLY C 121 18.23 -1.36 -32.33
C GLY C 121 19.21 -1.20 -31.19
N ASN C 122 18.72 -0.82 -30.01
CA ASN C 122 19.63 -0.61 -28.90
C ASN C 122 20.14 -1.93 -28.36
N ALA C 123 19.39 -3.02 -28.57
CA ALA C 123 19.94 -4.34 -28.31
C ALA C 123 21.11 -4.63 -29.26
N PHE C 124 20.93 -4.34 -30.55
CA PHE C 124 21.99 -4.66 -31.49
C PHE C 124 23.25 -3.85 -31.23
N ALA C 125 23.15 -2.70 -30.56
CA ALA C 125 24.33 -1.94 -30.17
C ALA C 125 25.09 -2.64 -29.04
N VAL C 126 24.35 -3.09 -28.01
CA VAL C 126 24.97 -3.86 -26.94
C VAL C 126 25.65 -5.10 -27.50
N TYR C 127 24.92 -5.84 -28.34
CA TYR C 127 25.44 -7.00 -29.04
C TYR C 127 26.79 -6.68 -29.68
N ALA C 128 26.86 -5.57 -30.38
CA ALA C 128 28.01 -5.29 -31.22
C ALA C 128 29.13 -4.60 -30.46
N LEU C 129 28.78 -3.82 -29.43
CA LEU C 129 29.80 -3.17 -28.60
C LEU C 129 30.56 -4.20 -27.79
N ALA C 130 29.85 -5.22 -27.29
CA ALA C 130 30.49 -6.29 -26.54
C ALA C 130 31.40 -7.11 -27.44
N ALA C 131 30.98 -7.34 -28.67
CA ALA C 131 31.83 -8.07 -29.55
C ALA C 131 33.09 -7.23 -29.89
N TYR C 132 32.93 -5.95 -30.00
CA TYR C 132 34.02 -5.06 -30.34
C TYR C 132 34.97 -4.90 -29.16
N HIS C 133 34.43 -4.92 -27.95
CA HIS C 133 35.25 -4.86 -26.78
C HIS C 133 36.11 -6.10 -26.74
N THR C 134 35.55 -7.25 -27.05
CA THR C 134 36.28 -8.44 -27.08
C THR C 134 37.35 -8.41 -28.16
N ALA C 135 37.07 -7.87 -29.34
CA ALA C 135 38.03 -7.88 -30.40
C ALA C 135 39.13 -6.83 -30.29
N SER C 136 38.80 -5.67 -29.77
CA SER C 136 39.75 -4.59 -29.74
C SER C 136 40.37 -4.22 -28.39
N GLY C 137 39.67 -4.54 -27.34
CA GLY C 137 40.10 -4.24 -26.02
C GLY C 137 39.65 -2.89 -25.59
N ASP C 138 38.91 -2.20 -26.44
CA ASP C 138 38.46 -0.88 -26.15
C ASP C 138 37.49 -0.80 -25.00
N ARG C 139 37.96 -0.25 -23.88
CA ARG C 139 37.14 -0.12 -22.68
C ARG C 139 35.88 0.73 -22.88
N GLU C 140 36.02 1.83 -23.62
CA GLU C 140 34.92 2.70 -23.85
C GLU C 140 33.73 1.93 -24.42
N ALA C 141 33.98 0.99 -25.28
CA ALA C 141 32.94 0.24 -25.86
C ALA C 141 32.17 -0.55 -24.80
N LEU C 142 32.86 -1.14 -23.85
CA LEU C 142 32.18 -1.93 -22.83
C LEU C 142 31.43 -1.03 -21.86
N THR C 143 32.05 0.08 -21.44
CA THR C 143 31.35 1.09 -20.66
C THR C 143 30.05 1.50 -21.35
N LEU C 144 30.13 1.77 -22.65
CA LEU C 144 28.97 2.17 -23.43
C LEU C 144 27.93 1.06 -23.50
N ALA C 145 28.39 -0.19 -23.58
CA ALA C 145 27.48 -1.33 -23.52
C ALA C 145 26.72 -1.34 -22.21
N TRP C 146 27.43 -1.15 -21.09
CA TRP C 146 26.75 -1.22 -19.80
C TRP C 146 25.75 -0.09 -19.65
N GLU C 147 26.07 1.10 -20.17
CA GLU C 147 25.14 2.22 -20.05
C GLU C 147 23.87 1.94 -20.84
N THR C 148 24.01 1.33 -22.01
CA THR C 148 22.83 0.95 -22.76
C THR C 148 22.07 -0.18 -22.06
N PHE C 149 22.78 -1.18 -21.56
CA PHE C 149 22.12 -2.25 -20.81
C PHE C 149 21.29 -1.69 -19.66
N ASP C 150 21.85 -0.73 -18.93
CA ASP C 150 21.15 -0.14 -17.78
C ASP C 150 19.92 0.64 -18.22
N LEU C 151 19.99 1.28 -19.39
CA LEU C 151 18.82 1.98 -19.93
C LEU C 151 17.69 1.01 -20.24
N LEU C 152 18.02 -0.10 -20.92
CA LEU C 152 16.99 -1.07 -21.26
C LEU C 152 16.41 -1.70 -20.01
N GLU C 153 17.23 -1.91 -18.99
CA GLU C 153 16.72 -2.52 -17.78
C GLU C 153 15.86 -1.52 -17.00
N ASP C 154 16.38 -0.30 -16.80
CA ASP C 154 15.68 0.68 -15.97
C ASP C 154 14.54 1.35 -16.70
N ARG C 155 14.67 1.57 -18.00
CA ARG C 155 13.62 2.23 -18.77
C ARG C 155 12.78 1.26 -19.59
N GLY C 156 13.41 0.25 -20.20
CA GLY C 156 12.69 -0.62 -21.11
C GLY C 156 11.79 -1.62 -20.41
N ARG C 157 12.25 -2.19 -19.30
CA ARG C 157 11.52 -3.28 -18.65
C ARG C 157 10.13 -2.86 -18.21
N ASP C 158 9.15 -3.73 -18.46
CA ASP C 158 7.83 -3.58 -17.87
C ASP C 158 7.83 -4.44 -16.61
N ARG C 159 7.90 -3.78 -15.45
CA ARG C 159 8.02 -4.46 -14.19
C ARG C 159 6.70 -5.05 -13.70
N ARG C 160 5.56 -4.67 -14.30
CA ARG C 160 4.29 -5.25 -13.90
C ARG C 160 4.02 -6.58 -14.61
N HIS C 161 4.16 -6.61 -15.94
CA HIS C 161 3.83 -7.80 -16.73
C HIS C 161 5.05 -8.54 -17.24
N GLY C 162 6.26 -8.06 -16.98
CA GLY C 162 7.44 -8.66 -17.55
C GLY C 162 7.68 -8.20 -18.98
N GLY C 163 8.86 -8.48 -19.45
CA GLY C 163 9.21 -8.17 -20.82
C GLY C 163 9.60 -6.71 -20.97
N TYR C 164 9.72 -6.31 -22.23
CA TYR C 164 10.18 -4.99 -22.63
C TYR C 164 9.16 -4.33 -23.55
N TYR C 165 9.01 -3.01 -23.41
CA TYR C 165 8.32 -2.21 -24.39
C TYR C 165 9.13 -2.14 -25.68
N GLU C 166 8.43 -1.92 -26.80
CA GLU C 166 9.04 -2.02 -28.11
C GLU C 166 10.04 -0.88 -28.37
N ALA C 167 9.65 0.34 -28.02
CA ALA C 167 10.43 1.53 -28.37
C ALA C 167 10.03 2.67 -27.45
N PHE C 168 10.79 3.76 -27.54
CA PHE C 168 10.52 4.95 -26.72
C PHE C 168 10.78 6.21 -27.54
N THR C 169 10.21 7.31 -27.07
CA THR C 169 10.62 8.62 -27.54
C THR C 169 12.10 8.88 -27.23
N GLU C 170 12.68 9.82 -27.99
CA GLU C 170 14.12 10.13 -27.90
C GLU C 170 14.57 10.33 -26.47
N ASP C 171 13.73 10.93 -25.64
CA ASP C 171 14.06 11.26 -24.27
C ASP C 171 13.76 10.14 -23.30
N TRP C 172 13.33 8.97 -23.79
CA TRP C 172 12.99 7.77 -23.01
C TRP C 172 11.78 7.97 -22.09
N SER C 173 11.00 9.03 -22.27
CA SER C 173 9.88 9.26 -21.37
C SER C 173 8.69 8.35 -21.69
N THR C 174 8.34 8.23 -22.97
CA THR C 174 7.09 7.61 -23.39
C THR C 174 7.34 6.36 -24.22
N PRO C 175 6.76 5.23 -23.87
CA PRO C 175 6.91 4.04 -24.70
C PRO C 175 6.03 4.11 -25.93
N LEU C 176 6.50 3.44 -27.00
CA LEU C 176 5.84 3.43 -28.31
C LEU C 176 5.63 2.01 -28.81
N PRO C 177 4.48 1.74 -29.45
CA PRO C 177 4.18 0.39 -29.95
C PRO C 177 4.64 0.19 -31.39
N GLU C 178 4.77 -1.08 -31.77
CA GLU C 178 5.10 -1.39 -33.15
C GLU C 178 3.86 -1.26 -34.03
N PRO C 179 3.87 -0.38 -35.04
CA PRO C 179 2.75 -0.33 -35.99
C PRO C 179 2.54 -1.66 -36.70
N LEU C 180 1.28 -2.05 -36.82
CA LEU C 180 0.90 -3.32 -37.43
C LEU C 180 0.31 -3.03 -38.81
N GLY C 181 -0.85 -3.59 -39.19
CA GLY C 181 -1.48 -3.23 -40.44
C GLY C 181 -2.20 -1.89 -40.34
N GLU C 182 -2.66 -1.40 -41.48
CA GLU C 182 -3.49 -0.19 -41.49
C GLU C 182 -4.77 -0.42 -40.68
N GLY C 183 -5.03 0.49 -39.75
CA GLY C 183 -6.17 0.38 -38.86
C GLY C 183 -6.04 -0.60 -37.72
N GLU C 184 -4.97 -1.39 -37.66
CA GLU C 184 -4.78 -2.33 -36.57
C GLU C 184 -4.27 -1.61 -35.32
N THR C 185 -4.76 -2.05 -34.17
CA THR C 185 -4.15 -1.59 -32.94
C THR C 185 -2.70 -2.04 -32.88
N PRO C 186 -1.75 -1.12 -32.67
CA PRO C 186 -0.33 -1.49 -32.74
C PRO C 186 0.10 -2.27 -31.51
N ALA C 187 1.17 -3.06 -31.68
CA ALA C 187 1.60 -4.01 -30.66
C ALA C 187 2.58 -3.36 -29.67
N PRO C 188 2.31 -3.36 -28.39
CA PRO C 188 3.28 -2.75 -27.47
C PRO C 188 4.56 -3.59 -27.33
N LYS C 189 4.41 -4.91 -27.48
CA LYS C 189 5.54 -5.83 -27.37
C LYS C 189 5.59 -6.73 -28.60
N THR C 190 6.80 -7.10 -28.99
CA THR C 190 6.98 -7.94 -30.15
C THR C 190 7.95 -9.07 -29.84
N MET C 191 7.75 -10.25 -30.39
CA MET C 191 8.70 -11.33 -30.20
C MET C 191 10.08 -10.93 -30.72
N ASN C 192 10.09 -10.21 -31.85
CA ASN C 192 11.33 -9.89 -32.54
C ASN C 192 12.28 -9.13 -31.64
N THR C 193 11.76 -8.13 -30.93
CA THR C 193 12.57 -7.30 -30.06
C THR C 193 12.99 -8.08 -28.81
N HIS C 194 12.13 -8.96 -28.31
CA HIS C 194 12.54 -9.79 -27.18
C HIS C 194 13.61 -10.79 -27.60
N LEU C 195 13.55 -11.24 -28.85
CA LEU C 195 14.53 -12.20 -29.33
C LEU C 195 15.93 -11.59 -29.37
N HIS C 196 16.05 -10.37 -29.88
CA HIS C 196 17.40 -9.83 -30.02
C HIS C 196 17.92 -9.16 -28.76
N ILE C 197 17.05 -8.74 -27.82
CA ILE C 197 17.56 -8.37 -26.49
C ILE C 197 18.22 -9.57 -25.84
N LEU C 198 17.59 -10.74 -25.96
CA LEU C 198 18.16 -11.97 -25.43
C LEU C 198 19.46 -12.32 -26.13
N GLU C 199 19.48 -12.19 -27.45
CA GLU C 199 20.69 -12.36 -28.23
C GLU C 199 21.81 -11.44 -27.72
N ALA C 200 21.51 -10.16 -27.58
CA ALA C 200 22.51 -9.23 -27.07
C ALA C 200 23.00 -9.66 -25.69
N TYR C 201 22.08 -10.01 -24.79
CA TYR C 201 22.48 -10.24 -23.41
C TYR C 201 23.30 -11.51 -23.29
N SER C 202 22.99 -12.53 -24.09
CA SER C 202 23.83 -13.72 -24.10
C SER C 202 25.28 -13.38 -24.37
N THR C 203 25.53 -12.52 -25.36
CA THR C 203 26.89 -12.16 -25.70
C THR C 203 27.52 -11.32 -24.59
N LEU C 204 26.76 -10.40 -24.01
CA LEU C 204 27.25 -9.57 -22.91
C LEU C 204 27.58 -10.41 -21.68
N PHE C 205 26.73 -11.39 -21.39
CA PHE C 205 27.05 -12.30 -20.30
C PHE C 205 28.30 -13.11 -20.64
N ARG C 206 28.36 -13.69 -21.83
CA ARG C 206 29.57 -14.41 -22.23
C ARG C 206 30.81 -13.51 -22.18
N THR C 207 30.65 -12.20 -22.41
CA THR C 207 31.81 -11.31 -22.43
C THR C 207 32.23 -10.90 -21.03
N THR C 208 31.25 -10.72 -20.17
CA THR C 208 31.53 -10.20 -18.87
C THR C 208 31.25 -11.05 -17.64
N LYS C 209 30.38 -12.04 -17.81
CA LYS C 209 30.01 -12.92 -16.72
C LYS C 209 29.38 -12.16 -15.54
N GLU C 210 28.60 -11.11 -15.82
CA GLU C 210 27.98 -10.40 -14.77
C GLU C 210 26.62 -10.96 -14.55
N PRO C 211 26.33 -11.26 -13.31
CA PRO C 211 25.10 -11.86 -12.86
C PRO C 211 23.87 -11.15 -13.21
N ARG C 212 23.86 -9.85 -13.09
CA ARG C 212 22.65 -9.13 -13.45
C ARG C 212 22.23 -9.42 -14.90
N VAL C 213 23.19 -9.53 -15.82
CA VAL C 213 22.89 -9.98 -17.19
C VAL C 213 22.27 -11.36 -17.15
N ARG C 214 22.90 -12.27 -16.42
CA ARG C 214 22.38 -13.61 -16.24
C ARG C 214 20.94 -13.56 -15.76
N GLU C 215 20.66 -12.76 -14.73
CA GLU C 215 19.31 -12.60 -14.23
C GLU C 215 18.35 -12.14 -15.32
N ALA C 216 18.75 -11.13 -16.08
CA ALA C 216 17.92 -10.67 -17.20
C ALA C 216 17.66 -11.79 -18.20
N MET C 217 18.67 -12.57 -18.55
CA MET C 217 18.46 -13.66 -19.48
C MET C 217 17.43 -14.64 -18.94
N GLU C 218 17.49 -14.92 -17.64
CA GLU C 218 16.51 -15.81 -16.99
C GLU C 218 15.09 -15.30 -17.18
N HIS C 219 14.87 -14.03 -16.89
CA HIS C 219 13.59 -13.38 -17.15
C HIS C 219 13.14 -13.61 -18.59
N LEU C 220 14.03 -13.39 -19.56
CA LEU C 220 13.63 -13.51 -20.94
C LEU C 220 13.25 -14.95 -21.28
N ILE C 221 13.97 -15.92 -20.71
CA ILE C 221 13.66 -17.31 -20.99
C ILE C 221 12.25 -17.66 -20.52
N LEU C 222 11.92 -17.28 -19.28
CA LEU C 222 10.57 -17.50 -18.78
C LEU C 222 9.52 -16.81 -19.65
N ILE C 223 9.85 -15.64 -20.20
CA ILE C 223 8.92 -14.95 -21.11
C ILE C 223 8.68 -15.81 -22.35
N PHE C 224 9.77 -16.29 -22.97
CA PHE C 224 9.64 -17.09 -24.19
C PHE C 224 8.91 -18.41 -23.92
N ARG C 225 9.14 -19.01 -22.74
CA ARG C 225 8.47 -20.27 -22.39
C ARG C 225 6.98 -20.06 -22.19
N THR C 226 6.61 -18.98 -21.52
CA THR C 226 5.24 -18.77 -21.10
C THR C 226 4.38 -18.10 -22.17
N HIS C 227 4.87 -16.99 -22.75
CA HIS C 227 4.05 -16.13 -23.59
C HIS C 227 4.36 -16.23 -25.06
N ILE C 228 5.64 -16.28 -25.44
CA ILE C 228 5.98 -16.13 -26.84
C ILE C 228 5.92 -17.47 -27.54
N ALA C 229 6.57 -18.47 -26.98
CA ALA C 229 6.66 -19.79 -27.60
C ALA C 229 6.13 -20.88 -26.68
N PRO C 230 4.87 -20.79 -26.23
CA PRO C 230 4.34 -21.85 -25.34
C PRO C 230 4.14 -23.18 -26.04
N SER C 231 4.20 -23.23 -27.37
CA SER C 231 4.10 -24.50 -28.07
C SER C 231 5.14 -24.62 -29.17
N SER C 232 4.69 -24.66 -30.41
CA SER C 232 5.53 -25.09 -31.52
C SER C 232 5.86 -23.96 -32.48
N HIS C 233 5.36 -22.75 -32.23
CA HIS C 233 5.70 -21.59 -33.02
C HIS C 233 5.94 -20.41 -32.10
N LEU C 234 6.59 -19.40 -32.64
CA LEU C 234 6.80 -18.15 -31.94
C LEU C 234 5.68 -17.20 -32.34
N GLY C 235 4.79 -16.87 -31.40
CA GLY C 235 3.83 -15.81 -31.66
C GLY C 235 4.54 -14.50 -31.91
N LEU C 236 3.90 -13.61 -32.67
CA LEU C 236 4.59 -12.42 -33.20
C LEU C 236 4.35 -11.16 -32.37
N TYR C 237 3.11 -10.87 -32.03
CA TYR C 237 2.74 -9.60 -31.40
C TYR C 237 1.88 -9.83 -30.18
N PHE C 238 2.09 -8.97 -29.17
CA PHE C 238 1.54 -9.16 -27.84
C PHE C 238 1.11 -7.82 -27.28
N ALA C 239 -0.07 -7.78 -26.65
CA ALA C 239 -0.43 -6.64 -25.83
C ALA C 239 0.53 -6.55 -24.64
N GLU C 240 0.40 -5.47 -23.86
CA GLU C 240 1.32 -5.29 -22.74
C GLU C 240 1.15 -6.38 -21.70
N ASP C 241 -0.08 -6.87 -21.50
CA ASP C 241 -0.34 -7.97 -20.60
C ASP C 241 -0.08 -9.34 -21.23
N TRP C 242 0.46 -9.36 -22.46
CA TRP C 242 0.87 -10.56 -23.22
C TRP C 242 -0.28 -11.31 -23.89
N ALA C 243 -1.48 -10.76 -23.93
CA ALA C 243 -2.48 -11.32 -24.81
C ALA C 243 -1.93 -11.32 -26.24
N PRO C 244 -2.14 -12.39 -27.01
CA PRO C 244 -1.74 -12.37 -28.42
C PRO C 244 -2.50 -11.30 -29.20
N MET C 245 -1.81 -10.72 -30.18
CA MET C 245 -2.38 -9.72 -31.09
C MET C 245 -2.03 -10.10 -32.52
N GLY C 246 -2.97 -9.89 -33.43
CA GLY C 246 -2.71 -10.33 -34.78
C GLY C 246 -2.41 -11.83 -34.82
N GLY C 247 -1.71 -12.22 -35.87
CA GLY C 247 -1.34 -13.62 -36.01
C GLY C 247 -0.24 -13.77 -37.03
N GLY C 248 0.14 -15.02 -37.26
CA GLY C 248 1.10 -15.36 -38.29
C GLY C 248 2.22 -16.21 -37.75
N ILE C 249 3.00 -16.75 -38.70
CA ILE C 249 4.18 -17.55 -38.40
C ILE C 249 5.35 -16.98 -39.17
N SER C 250 6.45 -16.69 -38.47
CA SER C 250 7.71 -16.33 -39.11
C SER C 250 8.65 -17.53 -39.04
N PHE C 251 8.80 -18.25 -40.15
CA PHE C 251 9.61 -19.47 -40.12
C PHE C 251 11.06 -19.17 -39.75
N GLY C 252 11.59 -18.05 -40.22
CA GLY C 252 12.95 -17.70 -39.89
C GLY C 252 13.13 -17.40 -38.42
N HIS C 253 12.16 -16.71 -37.82
CA HIS C 253 12.24 -16.37 -36.40
C HIS C 253 12.07 -17.61 -35.54
N ASP C 254 11.21 -18.54 -35.97
CA ASP C 254 11.07 -19.82 -35.28
C ASP C 254 12.42 -20.53 -35.17
N ILE C 255 13.05 -20.76 -36.32
CA ILE C 255 14.28 -21.54 -36.37
C ILE C 255 15.43 -20.75 -35.77
N GLU C 256 15.44 -19.42 -35.93
CA GLU C 256 16.46 -18.60 -35.30
C GLU C 256 16.39 -18.71 -33.78
N ALA C 257 15.20 -18.46 -33.22
CA ALA C 257 14.99 -18.55 -31.77
C ALA C 257 15.51 -19.85 -31.21
N THR C 258 15.22 -20.93 -31.92
CA THR C 258 15.66 -22.26 -31.54
C THR C 258 17.12 -22.33 -31.08
N TRP C 259 18.06 -21.82 -31.89
CA TRP C 259 19.46 -21.97 -31.48
C TRP C 259 19.95 -20.84 -30.60
N LEU C 260 19.36 -19.64 -30.70
CA LEU C 260 19.71 -18.60 -29.74
C LEU C 260 19.16 -18.90 -28.37
N LEU C 261 17.99 -19.55 -28.29
CA LEU C 261 17.51 -20.07 -27.02
C LEU C 261 18.48 -21.10 -26.45
N THR C 262 19.03 -21.96 -27.31
CA THR C 262 19.99 -22.95 -26.86
C THR C 262 21.22 -22.26 -26.28
N GLU C 263 21.68 -21.21 -26.97
CA GLU C 263 22.83 -20.47 -26.52
C GLU C 263 22.63 -19.94 -25.11
N SER C 264 21.53 -19.21 -24.90
CA SER C 264 21.31 -18.61 -23.59
C SER C 264 21.13 -19.68 -22.50
N VAL C 265 20.43 -20.78 -22.79
CA VAL C 265 20.21 -21.78 -21.74
C VAL C 265 21.51 -22.53 -21.43
N GLU C 266 22.29 -22.89 -22.46
CA GLU C 266 23.59 -23.52 -22.21
C GLU C 266 24.49 -22.59 -21.39
N LEU C 267 24.41 -21.28 -21.66
CA LEU C 267 25.21 -20.33 -20.88
C LEU C 267 24.80 -20.30 -19.42
N LEU C 268 23.54 -20.64 -19.11
CA LEU C 268 23.10 -20.62 -17.72
C LEU C 268 23.33 -21.94 -17.00
N TYR C 269 23.13 -23.08 -17.69
CA TYR C 269 23.07 -24.38 -17.04
C TYR C 269 23.99 -25.43 -17.65
N GLY C 270 24.67 -25.13 -18.76
CA GLY C 270 25.69 -26.01 -19.31
C GLY C 270 25.16 -27.17 -20.13
N ASP C 271 26.10 -28.03 -20.51
CA ASP C 271 25.88 -29.24 -21.30
C ASP C 271 25.99 -30.47 -20.42
N PRO C 272 25.04 -31.42 -20.50
CA PRO C 272 23.90 -31.35 -21.39
C PRO C 272 22.87 -30.31 -20.94
N LEU C 273 22.01 -29.91 -21.84
CA LEU C 273 21.01 -28.92 -21.50
C LEU C 273 19.89 -29.59 -20.71
N PRO C 274 19.17 -28.82 -19.89
CA PRO C 274 18.08 -29.41 -19.10
C PRO C 274 17.08 -30.16 -19.97
N GLU C 275 16.56 -31.26 -19.44
CA GLU C 275 15.54 -32.02 -20.14
CA GLU C 275 15.55 -32.02 -20.15
C GLU C 275 14.37 -31.14 -20.56
N TRP C 276 13.93 -30.26 -19.66
CA TRP C 276 12.77 -29.45 -19.97
C TRP C 276 13.04 -28.52 -21.16
N PHE C 277 14.27 -28.01 -21.31
CA PHE C 277 14.53 -27.16 -22.47
C PHE C 277 14.48 -27.97 -23.75
N LEU C 278 14.96 -29.22 -23.70
CA LEU C 278 14.93 -30.08 -24.87
C LEU C 278 13.49 -30.45 -25.26
N SER C 279 12.63 -30.73 -24.28
CA SER C 279 11.24 -31.06 -24.59
C SER C 279 10.50 -29.87 -25.15
N TRP C 280 10.87 -28.67 -24.69
CA TRP C 280 10.25 -27.45 -25.17
C TRP C 280 10.60 -27.18 -26.63
N ILE C 281 11.88 -27.27 -26.96
CA ILE C 281 12.36 -26.75 -28.23
C ILE C 281 12.23 -27.76 -29.36
N ARG C 282 12.22 -29.05 -29.05
CA ARG C 282 12.11 -30.10 -30.05
C ARG C 282 10.93 -29.90 -30.99
N PRO C 283 9.68 -29.80 -30.51
CA PRO C 283 8.56 -29.67 -31.47
C PRO C 283 8.69 -28.44 -32.35
N VAL C 284 9.28 -27.35 -31.85
CA VAL C 284 9.60 -26.22 -32.72
C VAL C 284 10.53 -26.65 -33.84
N MET C 285 11.54 -27.45 -33.51
N MET C 285 11.56 -27.44 -33.49
CA MET C 285 12.50 -27.88 -34.53
CA MET C 285 12.51 -27.92 -34.48
C MET C 285 11.90 -28.91 -35.48
C MET C 285 11.85 -28.86 -35.49
N GLU C 286 10.92 -29.71 -35.02
CA GLU C 286 10.29 -30.68 -35.92
C GLU C 286 9.34 -30.01 -36.90
N GLU C 287 8.68 -28.93 -36.50
CA GLU C 287 7.77 -28.27 -37.44
C GLU C 287 8.53 -27.53 -38.54
N THR C 288 9.63 -26.85 -38.19
CA THR C 288 10.48 -26.27 -39.23
C THR C 288 11.03 -27.34 -40.17
N ALA C 289 11.30 -28.54 -39.65
CA ALA C 289 11.77 -29.61 -40.52
C ALA C 289 10.65 -30.05 -41.46
N ARG C 290 9.42 -30.07 -40.96
CA ARG C 290 8.27 -30.37 -41.81
C ARG C 290 8.06 -29.27 -42.86
N ALA C 291 8.11 -28.00 -42.45
CA ALA C 291 7.99 -26.93 -43.44
C ALA C 291 9.05 -27.05 -44.52
N LEU C 292 10.29 -27.38 -44.12
CA LEU C 292 11.34 -27.60 -45.09
C LEU C 292 10.97 -28.69 -46.09
N ASP C 293 10.46 -29.81 -45.58
CA ASP C 293 10.00 -30.88 -46.47
C ASP C 293 8.81 -30.42 -47.28
N THR C 294 7.83 -29.81 -46.62
CA THR C 294 6.60 -29.40 -47.29
C THR C 294 6.85 -28.41 -48.43
N HIS C 295 7.93 -27.63 -48.34
CA HIS C 295 8.13 -26.49 -49.23
C HIS C 295 9.29 -26.68 -50.20
N GLY C 296 9.73 -27.92 -50.40
CA GLY C 296 10.67 -28.22 -51.47
C GLY C 296 12.13 -28.18 -51.08
N GLY C 297 12.45 -28.00 -49.80
CA GLY C 297 13.83 -27.99 -49.37
C GLY C 297 14.41 -26.63 -49.09
N SER C 298 13.59 -25.58 -49.07
CA SER C 298 13.98 -24.27 -48.60
C SER C 298 12.80 -23.69 -47.84
N LEU C 299 13.08 -22.73 -46.96
CA LEU C 299 12.05 -22.24 -46.05
C LEU C 299 11.36 -21.02 -46.63
N PRO C 300 10.03 -21.01 -46.68
CA PRO C 300 9.31 -19.79 -47.08
C PRO C 300 9.45 -18.71 -46.02
N ASN C 301 9.10 -17.49 -46.42
CA ASN C 301 9.32 -16.35 -45.53
C ASN C 301 8.34 -16.36 -44.37
N GLU C 302 7.04 -16.35 -44.67
CA GLU C 302 6.08 -16.30 -43.59
C GLU C 302 4.77 -16.93 -44.01
N GLN C 303 4.04 -17.41 -43.01
CA GLN C 303 2.64 -17.75 -43.17
C GLN C 303 1.83 -16.62 -42.54
N ARG C 304 1.08 -15.89 -43.35
CA ARG C 304 0.28 -14.78 -42.84
C ARG C 304 -0.87 -15.28 -41.99
N GLU C 305 -1.52 -14.35 -41.30
CA GLU C 305 -2.56 -14.72 -40.35
C GLU C 305 -3.77 -15.35 -41.04
N ASP C 306 -4.01 -14.98 -42.29
CA ASP C 306 -5.10 -15.62 -43.03
C ASP C 306 -4.73 -17.02 -43.49
N GLY C 307 -3.49 -17.45 -43.25
CA GLY C 307 -3.06 -18.79 -43.57
C GLY C 307 -2.30 -18.91 -44.88
N SER C 308 -2.35 -17.88 -45.72
CA SER C 308 -1.55 -17.87 -46.94
C SER C 308 -0.06 -17.82 -46.60
N VAL C 309 0.76 -18.05 -47.61
CA VAL C 309 2.21 -18.16 -47.42
C VAL C 309 2.91 -17.17 -48.33
N ASP C 310 3.75 -16.32 -47.75
CA ASP C 310 4.73 -15.57 -48.51
C ASP C 310 5.86 -16.53 -48.86
N ARG C 311 5.97 -16.86 -50.13
CA ARG C 311 6.85 -17.94 -50.56
C ARG C 311 8.23 -17.48 -50.97
N ALA C 312 8.55 -16.19 -50.82
CA ALA C 312 9.90 -15.75 -51.11
C ALA C 312 10.88 -16.50 -50.22
N ARG C 313 12.01 -16.89 -50.80
CA ARG C 313 13.12 -17.49 -50.05
C ARG C 313 14.08 -16.36 -49.72
N VAL C 314 13.97 -15.88 -48.51
CA VAL C 314 14.65 -14.66 -48.05
C VAL C 314 15.99 -15.05 -47.46
N TRP C 315 17.03 -14.27 -47.78
CA TRP C 315 18.41 -14.66 -47.47
C TRP C 315 18.60 -14.98 -45.99
N TRP C 316 18.02 -14.18 -45.09
CA TRP C 316 18.34 -14.38 -43.69
C TRP C 316 17.64 -15.62 -43.13
N VAL C 317 16.43 -15.94 -43.59
CA VAL C 317 15.78 -17.12 -43.04
C VAL C 317 16.51 -18.40 -43.47
N GLN C 318 17.08 -18.43 -44.68
CA GLN C 318 17.91 -19.56 -45.08
C GLN C 318 19.17 -19.65 -44.22
N ALA C 319 19.83 -18.51 -43.98
CA ALA C 319 21.00 -18.51 -43.10
C ALA C 319 20.61 -19.02 -41.72
N GLU C 320 19.46 -18.61 -41.22
CA GLU C 320 19.13 -19.02 -39.87
C GLU C 320 18.69 -20.48 -39.83
N ALA C 321 18.05 -20.97 -40.89
CA ALA C 321 17.66 -22.37 -40.90
C ALA C 321 18.89 -23.27 -40.91
N PHE C 322 19.89 -22.91 -41.70
CA PHE C 322 21.16 -23.64 -41.70
C PHE C 322 21.71 -23.79 -40.27
N VAL C 323 21.90 -22.67 -39.56
CA VAL C 323 22.41 -22.74 -38.18
C VAL C 323 21.42 -23.49 -37.29
N GLY C 324 20.13 -23.31 -37.56
CA GLY C 324 19.11 -24.02 -36.79
C GLY C 324 19.27 -25.53 -36.84
N PHE C 325 19.47 -26.09 -38.04
CA PHE C 325 19.47 -27.54 -38.17
C PHE C 325 20.77 -28.16 -37.65
N LEU C 326 21.87 -27.45 -37.81
CA LEU C 326 23.16 -27.85 -37.26
C LEU C 326 23.07 -27.93 -35.75
N ASN C 327 22.49 -26.91 -35.14
CA ASN C 327 22.23 -26.89 -33.73
C ASN C 327 21.29 -28.07 -33.30
N ALA C 328 20.24 -28.34 -34.05
CA ALA C 328 19.31 -29.43 -33.72
C ALA C 328 20.00 -30.76 -33.66
N TYR C 329 20.90 -30.98 -34.61
CA TYR C 329 21.69 -32.14 -34.69
C TYR C 329 22.45 -32.40 -33.42
N SER C 330 23.26 -31.46 -32.99
CA SER C 330 24.08 -31.67 -31.80
C SER C 330 23.23 -31.83 -30.54
N LEU C 331 22.04 -31.23 -30.52
CA LEU C 331 21.13 -31.37 -29.38
C LEU C 331 20.43 -32.71 -29.37
N PHE C 332 20.19 -33.29 -30.53
CA PHE C 332 19.31 -34.43 -30.63
C PHE C 332 19.93 -35.63 -31.33
N GLU C 333 21.11 -35.47 -31.93
N GLU C 333 21.10 -35.47 -31.95
CA GLU C 333 21.86 -36.55 -32.56
CA GLU C 333 21.85 -36.57 -32.57
C GLU C 333 21.08 -37.24 -33.68
C GLU C 333 21.13 -37.20 -33.75
N GLU C 334 19.95 -36.68 -34.12
CA GLU C 334 19.18 -37.28 -35.21
C GLU C 334 19.70 -36.82 -36.56
N PRO C 335 20.30 -37.71 -37.35
CA PRO C 335 21.03 -37.25 -38.55
C PRO C 335 20.17 -36.56 -39.57
N ARG C 336 18.86 -36.75 -39.53
CA ARG C 336 17.95 -36.00 -40.39
C ARG C 336 18.23 -34.50 -40.32
N TYR C 337 18.50 -33.98 -39.12
CA TYR C 337 18.78 -32.56 -38.96
C TYR C 337 20.03 -32.15 -39.71
N LEU C 338 20.96 -33.08 -39.91
CA LEU C 338 22.16 -32.77 -40.68
C LEU C 338 21.85 -32.71 -42.18
N ASP C 339 21.05 -33.65 -42.69
CA ASP C 339 20.64 -33.62 -44.08
C ASP C 339 19.95 -32.29 -44.42
N HIS C 340 19.07 -31.84 -43.52
CA HIS C 340 18.38 -30.57 -43.74
C HIS C 340 19.35 -29.40 -43.82
N ALA C 341 20.39 -29.41 -42.97
CA ALA C 341 21.37 -28.32 -43.02
C ALA C 341 22.12 -28.32 -44.34
N CYS C 342 22.43 -29.52 -44.87
CA CYS C 342 23.12 -29.60 -46.14
C CYS C 342 22.23 -29.12 -47.27
N THR C 343 20.98 -29.57 -47.28
CA THR C 343 20.00 -29.06 -48.24
C THR C 343 20.00 -27.54 -48.25
N VAL C 344 19.75 -26.92 -47.10
CA VAL C 344 19.58 -25.47 -47.04
C VAL C 344 20.86 -24.76 -47.51
N TRP C 345 22.02 -25.25 -47.08
CA TRP C 345 23.26 -24.61 -47.49
C TRP C 345 23.48 -24.77 -48.99
N ARG C 346 23.09 -25.92 -49.54
CA ARG C 346 23.16 -26.11 -50.98
C ARG C 346 22.20 -25.16 -51.70
N PHE C 347 21.06 -24.84 -51.08
CA PHE C 347 20.19 -23.85 -51.71
C PHE C 347 20.87 -22.48 -51.74
N ILE C 348 21.48 -22.10 -50.62
CA ILE C 348 22.16 -20.81 -50.52
C ILE C 348 23.23 -20.67 -51.59
N MET C 349 24.09 -21.69 -51.71
CA MET C 349 25.21 -21.64 -52.63
C MET C 349 24.76 -21.55 -54.09
N ASP C 350 23.73 -22.32 -54.45
CA ASP C 350 23.29 -22.36 -55.84
C ASP C 350 22.52 -21.12 -56.23
N HIS C 351 21.81 -20.49 -55.30
CA HIS C 351 20.77 -19.54 -55.71
C HIS C 351 20.87 -18.18 -55.04
N LEU C 352 21.22 -18.11 -53.76
CA LEU C 352 21.25 -16.82 -53.08
C LEU C 352 22.60 -16.12 -53.19
N VAL C 353 23.67 -16.85 -53.49
CA VAL C 353 24.96 -16.23 -53.69
C VAL C 353 24.94 -15.52 -55.05
N ASP C 354 25.03 -14.20 -55.03
CA ASP C 354 25.17 -13.39 -56.25
C ASP C 354 26.65 -13.28 -56.61
N ARG C 355 27.13 -14.22 -57.43
CA ARG C 355 28.53 -14.23 -57.83
C ARG C 355 28.85 -13.17 -58.88
N GLU C 356 27.83 -12.52 -59.44
CA GLU C 356 28.01 -11.45 -60.41
C GLU C 356 27.88 -10.07 -59.78
N GLY C 357 26.82 -9.85 -59.01
CA GLY C 357 26.64 -8.59 -58.33
C GLY C 357 27.26 -8.51 -56.95
N GLY C 358 27.83 -9.61 -56.46
CA GLY C 358 28.45 -9.62 -55.16
C GLY C 358 27.48 -9.85 -54.01
N GLU C 359 27.98 -10.46 -52.94
CA GLU C 359 27.26 -10.70 -51.68
C GLU C 359 26.08 -11.65 -51.98
N TRP C 360 24.98 -11.51 -51.25
CA TRP C 360 23.82 -12.35 -51.44
C TRP C 360 22.60 -11.52 -51.76
N PHE C 361 21.77 -12.05 -52.66
CA PHE C 361 20.46 -11.47 -52.94
C PHE C 361 19.61 -11.39 -51.69
N TRP C 362 18.73 -10.39 -51.66
CA TRP C 362 17.73 -10.36 -50.62
C TRP C 362 16.85 -11.60 -50.66
N ALA C 363 16.40 -12.02 -51.84
CA ALA C 363 15.37 -13.05 -51.94
C ALA C 363 15.36 -13.68 -53.33
N VAL C 364 15.05 -14.99 -53.38
CA VAL C 364 14.94 -15.74 -54.63
C VAL C 364 13.64 -16.52 -54.62
N THR C 365 13.16 -16.89 -55.84
CA THR C 365 12.00 -17.77 -55.94
C THR C 365 12.39 -19.14 -55.40
N PRO C 366 11.42 -20.03 -55.22
CA PRO C 366 11.78 -21.41 -54.92
C PRO C 366 12.75 -22.00 -55.92
N GLU C 367 12.68 -21.54 -57.18
CA GLU C 367 13.58 -22.00 -58.23
C GLU C 367 14.85 -21.17 -58.31
N GLY C 368 15.16 -20.37 -57.29
CA GLY C 368 16.38 -19.60 -57.27
C GLY C 368 16.38 -18.34 -58.10
N SER C 369 15.27 -17.96 -58.73
CA SER C 369 15.20 -16.70 -59.46
C SER C 369 15.23 -15.54 -58.49
N PRO C 370 16.17 -14.60 -58.62
CA PRO C 370 16.23 -13.49 -57.67
C PRO C 370 15.06 -12.54 -57.85
N LEU C 371 14.54 -12.04 -56.73
CA LEU C 371 13.39 -11.14 -56.75
C LEU C 371 13.88 -9.71 -56.93
N ALA C 372 13.36 -9.05 -57.96
CA ALA C 372 13.80 -7.70 -58.28
C ALA C 372 13.22 -6.70 -57.28
N GLY C 373 13.89 -5.55 -57.19
CA GLY C 373 13.37 -4.45 -56.42
C GLY C 373 13.67 -4.48 -54.94
N TYR C 374 14.71 -5.20 -54.53
CA TYR C 374 15.15 -5.26 -53.14
C TYR C 374 16.60 -4.82 -53.04
N GLU C 375 16.95 -4.20 -51.91
CA GLU C 375 18.31 -3.74 -51.75
C GLU C 375 19.24 -4.90 -51.44
N LYS C 376 20.49 -4.78 -51.89
CA LYS C 376 21.52 -5.70 -51.44
C LYS C 376 21.99 -5.35 -50.04
N GLY C 377 22.03 -4.06 -49.72
CA GLY C 377 22.36 -3.60 -48.39
C GLY C 377 21.52 -2.40 -48.04
N GLY C 378 21.11 -2.28 -46.79
CA GLY C 378 20.24 -1.18 -46.41
C GLY C 378 19.94 -1.25 -44.93
N MET C 379 18.82 -0.62 -44.55
CA MET C 379 18.44 -0.60 -43.13
C MET C 379 18.23 -2.00 -42.58
N TRP C 380 17.88 -2.95 -43.43
CA TRP C 380 17.49 -4.26 -42.98
C TRP C 380 18.44 -5.37 -43.42
N LYS C 381 19.39 -5.08 -44.32
CA LYS C 381 20.25 -6.11 -44.87
C LYS C 381 21.68 -5.63 -44.69
N ALA C 382 22.42 -6.29 -43.81
CA ALA C 382 23.81 -5.95 -43.65
C ALA C 382 24.64 -7.21 -43.85
N SER C 383 25.62 -7.43 -43.01
CA SER C 383 26.49 -8.57 -43.09
C SER C 383 26.39 -9.54 -41.91
N TYR C 384 25.50 -9.25 -41.00
CA TYR C 384 25.34 -10.03 -39.81
C TYR C 384 24.82 -11.45 -39.99
N HIS C 385 23.65 -11.60 -40.59
CA HIS C 385 23.07 -12.90 -40.73
C HIS C 385 23.93 -13.95 -41.44
N ASN C 386 24.34 -13.64 -42.65
CA ASN C 386 25.13 -14.55 -43.39
C ASN C 386 26.52 -14.75 -42.79
N SER C 387 27.10 -13.70 -42.25
CA SER C 387 28.43 -13.89 -41.68
C SER C 387 28.38 -14.74 -40.41
N ARG C 388 27.35 -14.57 -39.59
CA ARG C 388 27.21 -15.43 -38.42
C ARG C 388 27.02 -16.88 -38.84
N ALA C 389 26.26 -17.11 -39.91
CA ALA C 389 26.02 -18.48 -40.36
C ALA C 389 27.33 -19.14 -40.78
N CYS C 390 28.25 -18.36 -41.35
CA CYS C 390 29.55 -18.91 -41.71
C CYS C 390 30.39 -19.22 -40.49
N LEU C 391 30.38 -18.31 -39.51
CA LEU C 391 31.14 -18.51 -38.28
C LEU C 391 30.53 -19.62 -37.42
N GLU C 392 29.22 -19.56 -37.22
CA GLU C 392 28.53 -20.67 -36.57
C GLU C 392 28.79 -21.98 -37.30
N GLY C 393 28.59 -21.99 -38.62
CA GLY C 393 28.79 -23.21 -39.38
C GLY C 393 30.18 -23.78 -39.23
N MET C 394 31.21 -22.92 -39.33
CA MET C 394 32.58 -23.41 -39.24
C MET C 394 32.84 -24.08 -37.90
N ARG C 395 32.49 -23.39 -36.80
CA ARG C 395 32.70 -23.93 -35.47
C ARG C 395 31.89 -25.20 -35.25
N ARG C 396 30.62 -25.19 -35.67
CA ARG C 396 29.73 -26.31 -35.42
C ARG C 396 30.16 -27.54 -36.19
N ILE C 397 30.52 -27.37 -37.46
CA ILE C 397 30.89 -28.51 -38.28
C ILE C 397 32.24 -29.08 -37.83
N ASP C 398 33.21 -28.21 -37.49
CA ASP C 398 34.46 -28.64 -36.87
C ASP C 398 34.17 -29.64 -35.75
N THR C 399 33.34 -29.20 -34.79
CA THR C 399 32.99 -30.05 -33.65
C THR C 399 32.45 -31.40 -34.11
N ILE C 400 31.55 -31.39 -35.08
CA ILE C 400 30.89 -32.61 -35.53
C ILE C 400 31.82 -33.37 -36.49
N LEU C 401 33.10 -33.00 -36.49
CA LEU C 401 34.11 -33.77 -37.21
C LEU C 401 35.30 -34.16 -36.36
N GLU C 402 35.34 -33.72 -35.10
CA GLU C 402 36.40 -34.12 -34.16
C GLU C 402 35.99 -35.38 -33.41
N THR D 5 -37.09 40.58 35.83
CA THR D 5 -37.94 40.94 36.98
C THR D 5 -39.21 40.09 36.97
N THR D 6 -39.62 39.67 38.17
CA THR D 6 -40.74 38.75 38.44
C THR D 6 -40.44 37.34 37.96
N LEU D 7 -39.20 37.08 37.54
CA LEU D 7 -38.65 35.73 37.45
C LEU D 7 -37.83 35.37 38.68
N ARG D 8 -37.11 36.37 39.24
CA ARG D 8 -36.28 36.22 40.42
C ARG D 8 -36.97 35.53 41.60
N PRO D 9 -38.31 35.70 41.83
CA PRO D 9 -38.93 34.95 42.93
C PRO D 9 -39.35 33.54 42.53
N THR D 10 -39.60 33.32 41.24
CA THR D 10 -39.95 31.98 40.79
C THR D 10 -38.73 31.08 40.75
N LEU D 11 -37.57 31.61 40.33
CA LEU D 11 -36.35 30.83 40.26
C LEU D 11 -35.75 30.56 41.63
N ARG D 12 -36.01 31.41 42.61
CA ARG D 12 -35.60 31.09 43.97
CA ARG D 12 -35.61 31.10 43.98
C ARG D 12 -36.44 29.95 44.53
N GLN D 13 -37.75 29.96 44.24
CA GLN D 13 -38.64 28.89 44.65
C GLN D 13 -38.28 27.58 43.96
N ILE D 14 -37.98 27.63 42.66
CA ILE D 14 -37.62 26.42 41.92
C ILE D 14 -36.39 25.77 42.54
N ARG D 15 -35.36 26.56 42.86
CA ARG D 15 -34.15 26.02 43.45
C ARG D 15 -34.45 25.24 44.72
N SER D 16 -35.28 25.80 45.60
CA SER D 16 -35.69 25.09 46.80
C SER D 16 -36.36 23.77 46.46
N GLU D 17 -37.24 23.76 45.46
CA GLU D 17 -37.88 22.52 45.06
C GLU D 17 -36.88 21.49 44.59
N LEU D 18 -35.81 21.93 43.91
CA LEU D 18 -34.86 20.98 43.36
C LEU D 18 -34.12 20.23 44.46
N ALA D 19 -33.71 20.93 45.52
CA ALA D 19 -33.03 20.25 46.62
C ALA D 19 -33.99 19.32 47.34
N ALA D 20 -35.23 19.79 47.54
CA ALA D 20 -36.26 18.96 48.17
C ALA D 20 -36.52 17.70 47.37
N GLN D 21 -36.61 17.81 46.04
CA GLN D 21 -36.86 16.63 45.23
C GLN D 21 -35.69 15.66 45.28
N LEU D 22 -34.46 16.19 45.20
CA LEU D 22 -33.29 15.31 45.27
C LEU D 22 -33.16 14.68 46.65
N PHE D 23 -33.12 15.52 47.69
CA PHE D 23 -32.70 15.05 49.00
C PHE D 23 -33.84 14.48 49.84
N ASP D 24 -35.08 14.90 49.62
CA ASP D 24 -36.21 14.37 50.37
C ASP D 24 -37.08 13.41 49.58
N HIS D 25 -36.96 13.37 48.25
CA HIS D 25 -37.88 12.54 47.45
C HIS D 25 -37.15 11.50 46.62
N ILE D 26 -36.28 11.91 45.68
CA ILE D 26 -35.63 10.94 44.80
C ILE D 26 -34.71 10.01 45.59
N LEU D 27 -33.69 10.58 46.23
CA LEU D 27 -32.66 9.75 46.86
C LEU D 27 -33.19 8.89 48.01
N PRO D 28 -34.11 9.35 48.87
CA PRO D 28 -34.70 8.42 49.86
C PRO D 28 -35.51 7.29 49.25
N PHE D 29 -36.08 7.48 48.06
CA PHE D 29 -36.73 6.35 47.42
C PHE D 29 -35.71 5.32 47.00
N TRP D 30 -34.62 5.77 46.38
CA TRP D 30 -33.68 4.80 45.84
C TRP D 30 -32.80 4.19 46.92
N LEU D 31 -32.63 4.89 48.05
CA LEU D 31 -31.86 4.30 49.12
C LEU D 31 -32.53 3.04 49.67
N GLY D 32 -33.85 3.00 49.62
CA GLY D 32 -34.56 1.81 50.08
C GLY D 32 -34.67 0.67 49.09
N GLN D 33 -34.13 0.82 47.88
CA GLN D 33 -34.22 -0.20 46.85
C GLN D 33 -32.92 -0.99 46.69
N GLN D 34 -32.02 -0.93 47.68
CA GLN D 34 -30.80 -1.72 47.62
C GLN D 34 -31.05 -3.15 48.09
N ASP D 35 -30.44 -4.09 47.38
CA ASP D 35 -30.65 -5.50 47.63
C ASP D 35 -29.72 -5.96 48.76
N PRO D 36 -30.26 -6.39 49.91
CA PRO D 36 -29.40 -6.78 51.04
C PRO D 36 -28.74 -8.13 50.89
N ILE D 37 -29.32 -9.02 50.10
CA ILE D 37 -28.83 -10.39 50.03
C ILE D 37 -27.73 -10.54 48.98
N HIS D 38 -27.92 -9.97 47.80
CA HIS D 38 -27.00 -10.18 46.68
C HIS D 38 -26.23 -8.95 46.24
N GLY D 39 -26.50 -7.78 46.81
CA GLY D 39 -25.83 -6.55 46.42
C GLY D 39 -26.55 -5.77 45.33
N GLY D 40 -26.12 -4.52 45.16
CA GLY D 40 -26.65 -3.69 44.10
C GLY D 40 -28.03 -3.11 44.44
N PHE D 41 -28.79 -2.82 43.40
CA PHE D 41 -30.14 -2.31 43.55
C PHE D 41 -31.06 -3.24 42.79
N TYR D 42 -32.24 -3.50 43.36
CA TYR D 42 -33.22 -4.37 42.73
C TYR D 42 -33.41 -3.98 41.28
N GLY D 43 -33.45 -4.98 40.41
CA GLY D 43 -33.49 -4.81 38.96
C GLY D 43 -34.81 -4.38 38.35
N SER D 44 -35.92 -4.36 39.09
CA SER D 44 -37.17 -3.83 38.55
C SER D 44 -38.09 -3.47 39.71
N ILE D 45 -38.73 -2.30 39.63
CA ILE D 45 -39.66 -1.82 40.64
C ILE D 45 -40.90 -1.31 39.91
N THR D 46 -42.05 -1.86 40.26
CA THR D 46 -43.34 -1.36 39.82
C THR D 46 -44.03 -0.73 41.02
N THR D 47 -45.08 -1.37 41.53
CA THR D 47 -45.66 -0.97 42.80
C THR D 47 -44.71 -1.24 43.95
N GLY D 48 -43.78 -2.19 43.78
CA GLY D 48 -42.71 -2.41 44.71
C GLY D 48 -41.58 -3.21 44.07
N PRO D 49 -40.56 -3.51 44.86
CA PRO D 49 -39.39 -4.21 44.32
C PRO D 49 -39.68 -5.67 43.96
N ASP D 50 -39.04 -6.12 42.89
CA ASP D 50 -39.09 -7.51 42.42
C ASP D 50 -37.71 -8.15 42.55
N PRO D 51 -37.43 -8.88 43.63
CA PRO D 51 -36.05 -9.36 43.87
C PRO D 51 -35.61 -10.44 42.90
N THR D 52 -36.48 -10.83 41.98
CA THR D 52 -36.21 -11.81 40.94
C THR D 52 -35.74 -11.17 39.64
N ALA D 53 -35.77 -9.85 39.54
CA ALA D 53 -35.53 -9.20 38.25
C ALA D 53 -34.03 -9.09 37.96
N PRO D 54 -33.64 -9.28 36.70
CA PRO D 54 -32.23 -9.07 36.32
C PRO D 54 -31.78 -7.66 36.69
N LYS D 55 -30.48 -7.52 36.99
CA LYS D 55 -29.89 -6.21 37.28
C LYS D 55 -29.10 -5.75 36.06
N GLY D 56 -29.39 -4.53 35.59
CA GLY D 56 -28.81 -4.03 34.36
C GLY D 56 -27.52 -3.26 34.56
N LEU D 57 -26.64 -3.35 33.55
CA LEU D 57 -25.45 -2.49 33.50
C LEU D 57 -25.81 -1.02 33.63
N VAL D 58 -26.69 -0.51 32.75
CA VAL D 58 -27.00 0.93 32.73
C VAL D 58 -27.66 1.35 34.05
N MET D 59 -28.60 0.57 34.56
CA MET D 59 -29.24 0.90 35.84
C MET D 59 -28.20 0.97 36.98
N THR D 60 -27.38 -0.07 37.10
CA THR D 60 -26.38 -0.08 38.16
C THR D 60 -25.43 1.10 38.03
N ALA D 61 -24.78 1.24 36.87
CA ALA D 61 -23.91 2.38 36.63
C ALA D 61 -24.61 3.69 36.96
N ARG D 62 -25.89 3.81 36.57
CA ARG D 62 -26.62 5.04 36.87
C ARG D 62 -26.71 5.28 38.37
N HIS D 63 -27.07 4.24 39.15
CA HIS D 63 -27.12 4.36 40.60
C HIS D 63 -25.75 4.72 41.17
N LEU D 64 -24.69 4.07 40.66
CA LEU D 64 -23.33 4.46 41.06
C LEU D 64 -23.10 5.95 40.84
N TRP D 65 -23.35 6.43 39.63
CA TRP D 65 -23.13 7.84 39.32
C TRP D 65 -23.93 8.74 40.25
N THR D 66 -25.22 8.41 40.45
CA THR D 66 -26.10 9.31 41.19
C THR D 66 -25.61 9.51 42.62
N PHE D 67 -25.43 8.42 43.35
CA PHE D 67 -25.06 8.58 44.75
C PHE D 67 -23.65 9.16 44.88
N SER D 68 -22.77 8.91 43.92
CA SER D 68 -21.48 9.62 43.94
C SER D 68 -21.70 11.13 43.82
N GLN D 69 -22.59 11.55 42.91
CA GLN D 69 -22.86 12.97 42.76
C GLN D 69 -23.53 13.52 44.00
N ALA D 70 -24.45 12.76 44.59
CA ALA D 70 -25.12 13.18 45.81
C ALA D 70 -24.14 13.35 46.96
N PHE D 71 -23.26 12.37 47.15
CA PHE D 71 -22.25 12.48 48.20
C PHE D 71 -21.33 13.68 47.96
N LEU D 72 -21.06 14.02 46.70
CA LEU D 72 -20.28 15.22 46.43
C LEU D 72 -21.08 16.47 46.75
N SER D 73 -22.39 16.44 46.50
CA SER D 73 -23.22 17.59 46.85
C SER D 73 -23.31 17.75 48.36
N ARG D 74 -23.63 16.67 49.07
CA ARG D 74 -23.95 16.70 50.49
C ARG D 74 -23.43 15.41 51.09
N PRO D 75 -22.23 15.42 51.70
CA PRO D 75 -21.52 14.17 51.98
C PRO D 75 -22.13 13.31 53.08
N ASN D 76 -23.33 12.80 52.83
CA ASN D 76 -23.99 11.93 53.79
C ASN D 76 -23.46 10.50 53.64
N PRO D 77 -23.02 9.86 54.73
CA PRO D 77 -22.45 8.52 54.60
C PRO D 77 -23.38 7.52 53.94
N ALA D 78 -24.69 7.72 54.05
CA ALA D 78 -25.61 6.82 53.38
C ALA D 78 -25.46 6.90 51.87
N TYR D 79 -25.13 8.09 51.35
CA TYR D 79 -24.87 8.22 49.91
C TYR D 79 -23.62 7.44 49.54
N LEU D 80 -22.50 7.71 50.23
CA LEU D 80 -21.27 7.00 49.91
C LEU D 80 -21.46 5.50 50.09
N GLU D 81 -22.19 5.09 51.14
CA GLU D 81 -22.49 3.67 51.32
C GLU D 81 -23.28 3.11 50.14
N ALA D 82 -24.31 3.83 49.69
CA ALA D 82 -25.08 3.39 48.51
C ALA D 82 -24.21 3.27 47.28
N ALA D 83 -23.28 4.23 47.09
CA ALA D 83 -22.40 4.21 45.93
C ALA D 83 -21.44 3.04 45.98
N GLY D 84 -20.73 2.87 47.10
CA GLY D 84 -19.90 1.69 47.27
C GLY D 84 -20.66 0.40 47.01
N ASN D 85 -21.91 0.34 47.45
CA ASN D 85 -22.76 -0.79 47.12
C ASN D 85 -22.90 -0.95 45.60
N ALA D 86 -23.29 0.11 44.91
CA ALA D 86 -23.34 0.06 43.44
C ALA D 86 -22.00 -0.33 42.86
N TYR D 87 -20.92 0.28 43.38
CA TYR D 87 -19.59 0.03 42.83
C TYR D 87 -19.21 -1.44 42.94
N ARG D 88 -19.47 -2.05 44.09
CA ARG D 88 -19.11 -3.45 44.28
C ARG D 88 -19.88 -4.36 43.33
N PHE D 89 -21.18 -4.12 43.16
CA PHE D 89 -21.93 -4.97 42.23
C PHE D 89 -21.50 -4.73 40.79
N LEU D 90 -21.26 -3.47 40.42
CA LEU D 90 -20.68 -3.18 39.12
C LEU D 90 -19.40 -3.99 38.89
N THR D 91 -18.49 -3.98 39.88
CA THR D 91 -17.14 -4.53 39.72
C THR D 91 -17.01 -6.01 40.05
N HIS D 92 -17.99 -6.61 40.75
CA HIS D 92 -17.92 -8.04 41.06
C HIS D 92 -18.95 -8.89 40.30
N ALA D 93 -19.98 -8.26 39.74
CA ALA D 93 -20.98 -8.98 38.95
C ALA D 93 -21.01 -8.52 37.50
N LEU D 94 -21.12 -7.21 37.27
CA LEU D 94 -21.23 -6.72 35.91
C LEU D 94 -19.92 -6.75 35.15
N TYR D 95 -18.79 -6.73 35.86
CA TYR D 95 -17.49 -6.73 35.20
C TYR D 95 -17.17 -8.10 34.63
N ASP D 96 -16.76 -8.13 33.36
CA ASP D 96 -16.20 -9.32 32.74
C ASP D 96 -14.69 -9.27 32.97
N ALA D 97 -14.19 -10.15 33.85
CA ALA D 97 -12.76 -10.19 34.17
C ALA D 97 -11.96 -10.84 33.05
N THR D 98 -12.61 -11.62 32.18
CA THR D 98 -11.92 -12.32 31.10
C THR D 98 -11.63 -11.39 29.92
N HIS D 99 -12.69 -10.95 29.23
CA HIS D 99 -12.56 -10.12 28.05
C HIS D 99 -12.68 -8.63 28.35
N ARG D 100 -12.84 -8.24 29.63
CA ARG D 100 -12.96 -6.86 30.11
C ARG D 100 -14.19 -6.16 29.54
N GLY D 101 -14.40 -4.93 29.96
CA GLY D 101 -15.68 -4.30 29.72
C GLY D 101 -16.72 -4.90 30.65
N PHE D 102 -17.96 -4.49 30.45
CA PHE D 102 -19.04 -4.84 31.37
C PHE D 102 -20.16 -5.55 30.64
N PHE D 103 -20.62 -6.64 31.23
CA PHE D 103 -21.80 -7.35 30.78
C PHE D 103 -23.00 -6.40 30.76
N TRP D 104 -23.93 -6.68 29.84
CA TRP D 104 -25.12 -5.84 29.70
C TRP D 104 -26.10 -6.05 30.84
N SER D 105 -26.19 -7.27 31.36
CA SER D 105 -27.07 -7.54 32.49
C SER D 105 -26.60 -8.81 33.18
N VAL D 106 -27.01 -8.96 34.44
CA VAL D 106 -26.73 -10.14 35.25
C VAL D 106 -28.00 -10.53 35.97
N HIS D 107 -28.06 -11.80 36.37
CA HIS D 107 -29.11 -12.31 37.27
C HIS D 107 -29.00 -11.62 38.63
N PRO D 108 -30.05 -11.69 39.46
CA PRO D 108 -30.00 -10.97 40.74
C PRO D 108 -28.81 -11.35 41.63
N ASP D 109 -28.26 -12.56 41.47
CA ASP D 109 -27.08 -12.94 42.25
C ASP D 109 -25.78 -12.49 41.59
N GLY D 110 -25.84 -11.84 40.43
CA GLY D 110 -24.65 -11.41 39.73
C GLY D 110 -24.15 -12.35 38.67
N THR D 111 -24.78 -13.51 38.52
CA THR D 111 -24.46 -14.41 37.41
C THR D 111 -24.72 -13.71 36.08
N PRO D 112 -23.81 -13.79 35.11
CA PRO D 112 -23.99 -13.06 33.85
C PRO D 112 -25.18 -13.56 33.04
N LEU D 113 -25.99 -12.62 32.55
CA LEU D 113 -27.15 -12.94 31.73
C LEU D 113 -26.93 -12.50 30.28
N SER D 114 -27.11 -11.21 30.02
CA SER D 114 -26.80 -10.65 28.70
C SER D 114 -25.31 -10.33 28.67
N ARG D 115 -24.55 -11.18 27.98
CA ARG D 115 -23.10 -11.05 27.93
C ARG D 115 -22.62 -10.09 26.84
N VAL D 116 -23.52 -9.55 26.03
CA VAL D 116 -23.14 -8.61 24.98
C VAL D 116 -22.43 -7.40 25.58
N LYS D 117 -21.56 -6.77 24.78
CA LYS D 117 -20.82 -5.59 25.21
C LYS D 117 -21.38 -4.38 24.45
N LYS D 118 -22.29 -3.65 25.07
CA LYS D 118 -22.95 -2.53 24.42
C LYS D 118 -22.24 -1.22 24.77
N LEU D 119 -21.79 -0.47 23.75
CA LEU D 119 -21.00 0.73 24.04
C LEU D 119 -21.79 1.77 24.83
N TYR D 120 -23.11 1.78 24.69
CA TYR D 120 -23.94 2.65 25.51
C TYR D 120 -23.74 2.37 27.00
N GLY D 121 -23.77 1.10 27.38
CA GLY D 121 -23.66 0.74 28.79
C GLY D 121 -22.25 0.85 29.34
N ASN D 122 -21.27 0.49 28.52
CA ASN D 122 -19.87 0.61 28.97
C ASN D 122 -19.45 2.07 29.12
N ALA D 123 -19.99 2.95 28.28
CA ALA D 123 -19.76 4.37 28.50
C ALA D 123 -20.38 4.81 29.83
N PHE D 124 -21.61 4.36 30.11
CA PHE D 124 -22.21 4.73 31.39
C PHE D 124 -21.35 4.28 32.56
N ALA D 125 -20.68 3.13 32.40
CA ALA D 125 -19.75 2.67 33.44
C ALA D 125 -18.59 3.64 33.58
N VAL D 126 -17.99 4.03 32.45
CA VAL D 126 -16.92 5.02 32.46
C VAL D 126 -17.40 6.28 33.16
N TYR D 127 -18.58 6.76 32.75
CA TYR D 127 -19.22 7.92 33.35
C TYR D 127 -19.32 7.79 34.84
N ALA D 128 -19.84 6.64 35.31
CA ALA D 128 -20.09 6.48 36.73
C ALA D 128 -18.80 6.23 37.49
N LEU D 129 -17.86 5.48 36.90
CA LEU D 129 -16.60 5.18 37.58
C LEU D 129 -15.79 6.45 37.78
N ALA D 130 -15.75 7.32 36.77
CA ALA D 130 -15.03 8.58 36.94
C ALA D 130 -15.62 9.37 38.10
N ALA D 131 -16.95 9.37 38.22
CA ALA D 131 -17.58 10.16 39.28
C ALA D 131 -17.32 9.55 40.64
N TYR D 132 -17.36 8.21 40.73
CA TYR D 132 -17.09 7.54 41.99
C TYR D 132 -15.66 7.78 42.47
N HIS D 133 -14.71 7.84 41.54
CA HIS D 133 -13.35 8.21 41.92
C HIS D 133 -13.36 9.54 42.65
N THR D 134 -14.06 10.53 42.09
CA THR D 134 -14.10 11.85 42.70
C THR D 134 -14.75 11.81 44.09
N ALA D 135 -15.79 10.99 44.26
CA ALA D 135 -16.52 10.96 45.52
C ALA D 135 -15.80 10.14 46.59
N SER D 136 -15.05 9.12 46.21
CA SER D 136 -14.46 8.21 47.18
C SER D 136 -12.94 8.14 47.15
N GLY D 137 -12.28 8.66 46.13
CA GLY D 137 -10.84 8.49 46.03
C GLY D 137 -10.37 7.10 45.69
N ASP D 138 -11.27 6.17 45.38
CA ASP D 138 -10.90 4.80 45.07
C ASP D 138 -10.01 4.74 43.81
N ARG D 139 -8.79 4.22 43.99
CA ARG D 139 -7.86 4.02 42.87
C ARG D 139 -8.42 3.07 41.83
N GLU D 140 -8.96 1.94 42.29
CA GLU D 140 -9.45 0.90 41.39
C GLU D 140 -10.50 1.46 40.44
N ALA D 141 -11.32 2.38 40.93
CA ALA D 141 -12.40 2.94 40.11
C ALA D 141 -11.85 3.63 38.88
N LEU D 142 -10.81 4.46 39.05
CA LEU D 142 -10.21 5.17 37.93
C LEU D 142 -9.55 4.22 36.94
N THR D 143 -8.84 3.22 37.44
CA THR D 143 -8.09 2.30 36.58
C THR D 143 -9.03 1.51 35.68
N LEU D 144 -10.14 1.03 36.23
CA LEU D 144 -11.13 0.33 35.42
C LEU D 144 -11.73 1.26 34.38
N ALA D 145 -12.03 2.51 34.77
CA ALA D 145 -12.50 3.47 33.79
C ALA D 145 -11.50 3.62 32.65
N TRP D 146 -10.20 3.70 32.97
CA TRP D 146 -9.22 3.86 31.90
C TRP D 146 -9.12 2.60 31.06
N GLU D 147 -9.23 1.42 31.68
CA GLU D 147 -9.21 0.20 30.87
C GLU D 147 -10.42 0.14 29.96
N THR D 148 -11.58 0.56 30.47
CA THR D 148 -12.78 0.55 29.64
C THR D 148 -12.66 1.57 28.51
N PHE D 149 -12.24 2.79 28.83
CA PHE D 149 -11.93 3.80 27.82
C PHE D 149 -11.05 3.22 26.72
N ASP D 150 -9.94 2.59 27.13
CA ASP D 150 -9.01 1.98 26.18
C ASP D 150 -9.70 0.94 25.30
N LEU D 151 -10.53 0.08 25.91
CA LEU D 151 -11.38 -0.83 25.13
C LEU D 151 -12.21 -0.07 24.10
N LEU D 152 -12.89 1.00 24.55
CA LEU D 152 -13.80 1.73 23.69
C LEU D 152 -13.08 2.31 22.47
N GLU D 153 -11.82 2.71 22.64
CA GLU D 153 -11.08 3.32 21.52
C GLU D 153 -10.41 2.29 20.63
N ASP D 154 -9.81 1.27 21.23
CA ASP D 154 -9.08 0.27 20.44
C ASP D 154 -10.04 -0.61 19.65
N ARG D 155 -11.15 -1.00 20.26
N ARG D 155 -11.15 -1.02 20.27
CA ARG D 155 -12.10 -1.90 19.62
CA ARG D 155 -12.10 -1.90 19.61
C ARG D 155 -13.35 -1.21 19.12
C ARG D 155 -13.33 -1.17 19.09
N GLY D 156 -13.90 -0.26 19.87
CA GLY D 156 -15.15 0.36 19.48
C GLY D 156 -15.05 1.30 18.30
N ARG D 157 -13.91 1.96 18.10
CA ARG D 157 -13.79 2.98 17.08
C ARG D 157 -13.81 2.37 15.68
N ASP D 158 -14.58 2.97 14.80
CA ASP D 158 -14.46 2.73 13.36
C ASP D 158 -13.42 3.72 12.88
N ARG D 159 -12.24 3.22 12.50
N ARG D 159 -12.26 3.20 12.48
CA ARG D 159 -11.15 4.09 12.07
CA ARG D 159 -11.12 4.01 12.05
C ARG D 159 -11.28 4.49 10.61
C ARG D 159 -11.17 4.35 10.57
N ARG D 160 -12.21 3.91 9.87
CA ARG D 160 -12.40 4.25 8.47
C ARG D 160 -13.41 5.38 8.30
N HIS D 161 -14.62 5.22 8.86
CA HIS D 161 -15.70 6.18 8.70
C HIS D 161 -15.93 7.06 9.91
N GLY D 162 -15.16 6.87 10.98
CA GLY D 162 -15.34 7.62 12.21
C GLY D 162 -16.39 7.01 13.12
N GLY D 163 -16.41 7.46 14.35
CA GLY D 163 -17.44 7.06 15.30
C GLY D 163 -17.22 5.67 15.85
N TYR D 164 -18.31 5.08 16.35
CA TYR D 164 -18.28 3.86 17.14
C TYR D 164 -19.36 2.88 16.70
N TYR D 165 -19.00 1.61 16.62
CA TYR D 165 -20.03 0.58 16.49
C TYR D 165 -20.93 0.59 17.72
N GLU D 166 -22.10 -0.05 17.59
CA GLU D 166 -23.05 0.05 18.66
C GLU D 166 -22.73 -0.88 19.84
N ALA D 167 -22.15 -2.04 19.58
CA ALA D 167 -22.02 -3.10 20.58
C ALA D 167 -21.11 -4.18 19.99
N PHE D 168 -20.80 -5.18 20.81
CA PHE D 168 -19.93 -6.26 20.41
C PHE D 168 -20.33 -7.53 21.14
N THR D 169 -19.98 -8.67 20.54
CA THR D 169 -20.04 -9.92 21.26
C THR D 169 -19.18 -9.87 22.52
N GLU D 170 -19.40 -10.86 23.39
CA GLU D 170 -18.77 -10.88 24.71
C GLU D 170 -17.25 -10.75 24.60
N ASP D 171 -16.64 -11.42 23.63
CA ASP D 171 -15.20 -11.44 23.51
C ASP D 171 -14.66 -10.19 22.82
N TRP D 172 -15.53 -9.24 22.48
CA TRP D 172 -15.19 -7.99 21.80
C TRP D 172 -14.76 -8.20 20.35
N SER D 173 -14.94 -9.41 19.81
CA SER D 173 -14.42 -9.73 18.47
C SER D 173 -15.34 -9.29 17.33
N THR D 174 -16.65 -9.27 17.53
CA THR D 174 -17.55 -9.01 16.42
C THR D 174 -18.47 -7.84 16.72
N PRO D 175 -18.58 -6.86 15.85
CA PRO D 175 -19.49 -5.75 16.12
C PRO D 175 -20.93 -6.11 15.77
N LEU D 176 -21.84 -5.59 16.58
CA LEU D 176 -23.26 -5.89 16.49
C LEU D 176 -24.06 -4.61 16.26
N PRO D 177 -25.04 -4.64 15.34
CA PRO D 177 -25.85 -3.46 15.07
C PRO D 177 -27.09 -3.39 15.95
N GLU D 178 -27.67 -2.20 15.99
CA GLU D 178 -28.86 -2.03 16.83
C GLU D 178 -30.10 -2.52 16.08
N PRO D 179 -30.93 -3.37 16.67
CA PRO D 179 -32.21 -3.73 16.04
C PRO D 179 -33.16 -2.55 15.96
N LEU D 180 -33.84 -2.45 14.83
CA LEU D 180 -34.84 -1.41 14.56
C LEU D 180 -36.22 -2.07 14.55
N GLY D 181 -37.08 -1.78 13.58
CA GLY D 181 -38.33 -2.54 13.50
C GLY D 181 -38.12 -3.94 12.96
N GLU D 182 -39.17 -4.74 13.07
CA GLU D 182 -39.16 -6.06 12.43
C GLU D 182 -38.96 -5.90 10.93
N GLY D 183 -38.03 -6.69 10.38
CA GLY D 183 -37.72 -6.66 8.96
C GLY D 183 -36.84 -5.52 8.53
N GLU D 184 -36.66 -4.51 9.36
CA GLU D 184 -35.74 -3.41 9.06
C GLU D 184 -34.30 -3.88 9.21
N THR D 185 -33.46 -3.47 8.26
CA THR D 185 -32.03 -3.66 8.41
C THR D 185 -31.55 -2.98 9.69
N PRO D 186 -30.82 -3.67 10.55
CA PRO D 186 -30.39 -3.07 11.81
C PRO D 186 -29.34 -2.00 11.58
N ALA D 187 -29.30 -1.01 12.48
CA ALA D 187 -28.44 0.15 12.27
C ALA D 187 -27.07 -0.10 12.89
N PRO D 188 -25.98 -0.02 12.12
CA PRO D 188 -24.67 -0.20 12.74
C PRO D 188 -24.32 0.88 13.73
N LYS D 189 -24.89 2.07 13.62
CA LYS D 189 -24.47 3.18 14.46
C LYS D 189 -25.70 3.98 14.87
N THR D 190 -25.68 4.51 16.09
CA THR D 190 -26.86 5.21 16.60
C THR D 190 -26.44 6.48 17.33
N MET D 191 -27.25 7.51 17.18
CA MET D 191 -27.00 8.77 17.85
C MET D 191 -26.95 8.57 19.36
N ASN D 192 -27.88 7.78 19.89
CA ASN D 192 -27.98 7.51 21.32
C ASN D 192 -26.65 7.10 21.94
N THR D 193 -25.97 6.15 21.32
CA THR D 193 -24.70 5.67 21.85
C THR D 193 -23.58 6.70 21.67
N HIS D 194 -23.62 7.48 20.58
CA HIS D 194 -22.57 8.49 20.43
C HIS D 194 -22.77 9.65 21.39
N LEU D 195 -24.03 10.00 21.70
CA LEU D 195 -24.27 11.04 22.68
C LEU D 195 -23.76 10.65 24.06
N HIS D 196 -24.02 9.40 24.48
CA HIS D 196 -23.62 9.04 25.84
C HIS D 196 -22.15 8.64 25.95
N ILE D 197 -21.52 8.20 24.87
CA ILE D 197 -20.05 8.14 24.86
C ILE D 197 -19.48 9.54 25.05
N LEU D 198 -20.00 10.51 24.28
CA LEU D 198 -19.57 11.90 24.45
C LEU D 198 -19.77 12.36 25.89
N GLU D 199 -20.91 11.98 26.49
CA GLU D 199 -21.22 12.49 27.82
C GLU D 199 -20.28 11.88 28.85
N ALA D 200 -20.00 10.58 28.74
CA ALA D 200 -19.03 9.93 29.61
C ALA D 200 -17.64 10.52 29.47
N TYR D 201 -17.22 10.83 28.23
CA TYR D 201 -15.85 11.32 28.02
C TYR D 201 -15.66 12.70 28.64
N SER D 202 -16.68 13.56 28.56
CA SER D 202 -16.58 14.89 29.13
C SER D 202 -16.31 14.82 30.64
N THR D 203 -17.04 13.96 31.35
CA THR D 203 -16.77 13.71 32.77
C THR D 203 -15.38 13.11 33.00
N LEU D 204 -14.99 12.15 32.16
CA LEU D 204 -13.66 11.57 32.28
C LEU D 204 -12.58 12.62 32.06
N PHE D 205 -12.78 13.51 31.09
CA PHE D 205 -11.81 14.58 30.86
C PHE D 205 -11.77 15.56 32.01
N ARG D 206 -12.93 15.98 32.52
CA ARG D 206 -12.91 16.92 33.63
C ARG D 206 -12.24 16.30 34.86
N THR D 207 -12.35 14.98 35.02
CA THR D 207 -11.80 14.31 36.19
C THR D 207 -10.28 14.15 36.10
N THR D 208 -9.76 13.91 34.90
CA THR D 208 -8.37 13.54 34.75
C THR D 208 -7.55 14.54 33.96
N LYS D 209 -8.19 15.32 33.09
CA LYS D 209 -7.52 16.25 32.16
C LYS D 209 -6.59 15.51 31.21
N GLU D 210 -6.91 14.29 30.84
CA GLU D 210 -5.98 13.51 30.02
C GLU D 210 -6.19 13.84 28.56
N PRO D 211 -5.15 14.29 27.83
CA PRO D 211 -5.36 14.76 26.45
C PRO D 211 -5.96 13.74 25.50
N ARG D 212 -5.77 12.44 25.79
CA ARG D 212 -6.38 11.38 24.98
C ARG D 212 -7.90 11.50 24.92
N VAL D 213 -8.54 11.87 26.04
CA VAL D 213 -10.00 11.99 26.09
C VAL D 213 -10.44 13.22 25.31
N ARG D 214 -9.80 14.37 25.59
CA ARG D 214 -10.09 15.58 24.84
C ARG D 214 -10.07 15.31 23.34
N GLU D 215 -9.05 14.58 22.88
CA GLU D 215 -8.94 14.29 21.45
C GLU D 215 -10.13 13.44 21.00
N ALA D 216 -10.58 12.53 21.87
CA ALA D 216 -11.76 11.72 21.55
C ALA D 216 -13.02 12.57 21.53
N MET D 217 -13.11 13.55 22.42
CA MET D 217 -14.24 14.47 22.41
C MET D 217 -14.29 15.26 21.10
N GLU D 218 -13.15 15.78 20.65
CA GLU D 218 -13.08 16.52 19.40
C GLU D 218 -13.61 15.70 18.23
N HIS D 219 -13.25 14.42 18.17
CA HIS D 219 -13.75 13.56 17.12
C HIS D 219 -15.27 13.43 17.20
N LEU D 220 -15.80 13.23 18.41
CA LEU D 220 -17.25 13.12 18.57
C LEU D 220 -17.95 14.43 18.19
N ILE D 221 -17.33 15.57 18.51
CA ILE D 221 -17.93 16.84 18.13
C ILE D 221 -18.13 16.89 16.62
N LEU D 222 -17.08 16.55 15.85
CA LEU D 222 -17.20 16.58 14.40
C LEU D 222 -18.24 15.58 13.90
N ILE D 223 -18.38 14.44 14.58
CA ILE D 223 -19.42 13.47 14.19
C ILE D 223 -20.80 14.11 14.28
N PHE D 224 -21.10 14.74 15.41
CA PHE D 224 -22.41 15.35 15.57
C PHE D 224 -22.61 16.50 14.60
N ARG D 225 -21.59 17.33 14.38
CA ARG D 225 -21.75 18.46 13.49
C ARG D 225 -22.03 18.01 12.07
N THR D 226 -21.34 16.97 11.62
CA THR D 226 -21.42 16.61 10.21
C THR D 226 -22.51 15.58 9.92
N HIS D 227 -22.58 14.54 10.75
CA HIS D 227 -23.38 13.37 10.42
C HIS D 227 -24.67 13.28 11.21
N ILE D 228 -24.61 13.53 12.50
CA ILE D 228 -25.79 13.26 13.32
C ILE D 228 -26.71 14.47 13.37
N ALA D 229 -26.14 15.67 13.51
CA ALA D 229 -26.94 16.89 13.71
C ALA D 229 -26.55 18.00 12.74
N PRO D 230 -26.57 17.73 11.43
CA PRO D 230 -26.24 18.81 10.49
C PRO D 230 -27.26 19.96 10.50
N SER D 231 -28.49 19.71 10.94
CA SER D 231 -29.52 20.74 10.86
C SER D 231 -30.09 21.05 12.23
N SER D 232 -31.41 21.05 12.34
CA SER D 232 -32.09 21.39 13.58
C SER D 232 -32.55 20.18 14.37
N HIS D 233 -32.23 18.96 13.92
CA HIS D 233 -32.61 17.76 14.66
C HIS D 233 -31.48 16.76 14.67
N LEU D 234 -31.56 15.84 15.61
CA LEU D 234 -30.58 14.78 15.75
C LEU D 234 -31.09 13.55 15.01
N GLY D 235 -30.43 13.21 13.89
CA GLY D 235 -30.73 11.95 13.25
C GLY D 235 -30.50 10.78 14.19
N LEU D 236 -31.36 9.75 14.03
CA LEU D 236 -31.45 8.63 14.96
C LEU D 236 -30.40 7.56 14.69
N TYR D 237 -30.38 7.04 13.45
CA TYR D 237 -29.67 5.81 13.12
C TYR D 237 -28.89 6.01 11.83
N PHE D 238 -27.81 5.24 11.69
CA PHE D 238 -26.85 5.46 10.62
C PHE D 238 -26.22 4.14 10.23
N ALA D 239 -25.98 3.97 8.92
CA ALA D 239 -25.12 2.91 8.45
C ALA D 239 -23.68 3.22 8.85
N GLU D 240 -22.77 2.31 8.50
CA GLU D 240 -21.39 2.45 8.95
C GLU D 240 -20.73 3.68 8.34
N ASP D 241 -21.06 3.98 7.08
CA ASP D 241 -20.60 5.16 6.38
C ASP D 241 -21.44 6.39 6.67
N TRP D 242 -22.26 6.34 7.72
CA TRP D 242 -23.06 7.47 8.22
C TRP D 242 -24.22 7.86 7.31
N ALA D 243 -24.50 7.11 6.25
CA ALA D 243 -25.79 7.28 5.59
C ALA D 243 -26.90 7.15 6.62
N PRO D 244 -27.90 8.04 6.58
CA PRO D 244 -29.04 7.91 7.52
C PRO D 244 -29.86 6.65 7.23
N MET D 245 -30.36 6.03 8.29
CA MET D 245 -31.19 4.84 8.19
C MET D 245 -32.49 5.06 8.95
N GLY D 246 -33.62 4.76 8.31
CA GLY D 246 -34.88 5.01 8.97
C GLY D 246 -35.11 6.51 9.12
N GLY D 247 -35.85 6.86 10.16
CA GLY D 247 -36.20 8.26 10.37
C GLY D 247 -36.81 8.43 11.74
N GLY D 248 -37.15 9.67 12.04
CA GLY D 248 -37.82 10.00 13.29
C GLY D 248 -37.12 11.14 14.01
N ILE D 249 -37.82 11.69 15.00
CA ILE D 249 -37.32 12.78 15.82
C ILE D 249 -37.52 12.40 17.28
N SER D 250 -36.44 12.39 18.06
CA SER D 250 -36.51 12.21 19.51
C SER D 250 -36.43 13.58 20.18
N PHE D 251 -37.55 14.02 20.75
CA PHE D 251 -37.57 15.38 21.31
C PHE D 251 -36.64 15.49 22.50
N GLY D 252 -36.63 14.47 23.37
CA GLY D 252 -35.75 14.49 24.52
C GLY D 252 -34.29 14.48 24.12
N HIS D 253 -33.93 13.69 23.11
CA HIS D 253 -32.53 13.59 22.69
C HIS D 253 -32.03 14.90 22.10
N ASP D 254 -32.88 15.59 21.34
CA ASP D 254 -32.53 16.90 20.80
C ASP D 254 -32.11 17.86 21.92
N ILE D 255 -33.01 18.08 22.88
CA ILE D 255 -32.74 19.07 23.93
C ILE D 255 -31.61 18.58 24.83
N GLU D 256 -31.59 17.27 25.13
CA GLU D 256 -30.52 16.73 25.96
C GLU D 256 -29.16 16.98 25.30
N ALA D 257 -29.06 16.70 24.00
CA ALA D 257 -27.79 16.84 23.31
C ALA D 257 -27.32 18.30 23.29
N THR D 258 -28.24 19.26 23.17
CA THR D 258 -27.83 20.68 23.15
C THR D 258 -26.96 21.02 24.34
N TRP D 259 -27.33 20.54 25.52
CA TRP D 259 -26.55 20.95 26.68
C TRP D 259 -25.41 19.99 26.98
N LEU D 260 -25.54 18.74 26.57
CA LEU D 260 -24.40 17.83 26.63
C LEU D 260 -23.30 18.28 25.68
N LEU D 261 -23.69 18.84 24.52
CA LEU D 261 -22.72 19.36 23.57
C LEU D 261 -22.05 20.61 24.12
N THR D 262 -22.80 21.43 24.86
CA THR D 262 -22.27 22.66 25.44
C THR D 262 -21.18 22.35 26.47
N GLU D 263 -21.43 21.38 27.36
CA GLU D 263 -20.42 20.97 28.31
C GLU D 263 -19.16 20.51 27.58
N SER D 264 -19.33 19.73 26.51
CA SER D 264 -18.19 19.20 25.77
C SER D 264 -17.36 20.32 25.14
N VAL D 265 -18.01 21.24 24.45
CA VAL D 265 -17.28 22.32 23.77
C VAL D 265 -16.67 23.31 24.77
N GLU D 266 -17.35 23.54 25.89
CA GLU D 266 -16.83 24.45 26.91
C GLU D 266 -15.57 23.88 27.57
N LEU D 267 -15.53 22.56 27.80
CA LEU D 267 -14.33 21.93 28.32
C LEU D 267 -13.15 21.97 27.35
N LEU D 268 -13.40 22.12 26.06
CA LEU D 268 -12.38 22.21 25.02
C LEU D 268 -11.89 23.64 24.79
N TYR D 269 -12.80 24.61 24.72
CA TYR D 269 -12.44 25.97 24.32
C TYR D 269 -12.85 27.05 25.31
N GLY D 270 -13.58 26.70 26.36
CA GLY D 270 -13.88 27.64 27.42
C GLY D 270 -15.14 28.44 27.19
N ASP D 271 -15.34 29.40 28.07
CA ASP D 271 -16.41 30.38 28.04
C ASP D 271 -15.82 31.75 27.74
N PRO D 272 -16.33 32.50 26.75
CA PRO D 272 -17.50 32.24 25.90
C PRO D 272 -17.21 31.21 24.83
N LEU D 273 -18.27 30.61 24.36
CA LEU D 273 -18.15 29.51 23.44
C LEU D 273 -17.85 30.00 22.03
N PRO D 274 -17.31 29.14 21.18
CA PRO D 274 -17.11 29.53 19.79
C PRO D 274 -18.41 29.94 19.12
N GLU D 275 -18.30 30.97 18.30
CA GLU D 275 -19.46 31.44 17.58
CA GLU D 275 -19.40 31.48 17.47
C GLU D 275 -20.06 30.37 16.66
N TRP D 276 -19.23 29.46 16.13
CA TRP D 276 -19.77 28.43 15.26
C TRP D 276 -20.60 27.44 16.05
N PHE D 277 -20.25 27.19 17.31
CA PHE D 277 -21.07 26.29 18.11
C PHE D 277 -22.42 26.91 18.44
N LEU D 278 -22.44 28.20 18.77
CA LEU D 278 -23.69 28.84 19.15
C LEU D 278 -24.69 28.89 18.00
N SER D 279 -24.22 29.20 16.78
CA SER D 279 -25.16 29.25 15.66
C SER D 279 -25.48 27.86 15.13
N TRP D 280 -24.63 26.87 15.41
CA TRP D 280 -25.01 25.47 15.20
C TRP D 280 -26.15 25.08 16.11
N ILE D 281 -26.05 25.43 17.40
CA ILE D 281 -26.96 24.92 18.42
C ILE D 281 -28.29 25.68 18.44
N ARG D 282 -28.27 26.97 18.14
CA ARG D 282 -29.46 27.82 18.26
C ARG D 282 -30.69 27.30 17.53
N PRO D 283 -30.60 26.74 16.31
CA PRO D 283 -31.83 26.27 15.66
C PRO D 283 -32.43 25.05 16.33
N VAL D 284 -31.59 24.19 16.92
CA VAL D 284 -32.11 23.04 17.66
C VAL D 284 -32.86 23.51 18.90
N MET D 285 -32.29 24.47 19.62
CA MET D 285 -32.95 25.02 20.80
C MET D 285 -34.29 25.65 20.44
N GLU D 286 -34.33 26.35 19.31
CA GLU D 286 -35.55 27.02 18.88
C GLU D 286 -36.62 26.03 18.44
N GLU D 287 -36.21 24.99 17.70
CA GLU D 287 -37.14 23.91 17.33
C GLU D 287 -37.77 23.28 18.57
N THR D 288 -36.98 23.05 19.62
CA THR D 288 -37.50 22.50 20.86
C THR D 288 -38.43 23.48 21.56
N ALA D 289 -38.17 24.78 21.44
CA ALA D 289 -39.04 25.77 22.05
C ALA D 289 -40.37 25.84 21.32
N ARG D 290 -40.33 25.84 19.99
CA ARG D 290 -41.55 25.77 19.19
C ARG D 290 -42.35 24.52 19.56
N ALA D 291 -41.67 23.36 19.60
CA ALA D 291 -42.34 22.13 19.97
C ALA D 291 -43.05 22.26 21.32
N LEU D 292 -42.41 22.94 22.28
CA LEU D 292 -43.06 23.16 23.58
C LEU D 292 -44.29 24.05 23.44
N ASP D 293 -44.26 25.01 22.53
CA ASP D 293 -45.44 25.85 22.32
C ASP D 293 -46.55 25.08 21.65
N THR D 294 -46.24 24.47 20.48
CA THR D 294 -47.22 23.69 19.74
C THR D 294 -47.89 22.61 20.58
N HIS D 295 -47.21 22.13 21.62
CA HIS D 295 -47.70 20.99 22.40
C HIS D 295 -48.16 21.37 23.80
N GLY D 296 -48.37 22.66 24.07
CA GLY D 296 -49.08 23.05 25.26
C GLY D 296 -48.27 23.22 26.52
N GLY D 297 -46.95 23.11 26.46
CA GLY D 297 -46.12 23.37 27.62
C GLY D 297 -45.45 22.16 28.22
N SER D 298 -45.52 21.00 27.58
CA SER D 298 -44.63 19.88 27.86
C SER D 298 -44.23 19.29 26.52
N LEU D 299 -43.17 18.49 26.53
CA LEU D 299 -42.61 17.94 25.30
C LEU D 299 -43.15 16.55 25.00
N PRO D 300 -43.47 16.26 23.75
CA PRO D 300 -43.82 14.90 23.37
C PRO D 300 -42.57 14.04 23.29
N ASN D 301 -42.81 12.72 23.31
CA ASN D 301 -41.69 11.79 23.35
C ASN D 301 -40.95 11.74 22.02
N GLU D 302 -41.67 11.51 20.93
CA GLU D 302 -41.00 11.43 19.64
C GLU D 302 -41.99 11.65 18.52
N GLN D 303 -41.47 12.05 17.37
CA GLN D 303 -42.22 12.11 16.13
C GLN D 303 -41.80 10.90 15.28
N ARG D 304 -42.77 10.09 14.88
CA ARG D 304 -42.43 8.87 14.16
C ARG D 304 -42.00 9.19 12.73
N GLU D 305 -41.34 8.23 12.10
CA GLU D 305 -40.89 8.39 10.72
C GLU D 305 -42.02 8.81 9.78
N ASP D 306 -43.27 8.43 10.06
CA ASP D 306 -44.37 8.78 9.16
C ASP D 306 -45.05 10.08 9.53
N GLY D 307 -44.53 10.82 10.52
CA GLY D 307 -45.07 12.10 10.90
C GLY D 307 -45.86 12.12 12.19
N SER D 308 -46.47 10.99 12.57
CA SER D 308 -47.26 10.94 13.79
C SER D 308 -46.37 11.12 15.02
N VAL D 309 -46.99 11.61 16.10
CA VAL D 309 -46.29 11.99 17.31
C VAL D 309 -46.77 11.15 18.48
N ASP D 310 -45.84 10.46 19.15
CA ASP D 310 -46.12 9.79 20.42
C ASP D 310 -46.14 10.86 21.51
N ARG D 311 -47.29 11.05 22.14
CA ARG D 311 -47.57 12.22 22.96
C ARG D 311 -47.39 11.98 24.45
N ALA D 312 -47.05 10.76 24.86
CA ALA D 312 -46.67 10.51 26.24
C ALA D 312 -45.66 11.56 26.71
N ARG D 313 -45.84 12.04 27.94
CA ARG D 313 -44.87 12.91 28.60
C ARG D 313 -44.00 12.00 29.46
N VAL D 314 -42.87 11.61 28.91
CA VAL D 314 -41.94 10.71 29.57
C VAL D 314 -41.05 11.51 30.50
N TRP D 315 -40.71 10.92 31.66
CA TRP D 315 -40.05 11.65 32.75
C TRP D 315 -38.69 12.22 32.34
N TRP D 316 -37.85 11.44 31.65
CA TRP D 316 -36.50 11.94 31.34
C TRP D 316 -36.54 13.04 30.28
N VAL D 317 -37.49 12.95 29.36
CA VAL D 317 -37.67 13.98 28.33
C VAL D 317 -37.94 15.34 28.98
N GLN D 318 -38.80 15.38 29.99
CA GLN D 318 -39.05 16.66 30.65
C GLN D 318 -37.86 17.08 31.51
N ALA D 319 -37.20 16.12 32.15
CA ALA D 319 -35.99 16.42 32.91
C ALA D 319 -34.93 17.05 32.00
N GLU D 320 -34.67 16.42 30.86
CA GLU D 320 -33.63 16.95 30.01
C GLU D 320 -34.05 18.27 29.35
N ALA D 321 -35.35 18.48 29.15
CA ALA D 321 -35.81 19.75 28.62
C ALA D 321 -35.58 20.89 29.61
N PHE D 322 -35.85 20.64 30.90
CA PHE D 322 -35.66 21.67 31.92
C PHE D 322 -34.21 22.14 31.97
N VAL D 323 -33.27 21.20 32.00
CA VAL D 323 -31.84 21.53 32.05
C VAL D 323 -31.39 22.21 30.75
N GLY D 324 -31.92 21.76 29.62
CA GLY D 324 -31.51 22.31 28.34
C GLY D 324 -32.00 23.72 28.10
N PHE D 325 -33.19 24.04 28.60
CA PHE D 325 -33.68 25.41 28.52
C PHE D 325 -32.91 26.33 29.46
N LEU D 326 -32.49 25.83 30.62
CA LEU D 326 -31.63 26.60 31.52
C LEU D 326 -30.32 26.93 30.83
N ASN D 327 -29.73 25.93 30.19
CA ASN D 327 -28.51 26.11 29.42
C ASN D 327 -28.73 27.10 28.29
N ALA D 328 -29.80 26.91 27.50
CA ALA D 328 -30.07 27.84 26.39
C ALA D 328 -30.23 29.27 26.88
N TYR D 329 -30.71 29.47 28.10
CA TYR D 329 -30.78 30.84 28.62
C TYR D 329 -29.39 31.39 28.84
N SER D 330 -28.56 30.67 29.60
CA SER D 330 -27.23 31.18 29.96
C SER D 330 -26.33 31.37 28.74
N LEU D 331 -26.68 30.79 27.59
CA LEU D 331 -25.92 31.03 26.36
C LEU D 331 -26.43 32.21 25.54
N PHE D 332 -27.76 32.35 25.40
CA PHE D 332 -28.32 33.33 24.48
C PHE D 332 -29.01 34.49 25.18
N GLU D 333 -29.09 34.48 26.50
CA GLU D 333 -29.70 35.57 27.28
C GLU D 333 -31.10 35.91 26.74
N GLU D 334 -31.92 34.87 26.61
CA GLU D 334 -33.29 35.02 26.10
C GLU D 334 -34.26 34.59 27.19
N PRO D 335 -34.91 35.53 27.88
CA PRO D 335 -35.81 35.12 28.98
C PRO D 335 -36.92 34.17 28.54
N ARG D 336 -37.15 34.00 27.24
CA ARG D 336 -38.11 32.99 26.78
C ARG D 336 -37.68 31.59 27.23
N TYR D 337 -36.37 31.32 27.21
CA TYR D 337 -35.89 29.98 27.56
C TYR D 337 -36.07 29.71 29.04
N LEU D 338 -35.85 30.74 29.88
CA LEU D 338 -36.12 30.62 31.31
C LEU D 338 -37.61 30.38 31.58
N ASP D 339 -38.48 30.99 30.79
CA ASP D 339 -39.91 30.77 31.01
C ASP D 339 -40.32 29.35 30.66
N HIS D 340 -39.59 28.71 29.74
CA HIS D 340 -39.85 27.31 29.40
C HIS D 340 -39.31 26.36 30.46
N ALA D 341 -38.13 26.66 31.01
CA ALA D 341 -37.60 25.83 32.09
C ALA D 341 -38.57 25.78 33.25
N CYS D 342 -39.10 26.93 33.65
CA CYS D 342 -40.12 26.95 34.70
C CYS D 342 -41.40 26.27 34.24
N THR D 343 -41.76 26.41 32.97
CA THR D 343 -42.99 25.74 32.53
C THR D 343 -42.81 24.23 32.63
N VAL D 344 -41.67 23.71 32.20
CA VAL D 344 -41.44 22.27 32.24
C VAL D 344 -41.30 21.81 33.69
N TRP D 345 -40.54 22.54 34.51
CA TRP D 345 -40.37 22.10 35.89
C TRP D 345 -41.70 22.06 36.62
N ARG D 346 -42.55 23.08 36.44
CA ARG D 346 -43.88 23.05 37.05
C ARG D 346 -44.73 21.90 36.51
N PHE D 347 -44.52 21.49 35.25
CA PHE D 347 -45.21 20.31 34.77
C PHE D 347 -44.78 19.07 35.55
N ILE D 348 -43.47 18.86 35.67
CA ILE D 348 -42.93 17.73 36.43
C ILE D 348 -43.51 17.69 37.85
N MET D 349 -43.47 18.84 38.54
CA MET D 349 -43.90 18.89 39.94
C MET D 349 -45.39 18.56 40.07
N ASP D 350 -46.19 18.99 39.10
CA ASP D 350 -47.63 18.77 39.18
C ASP D 350 -47.99 17.32 38.90
N HIS D 351 -47.26 16.68 38.00
CA HIS D 351 -47.79 15.47 37.42
C HIS D 351 -46.83 14.29 37.46
N LEU D 352 -45.53 14.51 37.24
CA LEU D 352 -44.64 13.34 37.17
C LEU D 352 -44.15 12.92 38.55
N VAL D 353 -43.99 13.86 39.48
CA VAL D 353 -43.74 13.50 40.87
C VAL D 353 -44.91 12.67 41.38
N ASP D 354 -44.59 11.50 41.94
CA ASP D 354 -45.58 10.63 42.58
C ASP D 354 -45.37 10.75 44.08
N ARG D 355 -46.17 11.59 44.72
CA ARG D 355 -46.04 11.78 46.15
C ARG D 355 -46.64 10.63 46.95
N GLU D 356 -47.47 9.80 46.31
CA GLU D 356 -48.15 8.69 46.98
C GLU D 356 -47.43 7.36 46.80
N GLY D 357 -46.88 7.09 45.62
CA GLY D 357 -46.18 5.85 45.40
C GLY D 357 -44.67 5.98 45.49
N GLY D 358 -44.17 7.20 45.44
CA GLY D 358 -42.75 7.49 45.54
C GLY D 358 -42.10 7.75 44.18
N GLU D 359 -40.95 8.42 44.24
CA GLU D 359 -40.15 8.72 43.04
C GLU D 359 -41.00 9.45 42.01
N TRP D 360 -40.77 9.17 40.73
CA TRP D 360 -41.44 9.83 39.62
C TRP D 360 -42.05 8.78 38.69
N PHE D 361 -43.24 9.07 38.15
CA PHE D 361 -43.79 8.23 37.09
C PHE D 361 -42.88 8.17 35.87
N TRP D 362 -42.87 7.00 35.22
CA TRP D 362 -42.27 6.89 33.89
C TRP D 362 -42.90 7.87 32.90
N ALA D 363 -44.22 8.00 32.91
CA ALA D 363 -44.84 8.81 31.87
C ALA D 363 -46.26 9.20 32.27
N VAL D 364 -46.69 10.35 31.77
CA VAL D 364 -48.03 10.88 31.99
C VAL D 364 -48.60 11.40 30.68
N THR D 365 -49.95 11.47 30.63
CA THR D 365 -50.67 12.00 29.47
C THR D 365 -50.37 13.49 29.39
N PRO D 366 -50.66 14.16 28.26
CA PRO D 366 -50.50 15.62 28.22
C PRO D 366 -51.20 16.32 29.38
N GLU D 367 -52.30 15.76 29.86
CA GLU D 367 -53.03 16.33 30.98
C GLU D 367 -52.38 16.00 32.30
N GLY D 368 -51.50 15.01 32.32
CA GLY D 368 -50.75 14.69 33.51
C GLY D 368 -51.22 13.49 34.31
N SER D 369 -52.14 12.66 33.76
CA SER D 369 -52.49 11.43 34.46
C SER D 369 -51.47 10.34 34.14
N PRO D 370 -51.11 9.51 35.12
CA PRO D 370 -50.00 8.56 34.92
C PRO D 370 -50.38 7.36 34.07
N LEU D 371 -49.41 6.91 33.28
CA LEU D 371 -49.61 5.82 32.35
C LEU D 371 -49.43 4.48 33.06
N ALA D 372 -50.37 3.56 32.84
CA ALA D 372 -50.31 2.23 33.43
C ALA D 372 -49.34 1.33 32.71
N GLY D 373 -48.77 0.38 33.45
CA GLY D 373 -47.97 -0.68 32.84
C GLY D 373 -46.52 -0.34 32.57
N TYR D 374 -45.98 0.72 33.15
CA TYR D 374 -44.55 0.98 33.12
C TYR D 374 -43.96 0.78 34.51
N GLU D 375 -42.68 0.39 34.57
CA GLU D 375 -42.05 0.26 35.87
C GLU D 375 -41.64 1.64 36.40
N LYS D 376 -41.52 1.72 37.72
CA LYS D 376 -40.91 2.91 38.33
C LYS D 376 -39.39 2.83 38.33
N GLY D 377 -38.86 1.62 38.29
CA GLY D 377 -37.44 1.41 38.12
C GLY D 377 -37.23 0.11 37.38
N GLY D 378 -36.26 0.06 36.48
CA GLY D 378 -35.91 -1.17 35.81
C GLY D 378 -34.72 -0.97 34.90
N MET D 379 -34.60 -1.77 33.84
CA MET D 379 -33.44 -1.68 32.97
C MET D 379 -33.27 -0.27 32.41
N TRP D 380 -34.37 0.46 32.23
CA TRP D 380 -34.33 1.73 31.55
C TRP D 380 -34.52 2.94 32.47
N LYS D 381 -35.14 2.73 33.62
CA LYS D 381 -35.40 3.80 34.55
C LYS D 381 -34.62 3.74 35.81
N ALA D 382 -33.91 4.80 36.10
CA ALA D 382 -33.09 4.83 37.26
C ALA D 382 -33.18 6.11 38.00
N SER D 383 -32.07 6.51 38.60
CA SER D 383 -32.01 7.71 39.35
C SER D 383 -31.15 8.79 38.74
N TYR D 384 -30.68 8.65 37.52
CA TYR D 384 -29.78 9.60 36.89
C TYR D 384 -30.37 10.81 36.24
N HIS D 385 -31.30 10.61 35.32
CA HIS D 385 -31.92 11.67 34.58
C HIS D 385 -32.45 12.74 35.49
N ASN D 386 -33.22 12.36 36.47
CA ASN D 386 -33.79 13.32 37.37
C ASN D 386 -32.93 13.86 38.48
N SER D 387 -32.07 13.06 39.08
CA SER D 387 -31.19 13.58 40.12
C SER D 387 -30.26 14.55 39.48
N ARG D 388 -29.76 14.23 38.30
CA ARG D 388 -28.90 15.17 37.59
C ARG D 388 -29.65 16.44 37.24
N ALA D 389 -30.94 16.34 36.94
CA ALA D 389 -31.72 17.53 36.64
C ALA D 389 -31.81 18.45 37.85
N CYS D 390 -31.97 17.87 39.04
CA CYS D 390 -31.93 18.66 40.26
C CYS D 390 -30.56 19.31 40.45
N LEU D 391 -29.49 18.52 40.32
CA LEU D 391 -28.14 19.03 40.55
C LEU D 391 -27.80 20.11 39.54
N GLU D 392 -28.05 19.85 38.25
CA GLU D 392 -27.82 20.87 37.24
C GLU D 392 -28.66 22.11 37.52
N GLY D 393 -29.93 21.92 37.84
CA GLY D 393 -30.78 23.05 38.13
C GLY D 393 -30.31 23.85 39.34
N MET D 394 -29.78 23.19 40.36
CA MET D 394 -29.32 23.91 41.55
C MET D 394 -28.11 24.78 41.21
N ARG D 395 -27.11 24.21 40.56
CA ARG D 395 -25.94 24.98 40.18
C ARG D 395 -26.28 26.07 39.18
N ARG D 396 -27.09 25.76 38.16
CA ARG D 396 -27.36 26.73 37.12
C ARG D 396 -28.14 27.92 37.66
N ILE D 397 -29.13 27.65 38.51
CA ILE D 397 -29.95 28.72 39.08
C ILE D 397 -29.13 29.56 40.06
N ASP D 398 -28.20 28.95 40.79
CA ASP D 398 -27.26 29.75 41.58
C ASP D 398 -26.53 30.76 40.70
N THR D 399 -25.99 30.28 39.57
CA THR D 399 -25.21 31.14 38.67
C THR D 399 -26.08 32.27 38.11
N ILE D 400 -27.35 31.99 37.82
CA ILE D 400 -28.24 33.04 37.34
C ILE D 400 -28.54 34.05 38.45
N LEU D 401 -28.78 33.57 39.67
CA LEU D 401 -29.06 34.45 40.80
C LEU D 401 -27.83 35.17 41.33
N GLU D 402 -26.63 34.76 40.91
CA GLU D 402 -25.37 35.34 41.38
C GLU D 402 -25.29 36.85 41.13
C1 EDO E . -0.41 -19.63 1.97
O1 EDO E . -0.15 -18.53 2.84
C2 EDO E . 0.91 -20.09 1.35
O2 EDO E . 1.95 -19.74 2.26
C1 EDO F . -27.60 -5.97 20.23
O1 EDO F . -27.23 -6.27 21.57
C2 EDO F . -26.85 -4.74 19.72
O2 EDO F . -27.21 -3.62 20.54
#